data_6JU0
#
_entry.id   6JU0
#
_cell.length_a   69.299
_cell.length_b   177.347
_cell.length_c   89.019
_cell.angle_alpha   90.00
_cell.angle_beta   91.99
_cell.angle_gamma   90.00
#
_symmetry.space_group_name_H-M   'P 1 21 1'
#
loop_
_entity.id
_entity.type
_entity.pdbx_description
1 polymer 'Fab heavy chain'
2 polymer 'Fab light chain'
3 non-polymer 'PENTAETHYLENE GLYCOL'
4 non-polymer 2-[2-(2-METHOXY-ETHOXY)-ETHOXY]-ETHOXYL
5 non-polymer 3,6,9,12,15,18,21,24,27,30,33,36,39-TRIDECAOXAHENTETRACONTANE-1,41-DIOL
6 non-polymer 'TETRAETHYLENE GLYCOL'
7 water water
#
loop_
_entity_poly.entity_id
_entity_poly.type
_entity_poly.pdbx_seq_one_letter_code
_entity_poly.pdbx_strand_id
1 'polypeptide(L)'
;EVKLEESGGGLVQPGGSMKLSCAASGFIFSDAWMDWVRQSPERGLEWVAEIRSKANGLAPYYAESVKGRFTISRDDSKSS
VYLQMNNLRSEDTGIYYCTSTLYYFDYWGQGTTLTVSSAKTTPPSVYPLAPGSAAQTNSMVTLGCLVKGYFPEPVTVTWN
SGSLSSGVHTFPAVLQSDLYTLSSSVTVPSSTWPSETVTCNVAHPASSTKVDKKIVPRD
;
H,I,J,K
2 'polypeptide(L)'
;(PCA)IVLTQSPAIMSAFPGERVTLTCSASSSVRSSYLCWYQQKPGSSPKLWIYSTSNLASGVPARFSGSGSGTSYSLTI
SSMEAEDAASYFCHQWSSYPRTFGGGTKLEIKRADAAPTVSIFPPSSEQLTSGGASVVCFLNNFYPKDINVKWKIDGSER
QNGVLNSWTDQDSKDSTYSMSSTLTLTKDEYERHNSYTCEATHKTSTSPIVKSFNRN
;
L,M,N,O
#
loop_
_chem_comp.id
_chem_comp.type
_chem_comp.name
_chem_comp.formula
1PE non-polymer 'PENTAETHYLENE GLYCOL' 'C10 H22 O6'
PE3 non-polymer 3,6,9,12,15,18,21,24,27,30,33,36,39-TRIDECAOXAHENTETRACONTANE-1,41-DIOL 'C28 H58 O15'
PG4 non-polymer 'TETRAETHYLENE GLYCOL' 'C8 H18 O5'
TOE non-polymer 2-[2-(2-METHOXY-ETHOXY)-ETHOXY]-ETHOXYL 'C7 H16 O4'
#
# COMPACT_ATOMS: atom_id res chain seq x y z
N GLU A 1 -12.59 15.93 -30.42
CA GLU A 1 -12.08 14.57 -30.51
C GLU A 1 -11.99 14.10 -31.96
N VAL A 2 -11.13 13.11 -32.19
CA VAL A 2 -11.02 12.48 -33.51
C VAL A 2 -12.20 11.54 -33.71
N LYS A 3 -12.81 11.59 -34.89
CA LYS A 3 -13.95 10.74 -35.20
C LYS A 3 -13.79 10.18 -36.60
N LEU A 4 -14.03 8.88 -36.75
CA LEU A 4 -13.93 8.17 -38.02
C LEU A 4 -15.18 7.32 -38.17
N GLU A 5 -16.06 7.74 -39.07
CA GLU A 5 -17.35 7.08 -39.29
C GLU A 5 -17.23 6.18 -40.52
N GLU A 6 -17.37 4.87 -40.33
CA GLU A 6 -17.25 3.94 -41.43
C GLU A 6 -18.64 3.48 -41.88
N SER A 7 -18.74 3.18 -43.17
CA SER A 7 -19.98 2.74 -43.77
C SER A 7 -19.67 1.98 -45.05
N GLY A 8 -20.69 1.34 -45.61
CA GLY A 8 -20.53 0.56 -46.82
C GLY A 8 -20.44 -0.93 -46.61
N GLY A 9 -20.45 -1.39 -45.36
CA GLY A 9 -20.41 -2.79 -45.06
C GLY A 9 -21.74 -3.47 -45.36
N GLY A 10 -21.80 -4.74 -44.98
CA GLY A 10 -22.99 -5.53 -45.18
C GLY A 10 -22.71 -6.83 -45.88
N LEU A 11 -23.72 -7.37 -46.56
CA LEU A 11 -23.65 -8.68 -47.18
C LEU A 11 -23.43 -8.53 -48.68
N VAL A 12 -22.53 -9.35 -49.22
CA VAL A 12 -22.24 -9.35 -50.65
C VAL A 12 -21.95 -10.78 -51.08
N GLN A 13 -22.44 -11.16 -52.24
CA GLN A 13 -22.19 -12.51 -52.75
C GLN A 13 -20.74 -12.63 -53.20
N PRO A 14 -20.17 -13.84 -53.15
CA PRO A 14 -18.79 -14.02 -53.59
C PRO A 14 -18.62 -13.60 -55.04
N GLY A 15 -17.50 -12.97 -55.33
CA GLY A 15 -17.23 -12.41 -56.63
C GLY A 15 -17.77 -11.01 -56.85
N GLY A 16 -18.66 -10.53 -55.98
CA GLY A 16 -19.21 -9.20 -56.11
C GLY A 16 -18.27 -8.12 -55.60
N SER A 17 -18.78 -6.89 -55.63
CA SER A 17 -17.99 -5.72 -55.27
C SER A 17 -18.75 -4.90 -54.23
N MET A 18 -17.97 -4.13 -53.45
CA MET A 18 -18.49 -3.26 -52.40
C MET A 18 -17.47 -2.16 -52.15
N LYS A 19 -17.95 -0.98 -51.77
CA LYS A 19 -17.07 0.13 -51.45
C LYS A 19 -17.31 0.58 -50.03
N LEU A 20 -16.22 0.62 -49.24
CA LEU A 20 -16.27 1.13 -47.88
C LEU A 20 -15.86 2.60 -47.87
N SER A 21 -16.61 3.39 -47.11
CA SER A 21 -16.35 4.81 -46.95
C SER A 21 -16.04 5.11 -45.48
N CYS A 22 -15.21 6.12 -45.25
CA CYS A 22 -14.86 6.56 -43.90
C CYS A 22 -14.79 8.07 -43.90
N ALA A 23 -15.71 8.70 -43.19
CA ALA A 23 -15.78 10.15 -43.05
C ALA A 23 -15.06 10.56 -41.76
N ALA A 24 -14.07 11.43 -41.90
CA ALA A 24 -13.24 11.84 -40.77
C ALA A 24 -13.62 13.21 -40.27
N SER A 25 -13.33 13.45 -39.00
CA SER A 25 -13.54 14.77 -38.38
C SER A 25 -12.68 14.84 -37.13
N GLY A 26 -12.45 16.08 -36.67
CA GLY A 26 -11.70 16.30 -35.46
C GLY A 26 -10.20 16.44 -35.63
N PHE A 27 -9.70 16.50 -36.86
CA PHE A 27 -8.28 16.68 -37.11
C PHE A 27 -8.08 17.15 -38.54
N ILE A 28 -6.85 17.56 -38.84
CA ILE A 28 -6.48 18.03 -40.17
C ILE A 28 -6.31 16.79 -41.05
N PHE A 29 -7.35 16.45 -41.82
CA PHE A 29 -7.34 15.22 -42.61
C PHE A 29 -6.17 15.17 -43.58
N SER A 30 -5.84 16.30 -44.20
CA SER A 30 -4.80 16.32 -45.22
C SER A 30 -3.43 15.94 -44.66
N ASP A 31 -3.19 16.10 -43.36
CA ASP A 31 -1.89 15.78 -42.78
C ASP A 31 -1.73 14.30 -42.43
N ALA A 32 -2.82 13.56 -42.29
CA ALA A 32 -2.77 12.23 -41.72
C ALA A 32 -2.65 11.16 -42.80
N TRP A 33 -2.01 10.04 -42.43
CA TRP A 33 -2.04 8.86 -43.26
C TRP A 33 -3.32 8.08 -42.93
N MET A 34 -4.00 7.59 -43.96
CA MET A 34 -5.26 6.88 -43.77
C MET A 34 -5.08 5.42 -44.12
N ASP A 35 -5.49 4.53 -43.22
CA ASP A 35 -5.32 3.10 -43.41
C ASP A 35 -6.63 2.36 -43.19
N TRP A 36 -6.71 1.18 -43.79
CA TRP A 36 -7.77 0.22 -43.57
C TRP A 36 -7.15 -1.06 -43.01
N VAL A 37 -7.72 -1.54 -41.89
CA VAL A 37 -7.28 -2.74 -41.20
C VAL A 37 -8.49 -3.66 -41.08
N ARG A 38 -8.25 -4.97 -41.10
CA ARG A 38 -9.33 -5.94 -41.04
C ARG A 38 -9.08 -6.91 -39.89
N GLN A 39 -10.17 -7.44 -39.33
CA GLN A 39 -10.07 -8.37 -38.22
C GLN A 39 -11.11 -9.48 -38.39
N SER A 40 -10.67 -10.73 -38.25
CA SER A 40 -11.55 -11.88 -38.31
C SER A 40 -11.12 -12.90 -37.28
N PRO A 41 -12.04 -13.76 -36.82
CA PRO A 41 -11.65 -14.80 -35.84
C PRO A 41 -10.56 -15.74 -36.34
N GLU A 42 -10.51 -16.05 -37.63
CA GLU A 42 -9.58 -17.00 -38.19
C GLU A 42 -8.24 -16.35 -38.57
N ARG A 43 -8.27 -15.15 -39.15
CA ARG A 43 -7.06 -14.50 -39.64
C ARG A 43 -6.49 -13.44 -38.70
N GLY A 44 -7.17 -13.11 -37.60
CA GLY A 44 -6.62 -12.12 -36.68
C GLY A 44 -6.67 -10.71 -37.27
N LEU A 45 -5.74 -9.87 -36.82
CA LEU A 45 -5.62 -8.51 -37.33
C LEU A 45 -4.78 -8.48 -38.59
N GLU A 46 -5.31 -7.85 -39.64
CA GLU A 46 -4.62 -7.75 -40.92
C GLU A 46 -4.66 -6.31 -41.39
N TRP A 47 -3.49 -5.70 -41.57
CA TRP A 47 -3.43 -4.45 -42.30
C TRP A 47 -3.83 -4.69 -43.76
N VAL A 48 -4.77 -3.89 -44.26
CA VAL A 48 -5.32 -4.09 -45.60
C VAL A 48 -4.76 -3.08 -46.59
N ALA A 49 -4.81 -1.80 -46.24
CA ALA A 49 -4.38 -0.79 -47.22
C ALA A 49 -3.96 0.48 -46.50
N GLU A 50 -3.18 1.29 -47.21
CA GLU A 50 -2.71 2.55 -46.69
C GLU A 50 -2.60 3.56 -47.82
N ILE A 51 -2.88 4.82 -47.52
CA ILE A 51 -2.65 5.92 -48.43
C ILE A 51 -2.10 7.09 -47.61
N ARG A 52 -0.96 7.61 -48.03
CA ARG A 52 -0.27 8.65 -47.27
C ARG A 52 -0.76 10.03 -47.69
N SER A 53 -0.27 11.04 -46.98
CA SER A 53 -0.67 12.40 -47.24
C SER A 53 0.02 12.93 -48.48
N LYS A 54 -0.57 13.98 -49.06
CA LYS A 54 0.06 14.66 -50.20
C LYS A 54 1.47 15.11 -49.89
N ALA A 55 1.76 15.41 -48.63
CA ALA A 55 3.08 15.91 -48.24
C ALA A 55 4.19 14.90 -48.53
N ASN A 56 3.89 13.60 -48.55
CA ASN A 56 4.90 12.57 -48.80
C ASN A 56 4.37 11.56 -49.83
N GLY A 57 4.03 12.06 -51.02
CA GLY A 57 3.83 11.23 -52.19
C GLY A 57 2.39 10.85 -52.50
N LEU A 58 1.50 10.84 -51.51
CA LEU A 58 0.14 10.33 -51.70
C LEU A 58 0.16 8.88 -52.17
N ALA A 59 1.16 8.13 -51.70
CA ALA A 59 1.45 6.82 -52.25
C ALA A 59 0.57 5.76 -51.61
N PRO A 60 -0.14 4.94 -52.40
CA PRO A 60 -0.91 3.83 -51.84
C PRO A 60 -0.08 2.57 -51.67
N TYR A 61 -0.43 1.79 -50.66
CA TYR A 61 0.21 0.52 -50.37
C TYR A 61 -0.87 -0.49 -49.99
N TYR A 62 -0.63 -1.75 -50.37
CA TYR A 62 -1.64 -2.80 -50.20
C TYR A 62 -1.01 -4.05 -49.61
N ALA A 63 -1.87 -4.85 -48.97
CA ALA A 63 -1.46 -6.17 -48.53
C ALA A 63 -1.43 -7.12 -49.72
N GLU A 64 -0.63 -8.18 -49.59
CA GLU A 64 -0.40 -9.08 -50.71
C GLU A 64 -1.70 -9.71 -51.21
N SER A 65 -2.56 -10.15 -50.28
CA SER A 65 -3.77 -10.90 -50.64
C SER A 65 -4.81 -10.05 -51.36
N VAL A 66 -4.72 -8.72 -51.30
CA VAL A 66 -5.74 -7.85 -51.88
C VAL A 66 -5.24 -7.09 -53.10
N LYS A 67 -4.00 -7.30 -53.51
CA LYS A 67 -3.45 -6.60 -54.67
C LYS A 67 -4.27 -6.89 -55.93
N GLY A 68 -4.54 -5.84 -56.70
CA GLY A 68 -5.32 -5.94 -57.91
C GLY A 68 -6.83 -5.97 -57.72
N ARG A 69 -7.32 -6.27 -56.52
CA ARG A 69 -8.74 -6.31 -56.23
C ARG A 69 -9.22 -5.11 -55.44
N PHE A 70 -8.42 -4.64 -54.49
CA PHE A 70 -8.77 -3.52 -53.64
C PHE A 70 -8.10 -2.25 -54.14
N THR A 71 -8.82 -1.13 -54.06
CA THR A 71 -8.33 0.19 -54.46
C THR A 71 -8.63 1.18 -53.35
N ILE A 72 -7.59 1.79 -52.80
CA ILE A 72 -7.75 2.77 -51.73
C ILE A 72 -7.58 4.17 -52.31
N SER A 73 -8.43 5.10 -51.87
CA SER A 73 -8.35 6.48 -52.35
C SER A 73 -8.78 7.41 -51.23
N ARG A 74 -8.52 8.70 -51.40
CA ARG A 74 -8.87 9.69 -50.39
C ARG A 74 -9.35 10.97 -51.06
N ASP A 75 -10.29 11.64 -50.39
CA ASP A 75 -10.80 12.94 -50.79
C ASP A 75 -10.61 13.88 -49.59
N ASP A 76 -9.57 14.71 -49.66
CA ASP A 76 -9.28 15.65 -48.58
C ASP A 76 -10.36 16.71 -48.43
N SER A 77 -10.97 17.13 -49.55
CA SER A 77 -12.01 18.14 -49.49
C SER A 77 -13.24 17.64 -48.73
N LYS A 78 -13.49 16.33 -48.75
CA LYS A 78 -14.57 15.72 -48.01
C LYS A 78 -14.09 15.02 -46.74
N SER A 79 -12.78 15.06 -46.47
CA SER A 79 -12.19 14.37 -45.33
C SER A 79 -12.63 12.91 -45.28
N SER A 80 -12.53 12.24 -46.42
CA SER A 80 -13.03 10.89 -46.53
C SER A 80 -11.97 9.98 -47.14
N VAL A 81 -11.98 8.72 -46.72
CA VAL A 81 -11.14 7.70 -47.33
C VAL A 81 -12.05 6.58 -47.80
N TYR A 82 -11.65 5.92 -48.89
CA TYR A 82 -12.49 4.92 -49.52
C TYR A 82 -11.67 3.70 -49.87
N LEU A 83 -12.33 2.55 -49.83
CA LEU A 83 -11.75 1.26 -50.19
C LEU A 83 -12.75 0.55 -51.11
N GLN A 84 -12.46 0.56 -52.40
CA GLN A 84 -13.24 -0.19 -53.38
C GLN A 84 -12.73 -1.63 -53.44
N MET A 85 -13.66 -2.58 -53.43
CA MET A 85 -13.33 -3.99 -53.36
C MET A 85 -14.08 -4.72 -54.47
N ASN A 86 -13.33 -5.37 -55.36
CA ASN A 86 -13.90 -6.12 -56.46
C ASN A 86 -13.49 -7.59 -56.34
N ASN A 87 -14.35 -8.47 -56.85
CA ASN A 87 -14.12 -9.91 -56.85
C ASN A 87 -13.81 -10.39 -55.43
N LEU A 88 -14.79 -10.23 -54.56
CA LEU A 88 -14.63 -10.52 -53.15
C LEU A 88 -14.70 -12.02 -52.88
N ARG A 89 -13.97 -12.45 -51.85
CA ARG A 89 -13.90 -13.85 -51.47
C ARG A 89 -14.42 -14.01 -50.05
N SER A 90 -14.61 -15.28 -49.65
CA SER A 90 -15.04 -15.58 -48.29
C SER A 90 -14.02 -15.08 -47.27
N GLU A 91 -12.73 -15.16 -47.61
CA GLU A 91 -11.67 -14.71 -46.72
C GLU A 91 -11.72 -13.21 -46.47
N ASP A 92 -12.43 -12.45 -47.32
CA ASP A 92 -12.56 -11.01 -47.11
C ASP A 92 -13.53 -10.66 -45.99
N THR A 93 -14.30 -11.64 -45.51
CA THR A 93 -15.25 -11.39 -44.43
C THR A 93 -14.52 -10.97 -43.15
N GLY A 94 -15.02 -9.92 -42.51
CA GLY A 94 -14.44 -9.47 -41.26
C GLY A 94 -14.88 -8.06 -40.95
N ILE A 95 -14.37 -7.56 -39.83
CA ILE A 95 -14.61 -6.19 -39.39
C ILE A 95 -13.52 -5.31 -39.95
N TYR A 96 -13.91 -4.24 -40.65
CA TYR A 96 -12.97 -3.31 -41.26
C TYR A 96 -12.95 -2.03 -40.45
N TYR A 97 -11.76 -1.66 -39.96
CA TYR A 97 -11.52 -0.43 -39.23
C TYR A 97 -10.82 0.56 -40.12
N CYS A 98 -11.32 1.80 -40.12
CA CYS A 98 -10.64 2.94 -40.70
C CYS A 98 -9.77 3.59 -39.63
N THR A 99 -8.50 3.84 -39.94
CA THR A 99 -7.58 4.42 -38.98
C THR A 99 -6.86 5.61 -39.60
N SER A 100 -6.46 6.53 -38.74
CA SER A 100 -5.73 7.73 -39.14
C SER A 100 -4.48 7.86 -38.29
N THR A 101 -3.40 8.32 -38.92
CA THR A 101 -2.10 8.43 -38.26
C THR A 101 -1.55 9.84 -38.44
N LEU A 102 -1.18 10.45 -37.31
CA LEU A 102 -0.49 11.74 -37.25
C LEU A 102 0.70 11.57 -36.34
N TYR A 103 1.90 11.85 -36.86
CA TYR A 103 3.16 11.57 -36.15
C TYR A 103 3.16 10.08 -35.87
N TYR A 104 3.38 9.63 -34.63
CA TYR A 104 3.28 8.23 -34.27
C TYR A 104 1.93 7.86 -33.71
N PHE A 105 1.02 8.82 -33.55
CA PHE A 105 -0.28 8.57 -32.94
C PHE A 105 -1.25 8.09 -34.01
N ASP A 106 -2.09 7.12 -33.64
CA ASP A 106 -3.11 6.65 -34.57
C ASP A 106 -4.44 6.47 -33.84
N TYR A 107 -5.51 6.50 -34.63
CA TYR A 107 -6.88 6.46 -34.14
C TYR A 107 -7.70 5.51 -35.00
N TRP A 108 -8.51 4.68 -34.34
CA TRP A 108 -9.33 3.67 -35.00
C TRP A 108 -10.80 3.99 -34.85
N GLY A 109 -11.58 3.73 -35.90
CA GLY A 109 -13.03 3.78 -35.81
C GLY A 109 -13.63 2.52 -35.21
N GLN A 110 -14.94 2.55 -35.01
CA GLN A 110 -15.61 1.39 -34.44
C GLN A 110 -15.73 0.23 -35.42
N GLY A 111 -15.58 0.49 -36.71
CA GLY A 111 -15.51 -0.55 -37.71
C GLY A 111 -16.86 -0.83 -38.35
N THR A 112 -16.83 -1.52 -39.48
CA THR A 112 -18.04 -1.97 -40.14
C THR A 112 -17.82 -3.40 -40.62
N THR A 113 -18.88 -4.21 -40.55
CA THR A 113 -18.75 -5.64 -40.81
C THR A 113 -19.05 -5.93 -42.28
N LEU A 114 -18.11 -6.57 -42.96
CA LEU A 114 -18.28 -7.02 -44.34
C LEU A 114 -18.39 -8.54 -44.34
N THR A 115 -19.47 -9.06 -44.93
CA THR A 115 -19.72 -10.49 -45.00
C THR A 115 -19.86 -10.89 -46.45
N VAL A 116 -18.96 -11.75 -46.92
CA VAL A 116 -19.01 -12.28 -48.27
C VAL A 116 -19.59 -13.69 -48.20
N SER A 117 -20.82 -13.83 -48.70
CA SER A 117 -21.56 -15.08 -48.59
C SER A 117 -22.76 -15.01 -49.53
N SER A 118 -23.21 -16.18 -49.97
CA SER A 118 -24.40 -16.29 -50.80
C SER A 118 -25.68 -16.42 -50.00
N ALA A 119 -25.58 -16.55 -48.67
CA ALA A 119 -26.76 -16.65 -47.82
C ALA A 119 -27.55 -15.34 -47.88
N LYS A 120 -28.80 -15.40 -47.42
CA LYS A 120 -29.72 -14.28 -47.51
C LYS A 120 -29.81 -13.53 -46.19
N THR A 121 -29.95 -12.20 -46.29
CA THR A 121 -30.20 -11.38 -45.12
C THR A 121 -31.56 -11.72 -44.52
N THR A 122 -31.58 -11.88 -43.19
CA THR A 122 -32.81 -12.21 -42.46
C THR A 122 -32.80 -11.46 -41.14
N PRO A 123 -33.92 -10.86 -40.77
CA PRO A 123 -33.96 -10.07 -39.53
C PRO A 123 -34.07 -10.98 -38.31
N PRO A 124 -33.71 -10.48 -37.13
CA PRO A 124 -33.74 -11.33 -35.95
C PRO A 124 -35.12 -11.41 -35.33
N SER A 125 -35.35 -12.52 -34.63
CA SER A 125 -36.51 -12.67 -33.76
C SER A 125 -36.04 -12.43 -32.33
N VAL A 126 -36.74 -11.53 -31.62
CA VAL A 126 -36.36 -11.14 -30.27
C VAL A 126 -37.39 -11.70 -29.30
N TYR A 127 -36.96 -12.64 -28.46
CA TYR A 127 -37.83 -13.27 -27.50
C TYR A 127 -37.46 -12.85 -26.09
N PRO A 128 -38.44 -12.49 -25.26
CA PRO A 128 -38.12 -12.12 -23.88
C PRO A 128 -37.87 -13.34 -23.02
N LEU A 129 -36.97 -13.18 -22.06
CA LEU A 129 -36.62 -14.23 -21.11
C LEU A 129 -36.94 -13.70 -19.72
N ALA A 130 -38.06 -14.15 -19.18
CA ALA A 130 -38.60 -13.79 -17.88
C ALA A 130 -38.74 -15.05 -17.03
N PRO A 131 -38.62 -14.94 -15.70
CA PRO A 131 -38.71 -16.09 -14.80
C PRO A 131 -40.07 -16.78 -14.86
N ASN A 138 -33.14 -14.04 -3.22
CA ASN A 138 -33.91 -13.29 -4.21
C ASN A 138 -33.68 -11.80 -4.04
N SER A 139 -32.46 -11.41 -3.72
CA SER A 139 -32.16 -9.99 -3.67
C SER A 139 -31.88 -9.43 -5.05
N MET A 140 -31.52 -10.31 -5.98
CA MET A 140 -31.28 -9.96 -7.37
C MET A 140 -32.15 -10.85 -8.25
N VAL A 141 -32.53 -10.33 -9.40
CA VAL A 141 -33.31 -11.06 -10.38
C VAL A 141 -32.65 -10.87 -11.74
N THR A 142 -32.62 -11.94 -12.52
CA THR A 142 -31.99 -11.93 -13.84
C THR A 142 -33.04 -12.07 -14.92
N LEU A 143 -32.98 -11.20 -15.92
CA LEU A 143 -33.85 -11.22 -17.08
C LEU A 143 -32.99 -11.30 -18.33
N GLY A 144 -33.62 -11.47 -19.49
CA GLY A 144 -32.81 -11.58 -20.68
C GLY A 144 -33.60 -11.42 -21.96
N CYS A 145 -32.86 -11.43 -23.06
CA CYS A 145 -33.40 -11.42 -24.41
C CYS A 145 -32.66 -12.44 -25.25
N LEU A 146 -33.40 -13.27 -25.98
CA LEU A 146 -32.85 -14.20 -26.94
C LEU A 146 -33.04 -13.61 -28.34
N VAL A 147 -31.94 -13.45 -29.08
CA VAL A 147 -31.95 -12.86 -30.40
C VAL A 147 -31.57 -13.98 -31.36
N LYS A 148 -32.57 -14.54 -32.06
CA LYS A 148 -32.40 -15.78 -32.81
C LYS A 148 -32.71 -15.57 -34.29
N GLY A 149 -31.95 -16.28 -35.14
CA GLY A 149 -32.32 -16.42 -36.53
C GLY A 149 -32.06 -15.22 -37.41
N TYR A 150 -30.93 -14.55 -37.25
CA TYR A 150 -30.58 -13.39 -38.05
C TYR A 150 -29.32 -13.64 -38.85
N PHE A 151 -29.16 -12.85 -39.92
CA PHE A 151 -27.98 -12.93 -40.77
C PHE A 151 -27.94 -11.68 -41.62
N PRO A 152 -26.76 -11.06 -41.82
CA PRO A 152 -25.50 -11.46 -41.17
C PRO A 152 -25.22 -10.72 -39.87
N GLU A 153 -24.01 -10.88 -39.36
CA GLU A 153 -23.55 -10.11 -38.22
C GLU A 153 -23.37 -8.65 -38.62
N PRO A 154 -23.46 -7.72 -37.64
CA PRO A 154 -23.81 -7.97 -36.25
C PRO A 154 -25.16 -7.42 -35.83
N VAL A 155 -25.50 -7.65 -34.56
CA VAL A 155 -26.58 -6.93 -33.90
C VAL A 155 -25.99 -6.24 -32.68
N THR A 156 -26.61 -5.15 -32.27
CA THR A 156 -26.24 -4.44 -31.05
C THR A 156 -27.37 -4.56 -30.03
N VAL A 157 -27.00 -4.78 -28.77
CA VAL A 157 -27.98 -4.97 -27.70
C VAL A 157 -27.69 -3.98 -26.59
N THR A 158 -28.70 -3.21 -26.21
CA THR A 158 -28.64 -2.35 -25.04
C THR A 158 -29.84 -2.65 -24.15
N TRP A 159 -29.83 -2.10 -22.93
CA TRP A 159 -30.92 -2.25 -22.00
C TRP A 159 -31.37 -0.87 -21.54
N ASN A 160 -32.66 -0.60 -21.67
CA ASN A 160 -33.23 0.72 -21.37
C ASN A 160 -32.44 1.80 -22.08
N SER A 161 -32.21 1.60 -23.37
CA SER A 161 -31.53 2.57 -24.24
C SER A 161 -30.15 2.95 -23.72
N GLY A 162 -29.45 1.99 -23.11
CA GLY A 162 -28.08 2.19 -22.68
C GLY A 162 -27.92 2.72 -21.27
N SER A 163 -28.99 3.18 -20.63
CA SER A 163 -28.90 3.68 -19.26
C SER A 163 -28.76 2.56 -18.24
N LEU A 164 -29.16 1.34 -18.59
CA LEU A 164 -28.98 0.16 -17.74
C LEU A 164 -27.78 -0.62 -18.28
N SER A 165 -26.60 -0.30 -17.76
CA SER A 165 -25.35 -0.91 -18.24
C SER A 165 -24.73 -1.88 -17.24
N SER A 166 -24.95 -1.69 -15.95
CA SER A 166 -24.36 -2.56 -14.94
C SER A 166 -25.09 -3.90 -14.90
N GLY A 167 -24.32 -4.97 -14.73
CA GLY A 167 -24.89 -6.30 -14.63
C GLY A 167 -25.42 -6.85 -15.92
N VAL A 168 -24.81 -6.49 -17.05
CA VAL A 168 -25.25 -6.94 -18.37
C VAL A 168 -24.20 -7.88 -18.95
N HIS A 169 -24.67 -8.98 -19.53
CA HIS A 169 -23.81 -9.92 -20.26
C HIS A 169 -24.42 -10.15 -21.63
N THR A 170 -23.77 -9.64 -22.67
CA THR A 170 -24.18 -9.92 -24.05
C THR A 170 -23.20 -10.93 -24.63
N PHE A 171 -23.71 -12.05 -25.04
CA PHE A 171 -22.84 -13.16 -25.40
C PHE A 171 -22.57 -13.16 -26.90
N PRO A 172 -21.39 -13.66 -27.30
CA PRO A 172 -21.07 -13.72 -28.73
C PRO A 172 -22.07 -14.58 -29.50
N ALA A 173 -22.25 -14.25 -30.77
CA ALA A 173 -23.20 -14.96 -31.59
C ALA A 173 -22.67 -16.34 -31.97
N VAL A 174 -23.59 -17.27 -32.21
CA VAL A 174 -23.27 -18.60 -32.68
C VAL A 174 -23.96 -18.80 -34.03
N LEU A 175 -23.21 -19.32 -34.99
CA LEU A 175 -23.71 -19.53 -36.35
C LEU A 175 -24.11 -20.99 -36.53
N GLN A 176 -25.30 -21.21 -37.07
CA GLN A 176 -25.74 -22.55 -37.43
C GLN A 176 -26.78 -22.42 -38.53
N SER A 177 -26.62 -23.21 -39.60
CA SER A 177 -27.54 -23.21 -40.73
C SER A 177 -27.69 -21.81 -41.32
N ASP A 178 -26.55 -21.11 -41.44
CA ASP A 178 -26.48 -19.75 -41.97
C ASP A 178 -27.35 -18.78 -41.17
N LEU A 179 -27.54 -19.04 -39.88
CA LEU A 179 -28.31 -18.15 -39.03
C LEU A 179 -27.60 -17.97 -37.70
N TYR A 180 -27.57 -16.73 -37.22
CA TYR A 180 -26.91 -16.39 -35.97
C TYR A 180 -27.90 -16.32 -34.82
N THR A 181 -27.41 -16.68 -33.64
CA THR A 181 -28.20 -16.60 -32.42
C THR A 181 -27.31 -16.14 -31.28
N LEU A 182 -27.78 -15.17 -30.51
CA LEU A 182 -27.10 -14.74 -29.29
C LEU A 182 -28.14 -14.47 -28.21
N SER A 183 -27.64 -14.19 -27.02
CA SER A 183 -28.51 -13.89 -25.88
C SER A 183 -27.87 -12.76 -25.09
N SER A 184 -28.69 -12.11 -24.27
CA SER A 184 -28.21 -11.08 -23.37
C SER A 184 -28.96 -11.20 -22.06
N SER A 185 -28.23 -11.14 -20.95
CA SER A 185 -28.81 -11.18 -19.61
C SER A 185 -28.53 -9.88 -18.88
N VAL A 186 -29.42 -9.52 -17.97
CA VAL A 186 -29.24 -8.36 -17.11
C VAL A 186 -29.74 -8.71 -15.71
N THR A 187 -29.00 -8.28 -14.69
CA THR A 187 -29.29 -8.61 -13.29
C THR A 187 -29.57 -7.32 -12.55
N VAL A 188 -30.74 -7.24 -11.91
CA VAL A 188 -31.20 -6.01 -11.25
C VAL A 188 -31.70 -6.35 -9.85
N PRO A 189 -31.79 -5.36 -8.97
CA PRO A 189 -32.39 -5.60 -7.66
C PRO A 189 -33.85 -6.03 -7.78
N SER A 190 -34.26 -6.90 -6.85
CA SER A 190 -35.63 -7.43 -6.90
C SER A 190 -36.67 -6.36 -6.62
N SER A 191 -36.30 -5.30 -5.89
CA SER A 191 -37.23 -4.21 -5.65
C SER A 191 -37.50 -3.40 -6.91
N THR A 192 -36.60 -3.45 -7.88
CA THR A 192 -36.73 -2.67 -9.11
C THR A 192 -37.55 -3.36 -10.20
N TRP A 193 -37.78 -4.66 -10.09
CA TRP A 193 -38.57 -5.33 -11.12
C TRP A 193 -39.60 -6.26 -10.48
N PRO A 194 -40.84 -6.26 -10.98
CA PRO A 194 -41.33 -5.51 -12.14
C PRO A 194 -41.74 -4.07 -11.85
N SER A 195 -41.36 -3.55 -10.68
CA SER A 195 -41.70 -2.18 -10.31
C SER A 195 -41.28 -1.20 -11.41
N GLU A 196 -39.99 -1.18 -11.72
CA GLU A 196 -39.47 -0.37 -12.81
C GLU A 196 -39.38 -1.23 -14.07
N THR A 197 -39.47 -0.59 -15.22
CA THR A 197 -39.49 -1.34 -16.47
C THR A 197 -38.08 -1.71 -16.91
N VAL A 198 -37.97 -2.89 -17.52
CA VAL A 198 -36.72 -3.39 -18.07
C VAL A 198 -36.98 -3.78 -19.52
N THR A 199 -36.25 -3.16 -20.44
CA THR A 199 -36.48 -3.33 -21.87
C THR A 199 -35.15 -3.55 -22.57
N CYS A 200 -35.09 -4.55 -23.44
CA CYS A 200 -33.90 -4.77 -24.26
C CYS A 200 -34.12 -4.19 -25.65
N ASN A 201 -33.07 -3.62 -26.22
CA ASN A 201 -33.11 -2.97 -27.52
C ASN A 201 -32.10 -3.68 -28.42
N VAL A 202 -32.59 -4.22 -29.54
CA VAL A 202 -31.81 -5.04 -30.45
C VAL A 202 -31.82 -4.37 -31.83
N ALA A 203 -30.66 -3.95 -32.31
CA ALA A 203 -30.52 -3.35 -33.62
C ALA A 203 -29.80 -4.30 -34.55
N HIS A 204 -30.36 -4.48 -35.76
CA HIS A 204 -29.75 -5.27 -36.82
C HIS A 204 -29.69 -4.37 -38.05
N PRO A 205 -28.55 -3.71 -38.26
CA PRO A 205 -28.46 -2.74 -39.37
C PRO A 205 -28.55 -3.38 -40.74
N ALA A 206 -28.07 -4.60 -40.92
CA ALA A 206 -28.09 -5.22 -42.25
C ALA A 206 -29.51 -5.39 -42.77
N SER A 207 -30.47 -5.65 -41.88
CA SER A 207 -31.87 -5.73 -42.25
C SER A 207 -32.64 -4.45 -41.92
N SER A 208 -31.93 -3.41 -41.48
CA SER A 208 -32.54 -2.13 -41.12
C SER A 208 -33.66 -2.30 -40.10
N THR A 209 -33.41 -3.11 -39.08
CA THR A 209 -34.44 -3.43 -38.09
C THR A 209 -33.97 -3.05 -36.70
N LYS A 210 -34.91 -2.60 -35.87
CA LYS A 210 -34.67 -2.43 -34.44
C LYS A 210 -35.91 -2.88 -33.69
N VAL A 211 -35.71 -3.68 -32.65
CA VAL A 211 -36.80 -4.27 -31.89
C VAL A 211 -36.55 -3.99 -30.41
N ASP A 212 -37.58 -3.46 -29.74
CA ASP A 212 -37.57 -3.27 -28.30
C ASP A 212 -38.50 -4.29 -27.67
N LYS A 213 -38.04 -4.91 -26.58
CA LYS A 213 -38.81 -5.94 -25.90
C LYS A 213 -38.83 -5.62 -24.42
N LYS A 214 -40.00 -5.28 -23.90
CA LYS A 214 -40.14 -5.06 -22.46
C LYS A 214 -40.39 -6.40 -21.78
N ILE A 215 -39.63 -6.67 -20.72
CA ILE A 215 -39.73 -7.93 -19.99
C ILE A 215 -40.82 -7.81 -18.95
N VAL A 216 -41.81 -8.69 -19.02
CA VAL A 216 -42.92 -8.68 -18.06
C VAL A 216 -43.04 -10.09 -17.48
N PRO A 217 -43.48 -10.24 -16.24
CA PRO A 217 -43.52 -11.58 -15.62
C PRO A 217 -44.48 -12.51 -16.35
N ARG A 218 -44.27 -13.81 -16.12
CA ARG A 218 -45.04 -14.85 -16.79
C ARG A 218 -46.30 -15.20 -16.00
N PCA B 1 7.34 -11.01 -46.21
CA PCA B 1 6.69 -10.30 -45.11
CB PCA B 1 5.20 -10.60 -45.06
CG PCA B 1 4.88 -11.43 -46.28
CD PCA B 1 6.22 -11.68 -46.88
OE PCA B 1 6.35 -12.39 -47.88
C PCA B 1 7.33 -10.65 -43.77
O PCA B 1 7.64 -11.80 -43.51
N ILE B 2 7.50 -9.64 -42.92
CA ILE B 2 7.95 -9.88 -41.56
C ILE B 2 6.80 -10.47 -40.75
N VAL B 3 6.98 -11.68 -40.27
CA VAL B 3 5.97 -12.37 -39.47
C VAL B 3 6.32 -12.22 -38.00
N LEU B 4 5.35 -11.77 -37.20
CA LEU B 4 5.54 -11.58 -35.77
C LEU B 4 4.86 -12.70 -35.01
N THR B 5 5.56 -13.25 -34.01
CA THR B 5 5.06 -14.37 -33.23
C THR B 5 4.96 -13.95 -31.76
N GLN B 6 3.75 -14.00 -31.21
CA GLN B 6 3.49 -13.70 -29.81
C GLN B 6 3.14 -15.00 -29.10
N SER B 7 4.12 -15.64 -28.48
CA SER B 7 3.85 -16.83 -27.70
C SER B 7 4.10 -16.55 -26.22
N PRO B 8 3.25 -17.07 -25.32
CA PRO B 8 2.04 -17.87 -25.58
C PRO B 8 0.83 -17.04 -25.97
N ALA B 9 -0.14 -17.67 -26.64
CA ALA B 9 -1.35 -16.97 -27.04
C ALA B 9 -2.21 -16.61 -25.83
N ILE B 10 -2.14 -17.39 -24.75
CA ILE B 10 -2.89 -17.12 -23.53
C ILE B 10 -1.93 -17.13 -22.35
N MET B 11 -2.20 -16.27 -21.36
CA MET B 11 -1.35 -16.16 -20.19
C MET B 11 -2.17 -15.69 -18.99
N SER B 12 -2.03 -16.41 -17.87
CA SER B 12 -2.66 -16.03 -16.62
C SER B 12 -1.63 -15.38 -15.69
N ALA B 13 -2.11 -14.51 -14.81
CA ALA B 13 -1.22 -13.75 -13.94
C ALA B 13 -1.94 -13.35 -12.66
N PHE B 14 -1.16 -13.25 -11.57
CA PHE B 14 -1.66 -12.85 -10.26
C PHE B 14 -1.74 -11.33 -10.12
N PRO B 15 -2.65 -10.86 -9.26
CA PRO B 15 -2.68 -9.42 -8.97
C PRO B 15 -1.36 -9.00 -8.32
N GLY B 16 -0.77 -7.92 -8.84
CA GLY B 16 0.50 -7.45 -8.37
C GLY B 16 1.70 -8.14 -8.99
N GLU B 17 1.48 -9.20 -9.77
CA GLU B 17 2.56 -9.94 -10.40
C GLU B 17 3.14 -9.16 -11.58
N ARG B 18 4.46 -9.27 -11.75
CA ARG B 18 5.14 -8.71 -12.92
C ARG B 18 4.92 -9.61 -14.13
N VAL B 19 4.25 -9.08 -15.15
CA VAL B 19 3.93 -9.83 -16.36
C VAL B 19 4.77 -9.29 -17.51
N THR B 20 5.14 -10.19 -18.43
CA THR B 20 5.89 -9.82 -19.63
C THR B 20 5.36 -10.61 -20.81
N LEU B 21 5.13 -9.92 -21.93
CA LEU B 21 4.67 -10.50 -23.18
C LEU B 21 5.74 -10.26 -24.23
N THR B 22 5.96 -11.25 -25.10
CA THR B 22 7.05 -11.22 -26.05
C THR B 22 6.53 -11.15 -27.48
N CYS B 23 7.36 -10.59 -28.36
CA CYS B 23 7.04 -10.44 -29.78
C CYS B 23 8.34 -10.66 -30.54
N SER B 24 8.36 -11.69 -31.40
CA SER B 24 9.57 -12.10 -32.11
C SER B 24 9.34 -11.97 -33.61
N ALA B 25 10.28 -11.30 -34.29
CA ALA B 25 10.19 -11.08 -35.72
C ALA B 25 11.08 -12.06 -36.47
N SER B 26 10.70 -12.37 -37.72
CA SER B 26 11.50 -13.23 -38.57
C SER B 26 12.69 -12.52 -39.18
N SER B 27 12.73 -11.20 -39.11
CA SER B 27 13.85 -10.40 -39.61
C SER B 27 13.96 -9.16 -38.73
N SER B 28 14.83 -8.24 -39.11
CA SER B 28 15.06 -7.04 -38.31
C SER B 28 13.95 -6.02 -38.52
N VAL B 29 13.52 -5.41 -37.42
CA VAL B 29 12.51 -4.36 -37.42
C VAL B 29 13.11 -3.14 -36.72
N ARG B 30 13.00 -1.98 -37.36
CA ARG B 30 13.49 -0.74 -36.76
C ARG B 30 12.62 -0.38 -35.56
N SER B 31 13.26 -0.05 -34.44
CA SER B 31 12.53 0.15 -33.19
C SER B 31 11.50 1.25 -33.29
N SER B 32 11.72 2.25 -34.15
CA SER B 32 10.77 3.35 -34.28
C SER B 32 9.41 2.89 -34.79
N TYR B 33 9.35 1.76 -35.49
CA TYR B 33 8.12 1.31 -36.14
C TYR B 33 7.67 -0.03 -35.58
N LEU B 34 7.87 -0.22 -34.27
CA LEU B 34 7.35 -1.37 -33.54
C LEU B 34 6.46 -0.82 -32.44
N CYS B 35 5.18 -1.19 -32.47
CA CYS B 35 4.19 -0.68 -31.53
C CYS B 35 3.34 -1.82 -30.99
N TRP B 36 2.63 -1.52 -29.90
CA TRP B 36 1.74 -2.45 -29.22
C TRP B 36 0.36 -1.84 -29.08
N TYR B 37 -0.66 -2.66 -29.33
CA TYR B 37 -2.06 -2.30 -29.23
C TYR B 37 -2.74 -3.17 -28.17
N GLN B 38 -3.67 -2.56 -27.43
CA GLN B 38 -4.55 -3.28 -26.52
C GLN B 38 -5.95 -3.36 -27.12
N GLN B 39 -6.62 -4.48 -26.93
CA GLN B 39 -7.99 -4.65 -27.38
C GLN B 39 -8.80 -5.40 -26.33
N LYS B 40 -9.96 -4.84 -25.99
CA LYS B 40 -10.97 -5.52 -25.21
C LYS B 40 -12.16 -5.88 -26.10
N PRO B 41 -12.81 -7.03 -25.86
CA PRO B 41 -13.86 -7.47 -26.78
C PRO B 41 -14.99 -6.47 -26.89
N GLY B 42 -15.55 -6.36 -28.09
CA GLY B 42 -16.57 -5.38 -28.37
C GLY B 42 -16.07 -3.97 -28.58
N SER B 43 -14.76 -3.78 -28.75
CA SER B 43 -14.17 -2.47 -28.90
C SER B 43 -12.99 -2.57 -29.84
N SER B 44 -12.66 -1.45 -30.48
CA SER B 44 -11.55 -1.44 -31.42
C SER B 44 -10.21 -1.50 -30.70
N PRO B 45 -9.16 -2.00 -31.36
CA PRO B 45 -7.82 -1.94 -30.77
C PRO B 45 -7.39 -0.49 -30.55
N LYS B 46 -6.66 -0.25 -29.47
CA LYS B 46 -6.18 1.07 -29.12
C LYS B 46 -4.66 1.06 -29.03
N LEU B 47 -4.03 2.06 -29.63
CA LEU B 47 -2.58 2.21 -29.56
C LEU B 47 -2.14 2.31 -28.11
N TRP B 48 -1.30 1.36 -27.68
CA TRP B 48 -0.87 1.29 -26.29
C TRP B 48 0.55 1.79 -26.10
N ILE B 49 1.49 1.32 -26.92
CA ILE B 49 2.88 1.76 -26.86
C ILE B 49 3.37 1.99 -28.28
N TYR B 50 4.01 3.14 -28.52
CA TYR B 50 4.58 3.42 -29.83
C TYR B 50 6.09 3.57 -29.74
N SER B 51 6.75 3.28 -30.86
CA SER B 51 8.21 3.30 -30.97
C SER B 51 8.86 2.53 -29.82
N THR B 52 8.45 1.27 -29.69
CA THR B 52 9.02 0.29 -28.77
C THR B 52 8.73 0.57 -27.29
N SER B 53 8.98 1.80 -26.82
CA SER B 53 8.95 2.05 -25.38
C SER B 53 8.15 3.26 -24.93
N ASN B 54 7.47 3.98 -25.83
CA ASN B 54 6.77 5.22 -25.47
C ASN B 54 5.29 4.92 -25.20
N LEU B 55 4.84 5.21 -23.99
CA LEU B 55 3.45 4.98 -23.62
C LEU B 55 2.54 5.98 -24.30
N ALA B 56 1.44 5.49 -24.87
CA ALA B 56 0.42 6.36 -25.43
C ALA B 56 -0.33 7.07 -24.31
N SER B 57 -1.11 8.09 -24.70
CA SER B 57 -1.88 8.84 -23.71
C SER B 57 -2.95 7.98 -23.08
N GLY B 58 -3.07 8.09 -21.75
CA GLY B 58 -4.03 7.31 -20.99
C GLY B 58 -3.50 6.01 -20.44
N VAL B 59 -2.40 5.50 -20.97
CA VAL B 59 -1.85 4.23 -20.48
C VAL B 59 -1.19 4.45 -19.12
N PRO B 60 -1.54 3.67 -18.10
CA PRO B 60 -0.93 3.86 -16.78
C PRO B 60 0.57 3.58 -16.79
N ALA B 61 1.25 4.14 -15.80
CA ALA B 61 2.72 4.09 -15.74
C ALA B 61 3.27 2.69 -15.53
N ARG B 62 2.48 1.76 -15.00
CA ARG B 62 2.97 0.41 -14.77
C ARG B 62 3.29 -0.34 -16.06
N PHE B 63 2.92 0.19 -17.21
CA PHE B 63 3.26 -0.39 -18.49
C PHE B 63 4.62 0.11 -18.98
N SER B 64 5.30 -0.74 -19.74
CA SER B 64 6.56 -0.34 -20.36
C SER B 64 6.81 -1.24 -21.57
N GLY B 65 7.66 -0.74 -22.47
CA GLY B 65 8.03 -1.49 -23.64
C GLY B 65 9.55 -1.52 -23.78
N SER B 66 10.03 -2.55 -24.48
CA SER B 66 11.47 -2.73 -24.62
C SER B 66 11.73 -3.63 -25.82
N GLY B 67 12.99 -3.67 -26.24
CA GLY B 67 13.42 -4.58 -27.28
C GLY B 67 14.12 -3.86 -28.40
N SER B 68 14.56 -4.65 -29.38
CA SER B 68 15.28 -4.13 -30.53
C SER B 68 15.42 -5.24 -31.57
N GLY B 69 15.76 -4.84 -32.78
CA GLY B 69 16.09 -5.76 -33.85
C GLY B 69 15.02 -6.78 -34.17
N THR B 70 15.06 -7.92 -33.47
CA THR B 70 14.15 -9.02 -33.75
C THR B 70 13.38 -9.50 -32.53
N SER B 71 13.57 -8.88 -31.36
CA SER B 71 12.91 -9.32 -30.14
C SER B 71 12.42 -8.09 -29.38
N TYR B 72 11.13 -8.04 -29.11
CA TYR B 72 10.53 -6.95 -28.35
C TYR B 72 9.64 -7.53 -27.25
N SER B 73 9.31 -6.70 -26.28
CA SER B 73 8.52 -7.16 -25.15
C SER B 73 7.75 -5.99 -24.54
N LEU B 74 6.57 -6.31 -24.00
CA LEU B 74 5.77 -5.40 -23.21
C LEU B 74 5.72 -5.93 -21.78
N THR B 75 5.85 -5.04 -20.81
CA THR B 75 5.94 -5.46 -19.42
C THR B 75 4.98 -4.65 -18.56
N ILE B 76 4.19 -5.35 -17.75
CA ILE B 76 3.35 -4.74 -16.73
C ILE B 76 4.00 -5.01 -15.38
N SER B 77 4.26 -3.94 -14.63
CA SER B 77 4.95 -4.09 -13.36
C SER B 77 4.05 -4.74 -12.31
N SER B 78 2.87 -4.15 -12.08
CA SER B 78 1.90 -4.70 -11.13
C SER B 78 0.60 -4.97 -11.87
N MET B 79 0.31 -6.25 -12.11
CA MET B 79 -0.90 -6.63 -12.83
C MET B 79 -2.13 -6.20 -12.06
N GLU B 80 -3.08 -5.59 -12.76
CA GLU B 80 -4.34 -5.16 -12.18
C GLU B 80 -5.49 -5.72 -13.00
N ALA B 81 -6.71 -5.58 -12.46
CA ALA B 81 -7.88 -6.19 -13.09
C ALA B 81 -8.14 -5.60 -14.47
N GLU B 82 -8.08 -4.29 -14.60
CA GLU B 82 -8.35 -3.62 -15.86
C GLU B 82 -7.32 -3.93 -16.94
N ASP B 83 -6.23 -4.62 -16.60
CA ASP B 83 -5.20 -4.96 -17.58
C ASP B 83 -5.51 -6.24 -18.35
N ALA B 84 -6.56 -6.96 -17.96
CA ALA B 84 -6.93 -8.20 -18.65
C ALA B 84 -7.52 -7.86 -20.01
N ALA B 85 -6.81 -8.21 -21.07
CA ALA B 85 -7.20 -7.85 -22.43
C ALA B 85 -6.30 -8.62 -23.40
N SER B 86 -6.54 -8.42 -24.69
CA SER B 86 -5.65 -8.95 -25.71
C SER B 86 -4.63 -7.89 -26.09
N TYR B 87 -3.40 -8.32 -26.34
CA TYR B 87 -2.31 -7.41 -26.70
C TYR B 87 -1.66 -7.88 -27.98
N PHE B 88 -1.60 -6.99 -28.96
CA PHE B 88 -1.02 -7.29 -30.27
C PHE B 88 0.21 -6.43 -30.49
N CYS B 89 1.28 -7.05 -30.98
CA CYS B 89 2.39 -6.25 -31.49
C CYS B 89 2.23 -6.04 -32.98
N HIS B 90 2.83 -4.95 -33.46
CA HIS B 90 2.64 -4.51 -34.84
C HIS B 90 3.91 -3.85 -35.32
N GLN B 91 4.27 -4.12 -36.57
CA GLN B 91 5.46 -3.52 -37.17
C GLN B 91 5.09 -2.87 -38.49
N TRP B 92 5.69 -1.70 -38.75
CA TRP B 92 5.57 -1.05 -40.04
C TRP B 92 6.95 -0.55 -40.49
N SER B 93 8.00 -1.25 -40.06
CA SER B 93 9.35 -0.95 -40.54
C SER B 93 9.53 -1.40 -41.98
N SER B 94 8.99 -2.57 -42.33
CA SER B 94 9.00 -3.08 -43.69
C SER B 94 7.57 -3.39 -44.12
N TYR B 95 7.20 -2.90 -45.30
CA TYR B 95 5.83 -3.21 -45.72
C TYR B 95 5.79 -4.56 -46.42
N PRO B 96 4.65 -5.28 -46.38
CA PRO B 96 3.37 -4.89 -45.77
C PRO B 96 3.42 -4.85 -44.25
N ARG B 97 2.55 -4.02 -43.66
CA ARG B 97 2.45 -3.96 -42.21
C ARG B 97 1.83 -5.24 -41.69
N THR B 98 2.38 -5.75 -40.60
CA THR B 98 1.98 -7.05 -40.07
C THR B 98 1.74 -6.96 -38.57
N PHE B 99 0.80 -7.78 -38.10
CA PHE B 99 0.47 -7.88 -36.69
C PHE B 99 0.92 -9.23 -36.15
N GLY B 100 1.15 -9.28 -34.84
CA GLY B 100 1.32 -10.55 -34.19
C GLY B 100 -0.01 -11.23 -33.98
N GLY B 101 0.05 -12.52 -33.61
CA GLY B 101 -1.17 -13.26 -33.35
C GLY B 101 -1.93 -12.76 -32.15
N GLY B 102 -1.27 -12.03 -31.27
CA GLY B 102 -1.92 -11.52 -30.07
C GLY B 102 -1.78 -12.47 -28.89
N THR B 103 -1.79 -11.89 -27.70
CA THR B 103 -1.71 -12.65 -26.46
C THR B 103 -2.86 -12.25 -25.57
N LYS B 104 -3.71 -13.23 -25.24
CA LYS B 104 -4.81 -13.03 -24.31
C LYS B 104 -4.26 -13.06 -22.89
N LEU B 105 -4.45 -11.97 -22.15
CA LEU B 105 -3.95 -11.83 -20.80
C LEU B 105 -5.11 -11.87 -19.83
N GLU B 106 -5.11 -12.85 -18.93
CA GLU B 106 -6.17 -13.02 -17.95
C GLU B 106 -5.58 -12.89 -16.54
N ILE B 107 -6.37 -12.35 -15.63
CA ILE B 107 -5.94 -12.16 -14.24
C ILE B 107 -6.62 -13.21 -13.36
N LYS B 108 -5.95 -13.57 -12.27
CA LYS B 108 -6.47 -14.55 -11.33
C LYS B 108 -7.18 -13.86 -10.17
N ARG B 109 -8.14 -14.58 -9.58
CA ARG B 109 -8.90 -14.07 -8.46
C ARG B 109 -9.46 -15.25 -7.68
N ALA B 110 -10.10 -14.94 -6.56
CA ALA B 110 -10.68 -15.97 -5.70
C ALA B 110 -11.83 -16.67 -6.42
N ASP B 111 -11.82 -18.00 -6.39
CA ASP B 111 -12.84 -18.78 -7.07
C ASP B 111 -14.23 -18.30 -6.69
N ALA B 112 -15.14 -18.35 -7.67
CA ALA B 112 -16.51 -17.89 -7.48
C ALA B 112 -17.45 -18.84 -8.20
N ALA B 113 -18.58 -19.15 -7.56
CA ALA B 113 -19.55 -20.07 -8.11
C ALA B 113 -20.48 -19.35 -9.08
N PRO B 114 -20.93 -20.05 -10.13
CA PRO B 114 -21.82 -19.41 -11.11
C PRO B 114 -23.21 -19.18 -10.56
N THR B 115 -23.79 -18.04 -10.91
CA THR B 115 -25.22 -17.81 -10.72
C THR B 115 -25.96 -18.39 -11.92
N VAL B 116 -26.80 -19.39 -11.69
CA VAL B 116 -27.47 -20.12 -12.75
C VAL B 116 -28.93 -19.70 -12.80
N SER B 117 -29.42 -19.44 -14.02
CA SER B 117 -30.80 -19.04 -14.24
C SER B 117 -31.33 -19.75 -15.48
N ILE B 118 -32.51 -20.35 -15.37
CA ILE B 118 -33.13 -21.09 -16.47
C ILE B 118 -34.40 -20.36 -16.89
N PHE B 119 -34.68 -20.40 -18.20
CA PHE B 119 -35.79 -19.69 -18.79
C PHE B 119 -36.49 -20.61 -19.79
N PRO B 120 -37.80 -20.81 -19.66
CA PRO B 120 -38.54 -21.63 -20.61
C PRO B 120 -38.76 -20.88 -21.90
N PRO B 121 -39.26 -21.55 -22.95
CA PRO B 121 -39.52 -20.85 -24.20
C PRO B 121 -40.57 -19.76 -24.01
N SER B 122 -40.40 -18.67 -24.76
CA SER B 122 -41.38 -17.60 -24.75
C SER B 122 -42.57 -17.96 -25.62
N SER B 123 -43.72 -17.36 -25.32
CA SER B 123 -44.92 -17.61 -26.09
C SER B 123 -44.76 -17.18 -27.55
N GLU B 124 -44.01 -16.08 -27.77
CA GLU B 124 -43.77 -15.61 -29.13
C GLU B 124 -43.08 -16.69 -29.97
N GLN B 125 -42.01 -17.28 -29.45
CA GLN B 125 -41.31 -18.33 -30.20
C GLN B 125 -42.20 -19.56 -30.40
N LEU B 126 -43.05 -19.87 -29.43
CA LEU B 126 -43.99 -20.98 -29.59
C LEU B 126 -44.96 -20.75 -30.72
N THR B 127 -45.49 -19.52 -30.86
CA THR B 127 -46.37 -19.21 -31.97
C THR B 127 -45.75 -19.55 -33.32
N SER B 128 -44.42 -19.58 -33.40
CA SER B 128 -43.72 -19.90 -34.64
C SER B 128 -43.28 -21.35 -34.74
N GLY B 129 -43.66 -22.19 -33.77
CA GLY B 129 -43.36 -23.61 -33.85
C GLY B 129 -41.99 -24.03 -33.39
N GLY B 130 -41.30 -23.18 -32.61
CA GLY B 130 -40.02 -23.54 -32.04
C GLY B 130 -40.06 -23.34 -30.53
N ALA B 131 -39.06 -23.91 -29.85
CA ALA B 131 -39.00 -23.81 -28.39
C ALA B 131 -37.55 -23.81 -27.94
N SER B 132 -37.07 -22.68 -27.43
CA SER B 132 -35.71 -22.57 -26.93
C SER B 132 -35.74 -22.38 -25.42
N VAL B 133 -35.00 -23.22 -24.71
CA VAL B 133 -34.80 -23.10 -23.27
C VAL B 133 -33.40 -22.54 -23.04
N VAL B 134 -33.31 -21.48 -22.23
CA VAL B 134 -32.07 -20.72 -22.07
C VAL B 134 -31.55 -20.90 -20.65
N CYS B 135 -30.23 -20.98 -20.50
CA CYS B 135 -29.59 -21.10 -19.20
C CYS B 135 -28.39 -20.17 -19.15
N PHE B 136 -28.41 -19.23 -18.22
CA PHE B 136 -27.30 -18.31 -17.98
C PHE B 136 -26.51 -18.78 -16.77
N LEU B 137 -25.20 -18.89 -16.93
CA LEU B 137 -24.26 -19.25 -15.88
C LEU B 137 -23.32 -18.07 -15.76
N ASN B 138 -23.64 -17.14 -14.86
CA ASN B 138 -23.01 -15.82 -14.85
C ASN B 138 -22.06 -15.66 -13.68
N ASN B 139 -20.93 -14.98 -13.95
CA ASN B 139 -20.01 -14.48 -12.93
C ASN B 139 -19.44 -15.63 -12.08
N PHE B 140 -18.58 -16.40 -12.73
CA PHE B 140 -17.88 -17.50 -12.07
C PHE B 140 -16.40 -17.44 -12.44
N TYR B 141 -15.58 -18.05 -11.58
CA TYR B 141 -14.15 -18.15 -11.81
C TYR B 141 -13.70 -19.44 -11.14
N PRO B 142 -12.83 -20.23 -11.80
CA PRO B 142 -12.20 -19.96 -13.10
C PRO B 142 -13.10 -20.23 -14.31
N LYS B 143 -12.53 -20.05 -15.50
CA LYS B 143 -13.27 -20.17 -16.74
C LYS B 143 -13.70 -21.60 -17.03
N ASP B 144 -12.99 -22.59 -16.49
CA ASP B 144 -13.33 -23.99 -16.72
C ASP B 144 -14.69 -24.29 -16.09
N ILE B 145 -15.63 -24.76 -16.90
CA ILE B 145 -16.98 -25.05 -16.40
C ILE B 145 -17.65 -25.99 -17.38
N ASN B 146 -18.57 -26.81 -16.87
CA ASN B 146 -19.37 -27.71 -17.70
C ASN B 146 -20.85 -27.48 -17.43
N VAL B 147 -21.65 -27.63 -18.48
CA VAL B 147 -23.11 -27.55 -18.37
C VAL B 147 -23.70 -28.73 -19.11
N LYS B 148 -24.79 -29.28 -18.59
CA LYS B 148 -25.52 -30.29 -19.34
C LYS B 148 -27.02 -30.16 -19.09
N TRP B 149 -27.77 -30.50 -20.12
CA TRP B 149 -29.22 -30.41 -20.15
C TRP B 149 -29.83 -31.78 -19.96
N LYS B 150 -30.95 -31.83 -19.25
CA LYS B 150 -31.69 -33.07 -19.04
C LYS B 150 -33.16 -32.84 -19.34
N ILE B 151 -33.74 -33.72 -20.15
CA ILE B 151 -35.17 -33.74 -20.43
C ILE B 151 -35.74 -35.02 -19.83
N ASP B 152 -36.58 -34.87 -18.81
CA ASP B 152 -37.16 -36.00 -18.09
C ASP B 152 -36.09 -36.98 -17.62
N GLY B 153 -34.97 -36.44 -17.15
CA GLY B 153 -33.87 -37.23 -16.65
C GLY B 153 -32.88 -37.69 -17.70
N SER B 154 -33.24 -37.61 -18.98
CA SER B 154 -32.38 -38.10 -20.05
C SER B 154 -31.48 -36.97 -20.55
N GLU B 155 -30.17 -37.24 -20.57
CA GLU B 155 -29.20 -36.23 -21.01
C GLU B 155 -29.44 -35.87 -22.48
N ARG B 156 -29.37 -34.58 -22.79
CA ARG B 156 -29.56 -34.09 -24.14
C ARG B 156 -28.33 -33.32 -24.62
N GLN B 157 -27.92 -33.59 -25.87
CA GLN B 157 -26.78 -32.92 -26.47
C GLN B 157 -27.03 -32.36 -27.87
N ASN B 158 -28.19 -32.59 -28.46
CA ASN B 158 -28.47 -32.09 -29.80
C ASN B 158 -29.42 -30.90 -29.68
N GLY B 159 -29.10 -29.83 -30.40
CA GLY B 159 -29.82 -28.59 -30.25
C GLY B 159 -29.26 -27.66 -29.19
N VAL B 160 -28.05 -27.91 -28.71
CA VAL B 160 -27.42 -27.12 -27.66
C VAL B 160 -26.39 -26.20 -28.30
N LEU B 161 -26.47 -24.91 -27.96
CA LEU B 161 -25.52 -23.91 -28.44
C LEU B 161 -24.97 -23.18 -27.23
N ASN B 162 -23.64 -23.15 -27.11
CA ASN B 162 -22.99 -22.49 -25.99
C ASN B 162 -22.21 -21.27 -26.46
N SER B 163 -22.04 -20.31 -25.55
CA SER B 163 -21.31 -19.10 -25.85
C SER B 163 -20.70 -18.58 -24.56
N TRP B 164 -19.44 -18.14 -24.62
CA TRP B 164 -18.69 -17.70 -23.45
C TRP B 164 -18.25 -16.25 -23.63
N THR B 165 -18.30 -15.49 -22.53
CA THR B 165 -17.75 -14.15 -22.52
C THR B 165 -16.30 -14.17 -22.08
N ASP B 166 -15.57 -13.12 -22.44
CA ASP B 166 -14.22 -12.94 -21.96
C ASP B 166 -14.23 -12.42 -20.52
N GLN B 167 -13.05 -12.35 -19.92
CA GLN B 167 -12.96 -11.99 -18.51
C GLN B 167 -13.46 -10.56 -18.29
N ASP B 168 -14.32 -10.40 -17.29
CA ASP B 168 -14.84 -9.08 -16.94
C ASP B 168 -13.72 -8.21 -16.41
N SER B 169 -13.78 -6.91 -16.76
CA SER B 169 -12.73 -5.99 -16.37
C SER B 169 -12.86 -5.50 -14.93
N LYS B 170 -14.06 -5.55 -14.36
CA LYS B 170 -14.28 -5.04 -13.01
C LYS B 170 -14.19 -6.12 -11.93
N ASP B 171 -14.80 -7.29 -12.13
CA ASP B 171 -14.76 -8.33 -11.12
C ASP B 171 -14.02 -9.58 -11.56
N SER B 172 -13.47 -9.60 -12.79
CA SER B 172 -12.57 -10.64 -13.27
C SER B 172 -13.23 -12.01 -13.36
N THR B 173 -14.55 -12.05 -13.50
CA THR B 173 -15.28 -13.31 -13.62
C THR B 173 -15.54 -13.61 -15.10
N TYR B 174 -16.11 -14.79 -15.33
CA TYR B 174 -16.53 -15.23 -16.65
C TYR B 174 -18.01 -15.55 -16.63
N SER B 175 -18.61 -15.64 -17.82
CA SER B 175 -20.03 -15.95 -17.94
C SER B 175 -20.25 -16.83 -19.16
N MET B 176 -21.37 -17.56 -19.14
CA MET B 176 -21.68 -18.52 -20.18
C MET B 176 -23.19 -18.55 -20.42
N SER B 177 -23.57 -18.80 -21.66
CA SER B 177 -24.97 -18.94 -22.06
C SER B 177 -25.14 -20.23 -22.83
N SER B 178 -26.14 -21.03 -22.45
CA SER B 178 -26.45 -22.29 -23.12
C SER B 178 -27.91 -22.27 -23.57
N THR B 179 -28.15 -22.60 -24.83
CA THR B 179 -29.50 -22.60 -25.41
C THR B 179 -29.81 -23.95 -26.00
N LEU B 180 -30.86 -24.61 -25.48
CA LEU B 180 -31.36 -25.86 -26.02
C LEU B 180 -32.60 -25.59 -26.87
N THR B 181 -32.50 -25.87 -28.17
CA THR B 181 -33.57 -25.58 -29.11
C THR B 181 -34.22 -26.87 -29.58
N LEU B 182 -35.55 -26.91 -29.50
CA LEU B 182 -36.37 -28.04 -29.91
C LEU B 182 -37.50 -27.55 -30.79
N THR B 183 -38.17 -28.50 -31.45
CA THR B 183 -39.41 -28.17 -32.12
C THR B 183 -40.52 -28.03 -31.07
N LYS B 184 -41.60 -27.34 -31.45
CA LYS B 184 -42.70 -27.18 -30.53
C LYS B 184 -43.28 -28.54 -30.13
N ASP B 185 -43.43 -29.43 -31.10
CA ASP B 185 -43.96 -30.77 -30.81
C ASP B 185 -43.08 -31.49 -29.80
N GLU B 186 -41.78 -31.59 -30.10
CA GLU B 186 -40.84 -32.24 -29.18
C GLU B 186 -40.92 -31.64 -27.78
N TYR B 187 -40.99 -30.31 -27.70
CA TYR B 187 -41.08 -29.64 -26.40
C TYR B 187 -42.35 -30.01 -25.66
N GLU B 188 -43.49 -30.06 -26.36
CA GLU B 188 -44.75 -30.40 -25.72
C GLU B 188 -44.83 -31.86 -25.28
N ARG B 189 -43.90 -32.70 -25.73
CA ARG B 189 -43.91 -34.13 -25.43
C ARG B 189 -43.23 -34.49 -24.13
N HIS B 190 -42.70 -33.51 -23.40
CA HIS B 190 -41.99 -33.80 -22.16
C HIS B 190 -42.35 -32.78 -21.09
N ASN B 191 -41.90 -33.03 -19.87
CA ASN B 191 -42.27 -32.23 -18.71
C ASN B 191 -41.08 -31.53 -18.06
N SER B 192 -40.07 -32.29 -17.63
CA SER B 192 -38.99 -31.73 -16.80
C SER B 192 -37.84 -31.27 -17.68
N TYR B 193 -37.46 -30.00 -17.56
CA TYR B 193 -36.32 -29.45 -18.26
C TYR B 193 -35.32 -28.94 -17.24
N THR B 194 -34.07 -29.39 -17.37
CA THR B 194 -33.06 -29.22 -16.33
C THR B 194 -31.75 -28.74 -16.93
N CYS B 195 -31.14 -27.74 -16.29
CA CYS B 195 -29.82 -27.23 -16.63
C CYS B 195 -28.94 -27.39 -15.40
N GLU B 196 -27.87 -28.18 -15.51
CA GLU B 196 -27.00 -28.40 -14.36
C GLU B 196 -25.56 -28.06 -14.72
N ALA B 197 -24.91 -27.32 -13.83
CA ALA B 197 -23.57 -26.75 -14.03
C ALA B 197 -22.59 -27.38 -13.04
N THR B 198 -21.49 -27.91 -13.58
CA THR B 198 -20.40 -28.47 -12.80
C THR B 198 -19.22 -27.51 -12.85
N HIS B 199 -18.76 -27.08 -11.68
CA HIS B 199 -17.71 -26.09 -11.56
C HIS B 199 -16.79 -26.48 -10.41
N LYS B 200 -15.56 -25.94 -10.43
CA LYS B 200 -14.52 -26.27 -9.47
C LYS B 200 -14.89 -25.90 -8.03
N THR B 201 -16.04 -25.26 -7.84
CA THR B 201 -16.41 -24.73 -6.53
C THR B 201 -17.35 -25.66 -5.76
N SER B 202 -17.79 -26.76 -6.34
CA SER B 202 -18.62 -27.71 -5.64
C SER B 202 -18.44 -29.10 -6.21
N THR B 203 -18.59 -30.10 -5.35
CA THR B 203 -18.49 -31.50 -5.78
C THR B 203 -19.74 -31.92 -6.53
N SER B 204 -20.91 -31.47 -6.08
CA SER B 204 -22.26 -31.65 -6.62
C SER B 204 -22.63 -30.47 -7.53
N PRO B 205 -23.31 -30.75 -8.64
CA PRO B 205 -23.63 -29.68 -9.60
C PRO B 205 -24.72 -28.74 -9.09
N ILE B 206 -24.69 -27.52 -9.59
CA ILE B 206 -25.79 -26.57 -9.39
C ILE B 206 -26.89 -26.91 -10.40
N VAL B 207 -28.11 -27.11 -9.90
CA VAL B 207 -29.21 -27.61 -10.72
C VAL B 207 -30.34 -26.60 -10.73
N LYS B 208 -30.81 -26.25 -11.93
CA LYS B 208 -32.01 -25.42 -12.07
C LYS B 208 -32.95 -26.12 -13.04
N SER B 209 -34.22 -26.25 -12.65
CA SER B 209 -35.17 -27.00 -13.45
C SER B 209 -36.52 -26.30 -13.47
N PHE B 210 -37.35 -26.73 -14.41
CA PHE B 210 -38.75 -26.29 -14.44
C PHE B 210 -39.59 -27.33 -15.16
N ASN B 211 -40.87 -27.36 -14.82
CA ASN B 211 -41.84 -28.25 -15.44
C ASN B 211 -42.87 -27.44 -16.22
N ARG B 212 -43.26 -27.98 -17.37
CA ARG B 212 -44.25 -27.33 -18.24
C ARG B 212 -45.60 -27.11 -17.55
N ASN B 213 -45.89 -27.83 -16.47
CA ASN B 213 -47.17 -27.69 -15.78
C ASN B 213 -47.22 -26.38 -15.00
N GLU C 1 2.57 9.04 -19.71
CA GLU C 1 2.18 10.43 -19.90
C GLU C 1 3.40 11.31 -20.11
N VAL C 2 3.18 12.47 -20.72
CA VAL C 2 4.24 13.47 -20.89
C VAL C 2 4.50 14.16 -19.55
N LYS C 3 5.77 14.34 -19.21
CA LYS C 3 6.15 15.01 -17.98
C LYS C 3 7.33 15.93 -18.24
N LEU C 4 7.24 17.15 -17.71
CA LEU C 4 8.28 18.17 -17.82
C LEU C 4 8.48 18.74 -16.43
N GLU C 5 9.57 18.35 -15.77
CA GLU C 5 9.85 18.80 -14.41
C GLU C 5 10.94 19.87 -14.46
N GLU C 6 10.57 21.09 -14.08
CA GLU C 6 11.48 22.22 -14.14
C GLU C 6 12.02 22.54 -12.75
N SER C 7 13.22 23.08 -12.72
CA SER C 7 13.91 23.43 -11.48
C SER C 7 14.90 24.53 -11.78
N GLY C 8 15.49 25.09 -10.72
CA GLY C 8 16.44 26.17 -10.85
C GLY C 8 15.88 27.53 -10.56
N GLY C 9 14.59 27.64 -10.26
CA GLY C 9 14.00 28.91 -9.92
C GLY C 9 14.41 29.37 -8.53
N GLY C 10 13.80 30.46 -8.11
CA GLY C 10 14.09 31.02 -6.80
C GLY C 10 14.41 32.50 -6.83
N LEU C 11 15.15 32.96 -5.83
CA LEU C 11 15.42 34.38 -5.64
C LEU C 11 16.82 34.73 -6.09
N VAL C 12 16.94 35.83 -6.82
CA VAL C 12 18.24 36.35 -7.25
C VAL C 12 18.18 37.87 -7.28
N GLN C 13 19.25 38.51 -6.84
CA GLN C 13 19.29 39.97 -6.87
C GLN C 13 19.43 40.46 -8.31
N PRO C 14 18.95 41.67 -8.61
CA PRO C 14 19.07 42.19 -9.98
C PRO C 14 20.52 42.23 -10.44
N GLY C 15 20.71 41.91 -11.72
CA GLY C 15 22.03 41.77 -12.29
C GLY C 15 22.65 40.40 -12.15
N GLY C 16 22.08 39.53 -11.31
CA GLY C 16 22.59 38.20 -11.12
C GLY C 16 22.20 37.26 -12.24
N SER C 17 22.61 36.00 -12.09
CA SER C 17 22.42 34.99 -13.12
C SER C 17 21.75 33.76 -12.51
N MET C 18 21.09 33.00 -13.37
CA MET C 18 20.40 31.79 -12.94
C MET C 18 20.22 30.87 -14.13
N LYS C 19 20.27 29.56 -13.88
CA LYS C 19 20.06 28.57 -14.92
C LYS C 19 18.84 27.73 -14.56
N LEU C 20 17.87 27.69 -15.47
CA LEU C 20 16.69 26.86 -15.33
C LEU C 20 16.89 25.56 -16.08
N SER C 21 16.52 24.44 -15.46
CA SER C 21 16.59 23.13 -16.07
C SER C 21 15.18 22.55 -16.20
N CYS C 22 14.99 21.72 -17.21
CA CYS C 22 13.71 21.04 -17.43
C CYS C 22 14.01 19.64 -17.91
N ALA C 23 13.67 18.65 -17.08
CA ALA C 23 13.86 17.23 -17.38
C ALA C 23 12.55 16.67 -17.94
N ALA C 24 12.63 16.08 -19.12
CA ALA C 24 11.48 15.56 -19.84
C ALA C 24 11.40 14.04 -19.74
N SER C 25 10.17 13.53 -19.90
CA SER C 25 9.95 12.09 -19.96
C SER C 25 8.58 11.85 -20.59
N GLY C 26 8.39 10.62 -21.08
CA GLY C 26 7.13 10.22 -21.66
C GLY C 26 6.99 10.46 -23.15
N PHE C 27 8.06 10.85 -23.84
CA PHE C 27 8.02 11.06 -25.28
C PHE C 27 9.44 11.05 -25.81
N ILE C 28 9.55 11.01 -27.15
CA ILE C 28 10.84 11.03 -27.83
C ILE C 28 11.33 12.48 -27.80
N PHE C 29 12.23 12.78 -26.87
CA PHE C 29 12.69 14.15 -26.67
C PHE C 29 13.33 14.72 -27.93
N SER C 30 14.11 13.90 -28.65
CA SER C 30 14.83 14.39 -29.82
C SER C 30 13.89 14.89 -30.92
N ASP C 31 12.64 14.43 -30.93
CA ASP C 31 11.69 14.85 -31.96
C ASP C 31 11.01 16.18 -31.64
N ALA C 32 11.01 16.62 -30.39
CA ALA C 32 10.17 17.73 -29.97
C ALA C 32 10.91 19.06 -30.02
N TRP C 33 10.16 20.13 -30.26
CA TRP C 33 10.66 21.48 -30.07
C TRP C 33 10.49 21.88 -28.61
N MET C 34 11.50 22.53 -28.04
CA MET C 34 11.47 22.89 -26.63
C MET C 34 11.40 24.41 -26.49
N ASP C 35 10.44 24.89 -25.70
CA ASP C 35 10.24 26.32 -25.52
C ASP C 35 10.19 26.66 -24.04
N TRP C 36 10.51 27.91 -23.75
CA TRP C 36 10.34 28.52 -22.44
C TRP C 36 9.38 29.70 -22.57
N VAL C 37 8.34 29.70 -21.73
CA VAL C 37 7.32 30.74 -21.71
C VAL C 37 7.25 31.27 -20.27
N ARG C 38 6.94 32.55 -20.12
CA ARG C 38 6.86 33.14 -18.79
C ARG C 38 5.53 33.87 -18.61
N GLN C 39 5.08 33.94 -17.36
CA GLN C 39 3.80 34.52 -17.01
C GLN C 39 3.93 35.36 -15.75
N SER C 40 3.41 36.59 -15.79
CA SER C 40 3.38 37.48 -14.65
C SER C 40 2.06 38.24 -14.64
N PRO C 41 1.61 38.71 -13.48
CA PRO C 41 0.38 39.51 -13.44
C PRO C 41 0.46 40.77 -14.27
N GLU C 42 1.66 41.35 -14.43
CA GLU C 42 1.79 42.63 -15.12
C GLU C 42 1.91 42.46 -16.63
N ARG C 43 2.72 41.51 -17.09
CA ARG C 43 2.98 41.35 -18.51
C ARG C 43 2.20 40.21 -19.16
N GLY C 44 1.47 39.42 -18.38
CA GLY C 44 0.71 38.32 -18.96
C GLY C 44 1.61 37.19 -19.40
N LEU C 45 1.15 36.45 -20.42
CA LEU C 45 1.93 35.35 -20.97
C LEU C 45 2.91 35.87 -22.01
N GLU C 46 4.18 35.49 -21.88
CA GLU C 46 5.23 35.91 -22.80
C GLU C 46 6.05 34.70 -23.21
N TRP C 47 6.06 34.41 -24.51
CA TRP C 47 7.02 33.45 -25.03
C TRP C 47 8.44 34.00 -24.86
N VAL C 48 9.31 33.19 -24.29
CA VAL C 48 10.66 33.62 -23.93
C VAL C 48 11.71 33.08 -24.89
N ALA C 49 11.70 31.76 -25.13
CA ALA C 49 12.77 31.19 -25.95
C ALA C 49 12.30 29.89 -26.59
N GLU C 50 13.01 29.48 -27.63
CA GLU C 50 12.71 28.24 -28.34
C GLU C 50 14.00 27.63 -28.88
N ILE C 51 14.06 26.30 -28.89
CA ILE C 51 15.12 25.56 -29.56
C ILE C 51 14.49 24.35 -30.24
N ARG C 52 14.73 24.21 -31.54
CA ARG C 52 14.09 23.17 -32.33
C ARG C 52 14.91 21.89 -32.31
N SER C 53 14.34 20.84 -32.91
CA SER C 53 14.98 19.54 -32.95
C SER C 53 16.08 19.51 -34.01
N LYS C 54 16.99 18.53 -33.86
CA LYS C 54 18.01 18.30 -34.87
C LYS C 54 17.40 18.08 -36.25
N ALA C 55 16.22 17.48 -36.31
CA ALA C 55 15.58 17.20 -37.59
C ALA C 55 15.28 18.47 -38.38
N ASN C 56 15.14 19.61 -37.70
CA ASN C 56 14.82 20.88 -38.36
C ASN C 56 15.74 22.00 -37.85
N GLY C 57 17.04 21.77 -37.97
CA GLY C 57 18.04 22.80 -37.84
C GLY C 57 18.65 22.96 -36.46
N LEU C 58 17.93 22.55 -35.41
CA LEU C 58 18.37 22.77 -34.03
C LEU C 58 18.57 24.26 -33.74
N ALA C 59 17.75 25.11 -34.38
CA ALA C 59 17.94 26.56 -34.39
C ALA C 59 17.30 27.20 -33.17
N PRO C 60 18.03 28.00 -32.40
CA PRO C 60 17.42 28.71 -31.28
C PRO C 60 16.86 30.06 -31.70
N TYR C 61 15.79 30.46 -31.02
CA TYR C 61 15.12 31.74 -31.27
C TYR C 61 14.74 32.36 -29.93
N TYR C 62 14.79 33.70 -29.87
CA TYR C 62 14.58 34.42 -28.62
C TYR C 62 13.66 35.61 -28.84
N ALA C 63 12.97 36.01 -27.77
CA ALA C 63 12.20 37.23 -27.75
C ALA C 63 13.11 38.44 -27.55
N GLU C 64 12.61 39.61 -27.98
CA GLU C 64 13.41 40.84 -27.94
C GLU C 64 13.85 41.18 -26.52
N SER C 65 12.95 41.06 -25.54
CA SER C 65 13.26 41.53 -24.19
C SER C 65 14.39 40.75 -23.54
N VAL C 66 14.67 39.54 -24.02
CA VAL C 66 15.72 38.70 -23.45
C VAL C 66 16.86 38.47 -24.42
N LYS C 67 16.80 39.00 -25.63
CA LYS C 67 17.82 38.77 -26.63
C LYS C 67 19.18 39.25 -26.16
N GLY C 68 20.21 38.42 -26.40
CA GLY C 68 21.55 38.72 -25.96
C GLY C 68 21.83 38.38 -24.52
N ARG C 69 20.81 38.20 -23.70
CA ARG C 69 20.94 37.90 -22.27
C ARG C 69 20.65 36.45 -21.94
N PHE C 70 19.63 35.87 -22.58
CA PHE C 70 19.22 34.50 -22.32
C PHE C 70 19.78 33.57 -23.38
N THR C 71 20.13 32.36 -22.96
CA THR C 71 20.66 31.33 -23.86
C THR C 71 19.91 30.03 -23.60
N ILE C 72 19.23 29.52 -24.62
CA ILE C 72 18.49 28.27 -24.51
C ILE C 72 19.31 27.17 -25.17
N SER C 73 19.34 26.00 -24.54
CA SER C 73 20.09 24.86 -25.07
C SER C 73 19.37 23.58 -24.69
N ARG C 74 19.78 22.48 -25.31
CA ARG C 74 19.17 21.19 -25.04
C ARG C 74 20.22 20.08 -25.06
N ASP C 75 20.00 19.08 -24.21
CA ASP C 75 20.80 17.87 -24.17
C ASP C 75 19.85 16.70 -24.39
N ASP C 76 19.87 16.17 -25.62
CA ASP C 76 19.00 15.05 -25.98
C ASP C 76 19.36 13.80 -25.20
N SER C 77 20.64 13.62 -24.87
CA SER C 77 21.05 12.42 -24.12
C SER C 77 20.41 12.39 -22.73
N LYS C 78 20.12 13.56 -22.16
CA LYS C 78 19.46 13.66 -20.88
C LYS C 78 17.99 14.06 -21.01
N SER C 79 17.50 14.23 -22.24
CA SER C 79 16.13 14.68 -22.49
C SER C 79 15.83 15.93 -21.68
N SER C 80 16.76 16.88 -21.72
CA SER C 80 16.65 18.07 -20.89
C SER C 80 16.82 19.33 -21.74
N VAL C 81 16.14 20.39 -21.30
CA VAL C 81 16.31 21.71 -21.89
C VAL C 81 16.75 22.67 -20.79
N TYR C 82 17.56 23.66 -21.17
CA TYR C 82 18.19 24.56 -20.23
C TYR C 82 18.04 26.00 -20.70
N LEU C 83 17.94 26.91 -19.73
CA LEU C 83 17.83 28.34 -19.98
C LEU C 83 18.79 29.08 -19.05
N GLN C 84 19.92 29.53 -19.60
CA GLN C 84 20.87 30.36 -18.87
C GLN C 84 20.45 31.82 -18.97
N MET C 85 20.43 32.52 -17.85
CA MET C 85 19.95 33.91 -17.78
C MET C 85 20.96 34.76 -17.03
N ASN C 86 21.47 35.79 -17.69
CA ASN C 86 22.42 36.71 -17.10
C ASN C 86 21.84 38.12 -17.08
N ASN C 87 22.28 38.91 -16.10
CA ASN C 87 21.83 40.30 -15.93
C ASN C 87 20.30 40.37 -15.89
N LEU C 88 19.75 39.75 -14.86
CA LEU C 88 18.30 39.67 -14.72
C LEU C 88 17.74 40.99 -14.19
N ARG C 89 16.53 41.31 -14.65
CA ARG C 89 15.87 42.56 -14.31
C ARG C 89 14.57 42.26 -13.58
N SER C 90 13.97 43.33 -13.05
CA SER C 90 12.69 43.20 -12.36
C SER C 90 11.62 42.63 -13.28
N GLU C 91 11.66 42.98 -14.57
CA GLU C 91 10.68 42.48 -15.51
C GLU C 91 10.80 40.98 -15.75
N ASP C 92 11.95 40.38 -15.43
CA ASP C 92 12.13 38.95 -15.60
C ASP C 92 11.44 38.12 -14.52
N THR C 93 10.94 38.75 -13.45
CA THR C 93 10.23 38.03 -12.42
C THR C 93 8.94 37.42 -12.97
N GLY C 94 8.70 36.17 -12.66
CA GLY C 94 7.48 35.50 -13.08
C GLY C 94 7.61 34.00 -12.99
N ILE C 95 6.53 33.33 -13.39
CA ILE C 95 6.50 31.88 -13.43
C ILE C 95 6.95 31.43 -14.82
N TYR C 96 7.95 30.55 -14.86
CA TYR C 96 8.53 30.05 -16.10
C TYR C 96 8.05 28.62 -16.34
N TYR C 97 7.39 28.42 -17.48
CA TYR C 97 6.93 27.12 -17.93
C TYR C 97 7.85 26.60 -19.02
N CYS C 98 8.24 25.32 -18.89
CA CYS C 98 8.91 24.57 -19.93
C CYS C 98 7.85 23.86 -20.77
N THR C 99 7.93 23.98 -22.08
CA THR C 99 6.95 23.37 -22.97
C THR C 99 7.65 22.57 -24.06
N SER C 100 6.94 21.55 -24.55
CA SER C 100 7.42 20.69 -25.62
C SER C 100 6.35 20.59 -26.70
N THR C 101 6.79 20.57 -27.96
CA THR C 101 5.88 20.56 -29.10
C THR C 101 6.21 19.40 -30.02
N LEU C 102 5.19 18.59 -30.32
CA LEU C 102 5.25 17.51 -31.30
C LEU C 102 4.05 17.67 -32.22
N TYR C 103 4.32 17.79 -33.52
CA TYR C 103 3.28 18.10 -34.52
C TYR C 103 2.65 19.43 -34.08
N TYR C 104 1.33 19.53 -33.96
CA TYR C 104 0.69 20.72 -33.43
C TYR C 104 0.37 20.63 -31.95
N PHE C 105 0.67 19.50 -31.31
CA PHE C 105 0.38 19.32 -29.90
C PHE C 105 1.53 19.85 -29.07
N ASP C 106 1.21 20.50 -27.94
CA ASP C 106 2.22 21.00 -27.04
C ASP C 106 1.83 20.67 -25.61
N TYR C 107 2.84 20.63 -24.75
CA TYR C 107 2.71 20.21 -23.36
C TYR C 107 3.48 21.18 -22.48
N TRP C 108 2.85 21.57 -21.37
CA TRP C 108 3.42 22.54 -20.44
C TRP C 108 3.74 21.87 -19.12
N GLY C 109 4.85 22.30 -18.50
CA GLY C 109 5.16 21.91 -17.14
C GLY C 109 4.40 22.74 -16.14
N GLN C 110 4.56 22.37 -14.87
CA GLN C 110 3.86 23.09 -13.80
C GLN C 110 4.48 24.45 -13.52
N GLY C 111 5.72 24.67 -13.94
CA GLY C 111 6.35 25.97 -13.86
C GLY C 111 7.19 26.12 -12.61
N THR C 112 8.11 27.08 -12.66
CA THR C 112 8.93 27.43 -11.50
C THR C 112 9.02 28.96 -11.40
N THR C 113 8.99 29.47 -10.17
CA THR C 113 8.91 30.91 -9.95
C THR C 113 10.31 31.51 -9.83
N LEU C 114 10.58 32.52 -10.65
CA LEU C 114 11.83 33.28 -10.59
C LEU C 114 11.50 34.68 -10.07
N THR C 115 12.18 35.08 -8.99
CA THR C 115 11.99 36.39 -8.39
C THR C 115 13.31 37.13 -8.39
N VAL C 116 13.35 38.26 -9.09
CA VAL C 116 14.51 39.12 -9.14
C VAL C 116 14.27 40.29 -8.20
N SER C 117 14.98 40.30 -7.07
CA SER C 117 14.75 41.31 -6.05
C SER C 117 15.90 41.28 -5.05
N SER C 118 16.15 42.42 -4.42
CA SER C 118 17.18 42.53 -3.39
C SER C 118 16.68 42.15 -2.00
N ALA C 119 15.38 41.92 -1.84
CA ALA C 119 14.83 41.53 -0.55
C ALA C 119 15.37 40.16 -0.13
N LYS C 120 15.21 39.85 1.15
CA LYS C 120 15.72 38.63 1.75
C LYS C 120 14.64 37.57 1.83
N THR C 121 15.05 36.32 1.65
CA THR C 121 14.14 35.20 1.86
C THR C 121 13.71 35.16 3.31
N THR C 122 12.42 34.95 3.54
CA THR C 122 11.89 34.93 4.89
C THR C 122 10.82 33.84 4.97
N PRO C 123 10.88 32.98 5.97
CA PRO C 123 9.91 31.89 6.08
C PRO C 123 8.59 32.42 6.62
N PRO C 124 7.49 31.71 6.38
CA PRO C 124 6.18 32.20 6.80
C PRO C 124 5.88 31.88 8.25
N SER C 125 5.02 32.70 8.84
CA SER C 125 4.39 32.43 10.12
C SER C 125 2.98 31.92 9.87
N VAL C 126 2.64 30.77 10.45
CA VAL C 126 1.35 30.13 10.24
C VAL C 126 0.56 30.21 11.54
N TYR C 127 -0.54 30.96 11.51
CA TYR C 127 -1.40 31.16 12.66
C TYR C 127 -2.75 30.47 12.44
N PRO C 128 -3.27 29.75 13.41
CA PRO C 128 -4.58 29.12 13.25
C PRO C 128 -5.71 30.11 13.43
N LEU C 129 -6.79 29.90 12.69
CA LEU C 129 -8.00 30.71 12.77
C LEU C 129 -9.14 29.78 13.16
N ALA C 130 -9.51 29.80 14.44
CA ALA C 130 -10.58 28.98 14.98
C ALA C 130 -11.64 29.85 15.64
N PRO C 131 -12.91 29.45 15.58
CA PRO C 131 -14.01 30.22 16.18
C PRO C 131 -13.89 30.31 17.70
N ASN C 138 -25.02 26.81 11.68
CA ASN C 138 -24.51 25.94 12.74
C ASN C 138 -24.33 24.50 12.30
N SER C 139 -24.84 24.14 11.11
CA SER C 139 -24.58 22.81 10.60
C SER C 139 -23.20 22.72 9.96
N MET C 140 -22.63 23.86 9.58
CA MET C 140 -21.30 23.95 9.02
C MET C 140 -20.50 24.95 9.85
N VAL C 141 -19.19 24.73 9.89
CA VAL C 141 -18.26 25.57 10.62
C VAL C 141 -17.08 25.88 9.70
N THR C 142 -16.57 27.11 9.79
CA THR C 142 -15.46 27.57 8.97
C THR C 142 -14.22 27.76 9.84
N LEU C 143 -13.10 27.20 9.39
CA LEU C 143 -11.80 27.32 10.03
C LEU C 143 -10.80 27.90 9.03
N GLY C 144 -9.60 28.22 9.51
CA GLY C 144 -8.64 28.77 8.57
C GLY C 144 -7.22 28.79 9.09
N CYS C 145 -6.32 29.21 8.21
CA CYS C 145 -4.92 29.45 8.52
C CYS C 145 -4.49 30.77 7.89
N LEU C 146 -3.80 31.59 8.68
CA LEU C 146 -3.19 32.83 8.20
C LEU C 146 -1.69 32.59 8.00
N VAL C 147 -1.21 32.84 6.79
CA VAL C 147 0.19 32.64 6.42
C VAL C 147 0.78 34.02 6.16
N LYS C 148 1.52 34.56 7.14
CA LYS C 148 1.95 35.95 7.11
C LYS C 148 3.47 36.05 7.11
N GLY C 149 3.99 37.03 6.39
CA GLY C 149 5.38 37.42 6.51
C GLY C 149 6.40 36.52 5.83
N TYR C 150 6.13 36.07 4.62
CA TYR C 150 7.07 35.24 3.88
C TYR C 150 7.51 35.93 2.59
N PHE C 151 8.65 35.48 2.07
CA PHE C 151 9.21 35.99 0.82
C PHE C 151 10.26 35.01 0.33
N PRO C 152 10.32 34.72 -0.98
CA PRO C 152 9.37 35.20 -2.00
C PRO C 152 8.22 34.25 -2.25
N GLU C 153 7.46 34.52 -3.30
CA GLU C 153 6.43 33.58 -3.73
C GLU C 153 7.08 32.32 -4.29
N PRO C 154 6.38 31.18 -4.25
CA PRO C 154 5.05 31.00 -3.68
C PRO C 154 5.04 30.14 -2.41
N VAL C 155 3.85 29.94 -1.86
CA VAL C 155 3.61 28.90 -0.86
C VAL C 155 2.47 28.04 -1.38
N THR C 156 2.43 26.79 -0.95
CA THR C 156 1.34 25.89 -1.24
C THR C 156 0.59 25.57 0.05
N VAL C 157 -0.73 25.52 -0.04
CA VAL C 157 -1.58 25.27 1.12
C VAL C 157 -2.49 24.09 0.81
N THR C 158 -2.48 23.09 1.68
CA THR C 158 -3.42 21.98 1.62
C THR C 158 -4.09 21.81 2.98
N TRP C 159 -5.12 20.97 3.01
CA TRP C 159 -5.82 20.66 4.25
C TRP C 159 -5.87 19.16 4.44
N ASN C 160 -5.43 18.69 5.60
CA ASN C 160 -5.30 17.26 5.90
C ASN C 160 -4.54 16.53 4.80
N SER C 161 -3.37 17.09 4.44
CA SER C 161 -2.47 16.49 3.46
C SER C 161 -3.14 16.27 2.11
N GLY C 162 -4.03 17.19 1.73
CA GLY C 162 -4.66 17.14 0.43
C GLY C 162 -5.95 16.34 0.39
N SER C 163 -6.24 15.58 1.43
CA SER C 163 -7.47 14.79 1.48
C SER C 163 -8.69 15.64 1.80
N LEU C 164 -8.51 16.80 2.42
CA LEU C 164 -9.61 17.72 2.70
C LEU C 164 -9.57 18.81 1.63
N SER C 165 -10.27 18.55 0.53
CA SER C 165 -10.29 19.44 -0.63
C SER C 165 -11.60 20.17 -0.84
N SER C 166 -12.71 19.58 -0.40
CA SER C 166 -14.01 20.21 -0.59
C SER C 166 -14.21 21.37 0.39
N GLY C 167 -14.81 22.44 -0.10
CA GLY C 167 -15.08 23.58 0.76
C GLY C 167 -13.85 24.35 1.18
N VAL C 168 -12.83 24.42 0.32
CA VAL C 168 -11.59 25.12 0.62
C VAL C 168 -11.48 26.35 -0.26
N HIS C 169 -11.07 27.46 0.35
CA HIS C 169 -10.77 28.70 -0.36
C HIS C 169 -9.39 29.17 0.07
N THR C 170 -8.42 29.08 -0.83
CA THR C 170 -7.08 29.62 -0.60
C THR C 170 -6.93 30.89 -1.41
N PHE C 171 -6.67 31.99 -0.74
CA PHE C 171 -6.72 33.30 -1.34
C PHE C 171 -5.35 33.72 -1.86
N PRO C 172 -5.33 34.52 -2.93
CA PRO C 172 -4.05 35.03 -3.46
C PRO C 172 -3.29 35.84 -2.42
N ALA C 173 -1.97 35.82 -2.54
CA ALA C 173 -1.12 36.55 -1.60
C ALA C 173 -1.17 38.04 -1.88
N VAL C 174 -0.93 38.82 -0.82
CA VAL C 174 -0.84 40.27 -0.89
C VAL C 174 0.54 40.69 -0.42
N LEU C 175 1.15 41.63 -1.16
CA LEU C 175 2.51 42.09 -0.88
C LEU C 175 2.46 43.38 -0.07
N GLN C 176 3.27 43.44 0.98
CA GLN C 176 3.43 44.64 1.79
C GLN C 176 4.82 44.60 2.43
N SER C 177 5.58 45.69 2.25
CA SER C 177 6.89 45.83 2.88
C SER C 177 7.81 44.65 2.55
N ASP C 178 7.79 44.23 1.29
CA ASP C 178 8.59 43.09 0.81
C ASP C 178 8.25 41.79 1.53
N LEU C 179 7.01 41.65 2.00
CA LEU C 179 6.55 40.43 2.65
C LEU C 179 5.15 40.08 2.17
N TYR C 180 4.91 38.79 1.93
CA TYR C 180 3.63 38.32 1.43
C TYR C 180 2.76 37.78 2.57
N THR C 181 1.45 37.91 2.39
CA THR C 181 0.48 37.38 3.34
C THR C 181 -0.71 36.82 2.59
N LEU C 182 -1.14 35.61 2.97
CA LEU C 182 -2.36 35.03 2.42
C LEU C 182 -3.08 34.27 3.53
N SER C 183 -4.27 33.78 3.19
CA SER C 183 -5.08 33.03 4.13
C SER C 183 -5.76 31.88 3.39
N SER C 184 -6.22 30.91 4.17
CA SER C 184 -6.98 29.79 3.62
C SER C 184 -8.10 29.44 4.60
N SER C 185 -9.30 29.26 4.07
CA SER C 185 -10.45 28.85 4.86
C SER C 185 -10.93 27.50 4.37
N VAL C 186 -11.53 26.74 5.30
CA VAL C 186 -12.14 25.46 4.98
C VAL C 186 -13.43 25.34 5.77
N THR C 187 -14.47 24.83 5.14
CA THR C 187 -15.81 24.72 5.74
C THR C 187 -16.20 23.26 5.82
N VAL C 188 -16.50 22.79 7.02
CA VAL C 188 -16.81 21.38 7.25
C VAL C 188 -18.07 21.27 8.09
N PRO C 189 -18.73 20.12 8.07
CA PRO C 189 -19.89 19.93 8.96
C PRO C 189 -19.50 20.04 10.42
N SER C 190 -20.43 20.58 11.22
CA SER C 190 -20.17 20.81 12.64
C SER C 190 -20.03 19.51 13.43
N SER C 191 -20.60 18.41 12.94
CA SER C 191 -20.43 17.13 13.62
C SER C 191 -19.01 16.57 13.47
N THR C 192 -18.28 16.99 12.43
CA THR C 192 -16.95 16.47 12.16
C THR C 192 -15.86 17.23 12.88
N TRP C 193 -16.14 18.42 13.41
CA TRP C 193 -15.16 19.20 14.12
C TRP C 193 -15.77 19.75 15.40
N PRO C 194 -15.04 19.73 16.53
CA PRO C 194 -13.65 19.30 16.68
C PRO C 194 -13.47 17.80 16.89
N SER C 195 -14.54 17.02 16.69
CA SER C 195 -14.44 15.56 16.84
C SER C 195 -13.29 14.99 16.03
N GLU C 196 -13.34 15.20 14.72
CA GLU C 196 -12.25 14.80 13.84
C GLU C 196 -11.31 15.99 13.63
N THR C 197 -10.04 15.69 13.34
CA THR C 197 -9.02 16.71 13.26
C THR C 197 -8.99 17.40 11.90
N VAL C 198 -8.69 18.70 11.92
CA VAL C 198 -8.55 19.53 10.74
C VAL C 198 -7.19 20.22 10.83
N THR C 199 -6.35 20.02 9.82
CA THR C 199 -4.97 20.52 9.85
C THR C 199 -4.64 21.16 8.50
N CYS C 200 -4.02 22.34 8.55
CA CYS C 200 -3.53 23.00 7.35
C CYS C 200 -2.03 22.78 7.20
N ASN C 201 -1.60 22.59 5.95
CA ASN C 201 -0.21 22.34 5.62
C ASN C 201 0.26 23.44 4.67
N VAL C 202 1.30 24.15 5.07
CA VAL C 202 1.83 25.29 4.32
C VAL C 202 3.28 25.01 3.98
N ALA C 203 3.58 24.91 2.69
CA ALA C 203 4.93 24.67 2.21
C ALA C 203 5.49 25.94 1.56
N HIS C 204 6.70 26.31 1.94
CA HIS C 204 7.43 27.44 1.36
C HIS C 204 8.79 26.92 0.90
N PRO C 205 8.93 26.56 -0.37
CA PRO C 205 10.19 25.95 -0.84
C PRO C 205 11.37 26.90 -0.80
N ALA C 206 11.16 28.20 -1.02
CA ALA C 206 12.28 29.15 -1.07
C ALA C 206 13.05 29.18 0.23
N SER C 207 12.37 29.01 1.37
CA SER C 207 13.01 28.94 2.66
C SER C 207 13.18 27.49 3.14
N SER C 208 12.85 26.52 2.30
CA SER C 208 12.95 25.10 2.64
C SER C 208 12.17 24.79 3.92
N THR C 209 10.95 25.34 4.02
CA THR C 209 10.17 25.20 5.23
C THR C 209 8.80 24.59 4.92
N LYS C 210 8.29 23.80 5.84
CA LYS C 210 6.90 23.34 5.79
C LYS C 210 6.35 23.34 7.20
N VAL C 211 5.14 23.88 7.38
CA VAL C 211 4.52 24.03 8.69
C VAL C 211 3.12 23.42 8.65
N ASP C 212 2.83 22.57 9.62
CA ASP C 212 1.50 22.01 9.80
C ASP C 212 0.87 22.62 11.04
N LYS C 213 -0.38 23.02 10.93
CA LYS C 213 -1.11 23.65 12.03
C LYS C 213 -2.47 22.97 12.17
N LYS C 214 -2.67 22.27 13.28
CA LYS C 214 -3.96 21.69 13.58
C LYS C 214 -4.85 22.72 14.25
N ILE C 215 -6.08 22.87 13.75
CA ILE C 215 -7.02 23.84 14.27
C ILE C 215 -7.78 23.20 15.43
N VAL C 216 -7.69 23.82 16.61
CA VAL C 216 -8.33 23.30 17.81
C VAL C 216 -9.18 24.40 18.42
N PRO C 217 -10.27 24.07 19.13
CA PRO C 217 -11.14 25.13 19.67
C PRO C 217 -10.40 26.00 20.67
N ARG C 218 -10.92 27.20 20.89
CA ARG C 218 -10.24 28.18 21.71
C ARG C 218 -10.58 28.05 23.19
N ASP C 219 -9.56 28.22 24.02
CA ASP C 219 -9.65 28.26 25.47
C ASP C 219 -10.54 29.40 25.96
N PCA D 1 6.86 42.43 -34.53
CA PCA D 1 5.99 41.69 -33.63
CB PCA D 1 6.20 42.13 -32.19
CG PCA D 1 7.38 43.07 -32.18
CD PCA D 1 7.68 43.25 -33.63
OE PCA D 1 8.56 44.02 -34.02
C PCA D 1 4.51 41.83 -33.98
O PCA D 1 4.00 42.94 -34.12
N ILE D 2 3.83 40.70 -34.11
CA ILE D 2 2.39 40.68 -34.27
C ILE D 2 1.75 40.72 -32.89
N VAL D 3 0.96 41.75 -32.61
CA VAL D 3 0.29 41.90 -31.33
C VAL D 3 -1.15 41.45 -31.46
N LEU D 4 -1.59 40.61 -30.53
CA LEU D 4 -2.95 40.11 -30.51
C LEU D 4 -3.72 40.84 -29.43
N THR D 5 -4.94 41.30 -29.78
CA THR D 5 -5.77 42.08 -28.88
C THR D 5 -7.07 41.33 -28.66
N GLN D 6 -7.34 40.97 -27.41
CA GLN D 6 -8.54 40.25 -27.02
C GLN D 6 -9.43 41.21 -26.26
N SER D 7 -10.37 41.84 -26.96
CA SER D 7 -11.30 42.74 -26.32
C SER D 7 -12.71 42.15 -26.35
N PRO D 8 -13.46 42.27 -25.25
CA PRO D 8 -13.04 42.91 -24.00
C PRO D 8 -12.13 42.02 -23.14
N ALA D 9 -11.35 42.64 -22.26
CA ALA D 9 -10.46 41.88 -21.39
C ALA D 9 -11.24 41.02 -20.41
N ILE D 10 -12.45 41.44 -20.05
CA ILE D 10 -13.33 40.67 -19.18
C ILE D 10 -14.66 40.55 -19.89
N MET D 11 -15.32 39.42 -19.69
CA MET D 11 -16.58 39.16 -20.36
C MET D 11 -17.45 38.26 -19.51
N SER D 12 -18.69 38.68 -19.29
CA SER D 12 -19.66 37.88 -18.56
C SER D 12 -20.59 37.20 -19.56
N ALA D 13 -21.15 36.08 -19.16
CA ALA D 13 -21.96 35.29 -20.06
C ALA D 13 -23.01 34.51 -19.28
N PHE D 14 -24.16 34.32 -19.90
CA PHE D 14 -25.30 33.62 -19.35
C PHE D 14 -25.18 32.12 -19.60
N PRO D 15 -25.76 31.30 -18.73
CA PRO D 15 -25.77 29.85 -18.99
C PRO D 15 -26.56 29.52 -20.26
N GLY D 16 -25.95 28.72 -21.13
CA GLY D 16 -26.55 28.38 -22.40
C GLY D 16 -26.34 29.39 -23.50
N GLU D 17 -25.77 30.54 -23.19
CA GLU D 17 -25.57 31.58 -24.18
C GLU D 17 -24.46 31.18 -25.14
N ARG D 18 -24.63 31.52 -26.41
CA ARG D 18 -23.56 31.34 -27.39
C ARG D 18 -22.54 32.44 -27.16
N VAL D 19 -21.35 32.07 -26.72
CA VAL D 19 -20.31 33.03 -26.39
C VAL D 19 -19.26 33.00 -27.48
N THR D 20 -18.68 34.16 -27.77
CA THR D 20 -17.65 34.27 -28.78
C THR D 20 -16.59 35.23 -28.28
N LEU D 21 -15.33 34.82 -28.40
CA LEU D 21 -14.17 35.62 -28.02
C LEU D 21 -13.37 35.89 -29.27
N THR D 22 -12.86 37.12 -29.39
CA THR D 22 -12.21 37.57 -30.60
C THR D 22 -10.73 37.82 -30.37
N CYS D 23 -9.96 37.70 -31.44
CA CYS D 23 -8.51 37.89 -31.40
C CYS D 23 -8.10 38.57 -32.70
N SER D 24 -7.50 39.76 -32.59
CA SER D 24 -7.14 40.59 -33.73
C SER D 24 -5.63 40.81 -33.74
N ALA D 25 -5.01 40.55 -34.88
CA ALA D 25 -3.57 40.66 -35.06
C ALA D 25 -3.19 41.97 -35.75
N SER D 26 -1.95 42.40 -35.50
CA SER D 26 -1.42 43.58 -36.16
C SER D 26 -0.98 43.30 -37.59
N SER D 27 -0.95 42.03 -37.99
CA SER D 27 -0.62 41.62 -39.35
C SER D 27 -1.44 40.37 -39.66
N SER D 28 -1.17 39.76 -40.81
CA SER D 28 -1.87 38.54 -41.18
C SER D 28 -1.22 37.36 -40.47
N VAL D 29 -2.05 36.44 -39.99
CA VAL D 29 -1.57 35.23 -39.32
C VAL D 29 -2.10 34.02 -40.06
N ARG D 30 -1.20 33.09 -40.39
CA ARG D 30 -1.60 31.85 -41.06
C ARG D 30 -2.42 30.97 -40.12
N SER D 31 -3.55 30.48 -40.63
CA SER D 31 -4.51 29.77 -39.79
C SER D 31 -3.90 28.54 -39.13
N SER D 32 -2.90 27.92 -39.74
CA SER D 32 -2.27 26.75 -39.14
C SER D 32 -1.58 27.07 -37.82
N TYR D 33 -1.16 28.32 -37.64
CA TYR D 33 -0.34 28.71 -36.50
C TYR D 33 -1.05 29.73 -35.61
N LEU D 34 -2.37 29.60 -35.49
CA LEU D 34 -3.17 30.37 -34.54
C LEU D 34 -3.88 29.40 -33.62
N CYS D 35 -3.60 29.50 -32.32
CA CYS D 35 -4.15 28.54 -31.37
C CYS D 35 -4.72 29.27 -30.16
N TRP D 36 -5.54 28.55 -29.40
CA TRP D 36 -6.19 29.04 -28.20
C TRP D 36 -5.85 28.13 -27.03
N TYR D 37 -5.53 28.76 -25.89
CA TYR D 37 -5.23 28.09 -24.64
C TYR D 37 -6.25 28.50 -23.59
N GLN D 38 -6.61 27.54 -22.73
CA GLN D 38 -7.42 27.81 -21.56
C GLN D 38 -6.54 27.75 -20.32
N GLN D 39 -6.79 28.65 -19.37
CA GLN D 39 -6.08 28.66 -18.10
C GLN D 39 -7.05 28.95 -16.97
N LYS D 40 -7.02 28.11 -15.95
CA LYS D 40 -7.68 28.27 -14.68
C LYS D 40 -6.65 28.57 -13.60
N PRO D 41 -6.98 29.42 -12.62
CA PRO D 41 -5.96 29.84 -11.65
C PRO D 41 -5.36 28.66 -10.89
N GLY D 42 -4.06 28.76 -10.62
CA GLY D 42 -3.33 27.68 -10.00
C GLY D 42 -2.95 26.54 -10.91
N SER D 43 -3.03 26.73 -12.23
CA SER D 43 -2.71 25.67 -13.18
C SER D 43 -2.12 26.29 -14.43
N SER D 44 -1.33 25.49 -15.14
CA SER D 44 -0.69 25.95 -16.37
C SER D 44 -1.71 26.07 -17.49
N PRO D 45 -1.43 26.93 -18.49
CA PRO D 45 -2.28 26.95 -19.69
C PRO D 45 -2.27 25.62 -20.41
N LYS D 46 -3.42 25.26 -20.98
CA LYS D 46 -3.58 24.02 -21.71
C LYS D 46 -4.02 24.32 -23.13
N LEU D 47 -3.37 23.69 -24.10
CA LEU D 47 -3.75 23.85 -25.50
C LEU D 47 -5.21 23.44 -25.67
N TRP D 48 -6.04 24.38 -26.11
CA TRP D 48 -7.48 24.15 -26.24
C TRP D 48 -7.89 23.95 -27.68
N ILE D 49 -7.43 24.82 -28.58
CA ILE D 49 -7.69 24.70 -30.01
C ILE D 49 -6.40 24.97 -30.76
N TYR D 50 -6.06 24.11 -31.72
CA TYR D 50 -4.89 24.32 -32.54
C TYR D 50 -5.32 24.48 -34.00
N SER D 51 -4.48 25.19 -34.78
CA SER D 51 -4.77 25.48 -36.18
C SER D 51 -6.18 26.05 -36.35
N THR D 52 -6.45 27.13 -35.61
CA THR D 52 -7.68 27.91 -35.71
C THR D 52 -8.92 27.17 -35.23
N SER D 53 -9.16 25.95 -35.72
CA SER D 53 -10.43 25.29 -35.51
C SER D 53 -10.37 23.86 -35.00
N ASN D 54 -9.19 23.30 -34.74
CA ASN D 54 -9.05 21.90 -34.35
C ASN D 54 -9.00 21.79 -32.82
N LEU D 55 -9.98 21.09 -32.25
CA LEU D 55 -10.03 20.90 -30.81
C LEU D 55 -8.97 19.92 -30.35
N ALA D 56 -8.27 20.28 -29.26
CA ALA D 56 -7.36 19.34 -28.64
C ALA D 56 -8.14 18.22 -27.93
N SER D 57 -7.44 17.17 -27.56
CA SER D 57 -8.07 16.04 -26.90
C SER D 57 -8.57 16.45 -25.51
N GLY D 58 -9.78 16.01 -25.17
CA GLY D 58 -10.40 16.35 -23.92
C GLY D 58 -11.30 17.57 -23.95
N VAL D 59 -11.16 18.41 -24.97
CA VAL D 59 -12.00 19.61 -25.08
C VAL D 59 -13.41 19.19 -25.49
N PRO D 60 -14.45 19.64 -24.78
CA PRO D 60 -15.82 19.21 -25.12
C PRO D 60 -16.23 19.69 -26.51
N ALA D 61 -17.21 18.98 -27.07
CA ALA D 61 -17.63 19.24 -28.44
C ALA D 61 -18.30 20.61 -28.61
N ARG D 62 -18.83 21.18 -27.53
CA ARG D 62 -19.49 22.49 -27.61
C ARG D 62 -18.52 23.61 -27.95
N PHE D 63 -17.22 23.37 -27.90
CA PHE D 63 -16.23 24.37 -28.30
C PHE D 63 -15.96 24.29 -29.80
N SER D 64 -15.60 25.43 -30.37
CA SER D 64 -15.24 25.49 -31.77
C SER D 64 -14.36 26.72 -32.00
N GLY D 65 -13.60 26.67 -33.10
CA GLY D 65 -12.77 27.79 -33.47
C GLY D 65 -13.01 28.18 -34.91
N SER D 66 -12.70 29.43 -35.23
CA SER D 66 -12.96 29.95 -36.57
C SER D 66 -12.09 31.19 -36.78
N GLY D 67 -12.01 31.62 -38.03
CA GLY D 67 -11.34 32.85 -38.37
C GLY D 67 -10.30 32.65 -39.45
N SER D 68 -9.66 33.76 -39.82
CA SER D 68 -8.65 33.76 -40.87
C SER D 68 -7.95 35.10 -40.89
N GLY D 69 -6.79 35.13 -41.55
CA GLY D 69 -6.04 36.34 -41.83
C GLY D 69 -5.70 37.20 -40.64
N THR D 70 -6.62 38.10 -40.27
CA THR D 70 -6.40 39.06 -39.20
C THR D 70 -7.46 39.03 -38.12
N SER D 71 -8.44 38.14 -38.21
CA SER D 71 -9.54 38.06 -37.25
C SER D 71 -9.83 36.61 -36.95
N TYR D 72 -9.75 36.23 -35.67
CA TYR D 72 -10.06 34.87 -35.26
C TYR D 72 -11.02 34.91 -34.07
N SER D 73 -11.66 33.77 -33.81
CA SER D 73 -12.66 33.70 -32.77
C SER D 73 -12.77 32.29 -32.22
N LEU D 74 -13.08 32.22 -30.93
CA LEU D 74 -13.42 30.99 -30.24
C LEU D 74 -14.89 31.06 -29.83
N THR D 75 -15.61 29.95 -29.98
CA THR D 75 -17.05 29.94 -29.77
C THR D 75 -17.43 28.79 -28.85
N ILE D 76 -18.23 29.09 -27.84
CA ILE D 76 -18.83 28.09 -26.96
C ILE D 76 -20.30 27.97 -27.32
N SER D 77 -20.76 26.74 -27.56
CA SER D 77 -22.13 26.54 -28.01
C SER D 77 -23.14 26.79 -26.89
N SER D 78 -23.05 26.01 -25.81
CA SER D 78 -23.92 26.16 -24.65
C SER D 78 -23.04 26.37 -23.44
N MET D 79 -23.01 27.58 -22.91
CA MET D 79 -22.15 27.92 -21.79
C MET D 79 -22.47 27.07 -20.57
N GLU D 80 -21.42 26.52 -19.94
CA GLU D 80 -21.54 25.74 -18.72
C GLU D 80 -20.58 26.30 -17.68
N ALA D 81 -20.72 25.81 -16.44
CA ALA D 81 -19.94 26.35 -15.34
C ALA D 81 -18.45 26.10 -15.54
N GLU D 82 -18.09 24.87 -15.91
CA GLU D 82 -16.68 24.51 -16.04
C GLU D 82 -15.97 25.25 -17.16
N ASP D 83 -16.68 26.00 -18.00
CA ASP D 83 -16.04 26.75 -19.07
C ASP D 83 -15.56 28.13 -18.62
N ALA D 84 -15.90 28.55 -17.41
CA ALA D 84 -15.47 29.84 -16.88
C ALA D 84 -13.99 29.78 -16.55
N ALA D 85 -13.19 30.53 -17.30
CA ALA D 85 -11.72 30.52 -17.17
C ALA D 85 -11.18 31.66 -18.04
N SER D 86 -9.86 31.77 -18.06
CA SER D 86 -9.20 32.72 -18.95
C SER D 86 -8.85 32.01 -20.25
N TYR D 87 -8.98 32.72 -21.36
CA TYR D 87 -8.70 32.17 -22.68
C TYR D 87 -7.74 33.09 -23.41
N PHE D 88 -6.61 32.54 -23.85
CA PHE D 88 -5.57 33.30 -24.53
C PHE D 88 -5.45 32.81 -25.97
N CYS D 89 -5.36 33.74 -26.92
CA CYS D 89 -4.97 33.38 -28.26
C CYS D 89 -3.46 33.57 -28.42
N HIS D 90 -2.88 32.80 -29.34
CA HIS D 90 -1.44 32.77 -29.49
C HIS D 90 -1.13 32.50 -30.96
N GLN D 91 -0.10 33.18 -31.47
CA GLN D 91 0.34 33.02 -32.85
C GLN D 91 1.81 32.70 -32.87
N TRP D 92 2.20 31.81 -33.79
CA TRP D 92 3.60 31.53 -34.08
C TRP D 92 3.82 31.46 -35.58
N SER D 93 3.02 32.20 -36.34
CA SER D 93 3.22 32.31 -37.79
C SER D 93 4.45 33.15 -38.11
N SER D 94 4.65 34.25 -37.38
CA SER D 94 5.84 35.08 -37.51
C SER D 94 6.50 35.21 -36.14
N TYR D 95 7.80 34.96 -36.10
CA TYR D 95 8.49 35.05 -34.82
C TYR D 95 8.94 36.48 -34.54
N PRO D 96 9.07 36.89 -33.27
CA PRO D 96 8.85 36.08 -32.05
C PRO D 96 7.38 35.71 -31.81
N ARG D 97 7.18 34.58 -31.13
CA ARG D 97 5.85 34.14 -30.77
C ARG D 97 5.24 35.07 -29.74
N THR D 98 3.96 35.40 -29.91
CA THR D 98 3.29 36.39 -29.08
C THR D 98 1.94 35.86 -28.63
N PHE D 99 1.52 36.32 -27.44
CA PHE D 99 0.24 35.98 -26.86
C PHE D 99 -0.67 37.19 -26.86
N GLY D 100 -1.98 36.93 -26.81
CA GLY D 100 -2.93 37.96 -26.54
C GLY D 100 -3.00 38.29 -25.07
N GLY D 101 -3.67 39.39 -24.76
CA GLY D 101 -3.83 39.78 -23.36
C GLY D 101 -4.70 38.85 -22.55
N GLY D 102 -5.53 38.05 -23.20
CA GLY D 102 -6.40 37.14 -22.49
C GLY D 102 -7.75 37.75 -22.17
N THR D 103 -8.76 36.89 -22.08
CA THR D 103 -10.12 37.30 -21.75
C THR D 103 -10.62 36.47 -20.59
N LYS D 104 -10.96 37.12 -19.49
CA LYS D 104 -11.54 36.46 -18.33
C LYS D 104 -13.03 36.22 -18.60
N LEU D 105 -13.44 34.95 -18.56
CA LEU D 105 -14.82 34.55 -18.84
C LEU D 105 -15.47 34.04 -17.57
N GLU D 106 -16.55 34.69 -17.14
CA GLU D 106 -17.29 34.33 -15.95
C GLU D 106 -18.71 33.94 -16.32
N ILE D 107 -19.28 33.02 -15.53
CA ILE D 107 -20.65 32.56 -15.74
C ILE D 107 -21.55 33.23 -14.71
N LYS D 108 -22.82 33.39 -15.08
CA LYS D 108 -23.82 33.98 -14.21
C LYS D 108 -24.62 32.89 -13.51
N ARG D 109 -25.16 33.24 -12.34
CA ARG D 109 -25.98 32.32 -11.56
C ARG D 109 -26.86 33.15 -10.64
N ALA D 110 -27.76 32.47 -9.92
CA ALA D 110 -28.68 33.16 -9.01
C ALA D 110 -27.87 33.78 -7.87
N ASP D 111 -28.01 35.09 -7.70
CA ASP D 111 -27.25 35.83 -6.69
C ASP D 111 -27.40 35.20 -5.30
N ALA D 112 -26.32 35.23 -4.53
CA ALA D 112 -26.26 34.63 -3.21
C ALA D 112 -25.47 35.51 -2.26
N ALA D 113 -25.92 35.57 -1.00
CA ALA D 113 -25.29 36.40 0.00
C ALA D 113 -24.07 35.72 0.60
N PRO D 114 -23.04 36.50 0.97
CA PRO D 114 -21.81 35.90 1.49
C PRO D 114 -21.96 35.34 2.90
N THR D 115 -21.29 34.21 3.13
CA THR D 115 -21.12 33.68 4.48
C THR D 115 -19.93 34.37 5.12
N VAL D 116 -20.19 35.09 6.22
CA VAL D 116 -19.17 35.91 6.87
C VAL D 116 -18.72 35.21 8.15
N SER D 117 -17.40 35.17 8.35
CA SER D 117 -16.81 34.56 9.53
C SER D 117 -15.65 35.43 10.03
N ILE D 118 -15.62 35.69 11.34
CA ILE D 118 -14.58 36.53 11.93
C ILE D 118 -13.73 35.68 12.88
N PHE D 119 -12.45 36.00 12.92
CA PHE D 119 -11.45 35.27 13.70
C PHE D 119 -10.53 36.27 14.41
N PRO D 120 -10.40 36.15 15.73
CA PRO D 120 -9.50 37.03 16.48
C PRO D 120 -8.05 36.61 16.31
N PRO D 121 -7.10 37.42 16.76
CA PRO D 121 -5.69 37.02 16.67
C PRO D 121 -5.40 35.78 17.50
N SER D 122 -4.48 34.96 16.99
CA SER D 122 -4.03 33.78 17.70
C SER D 122 -3.02 34.18 18.77
N SER D 123 -2.90 33.33 19.79
CA SER D 123 -1.94 33.58 20.86
C SER D 123 -0.52 33.60 20.33
N GLU D 124 -0.21 32.77 19.32
CA GLU D 124 1.13 32.75 18.76
C GLU D 124 1.52 34.11 18.21
N GLN D 125 0.65 34.70 17.37
CA GLN D 125 0.95 36.01 16.80
C GLN D 125 1.02 37.09 17.88
N LEU D 126 0.23 36.94 18.95
CA LEU D 126 0.34 37.86 20.07
C LEU D 126 1.71 37.78 20.72
N THR D 127 2.24 36.57 20.90
CA THR D 127 3.57 36.39 21.47
C THR D 127 4.65 37.13 20.68
N SER D 128 4.41 37.37 19.39
CA SER D 128 5.38 38.04 18.54
C SER D 128 5.11 39.54 18.40
N GLY D 129 4.14 40.07 19.13
CA GLY D 129 3.88 41.49 19.10
C GLY D 129 3.01 41.98 17.96
N GLY D 130 2.27 41.08 17.31
CA GLY D 130 1.32 41.48 16.29
C GLY D 130 -0.05 40.93 16.59
N ALA D 131 -1.06 41.48 15.92
CA ALA D 131 -2.43 41.04 16.11
C ALA D 131 -3.19 41.22 14.81
N SER D 132 -3.55 40.11 14.17
CA SER D 132 -4.31 40.14 12.93
C SER D 132 -5.70 39.56 13.16
N VAL D 133 -6.72 40.33 12.79
CA VAL D 133 -8.11 39.88 12.82
C VAL D 133 -8.53 39.56 11.40
N VAL D 134 -9.08 38.36 11.19
CA VAL D 134 -9.35 37.87 9.84
C VAL D 134 -10.87 37.74 9.65
N CYS D 135 -11.34 38.06 8.45
CA CYS D 135 -12.75 37.98 8.10
C CYS D 135 -12.89 37.36 6.73
N PHE D 136 -13.60 36.23 6.66
CA PHE D 136 -13.89 35.54 5.41
C PHE D 136 -15.31 35.87 4.95
N LEU D 137 -15.45 36.24 3.68
CA LEU D 137 -16.73 36.50 3.04
C LEU D 137 -16.79 35.51 1.86
N ASN D 138 -17.41 34.35 2.10
CA ASN D 138 -17.30 33.21 1.20
C ASN D 138 -18.60 32.94 0.44
N ASN D 139 -18.47 32.51 -0.81
CA ASN D 139 -19.55 31.94 -1.60
C ASN D 139 -20.69 32.95 -1.80
N PHE D 140 -20.39 33.96 -2.60
CA PHE D 140 -21.36 34.99 -2.96
C PHE D 140 -21.23 35.30 -4.45
N TYR D 141 -22.31 35.87 -5.01
CA TYR D 141 -22.35 36.35 -6.40
C TYR D 141 -23.30 37.53 -6.42
N PRO D 142 -22.98 38.62 -7.14
CA PRO D 142 -21.81 38.90 -7.98
C PRO D 142 -20.52 39.24 -7.23
N LYS D 143 -19.46 39.55 -7.99
CA LYS D 143 -18.15 39.77 -7.37
C LYS D 143 -18.09 41.06 -6.56
N ASP D 144 -18.90 42.07 -6.91
CA ASP D 144 -18.86 43.33 -6.19
C ASP D 144 -19.37 43.16 -4.76
N ILE D 145 -18.53 43.57 -3.80
CA ILE D 145 -18.84 43.44 -2.38
C ILE D 145 -17.96 44.43 -1.66
N ASN D 146 -18.43 44.93 -0.53
CA ASN D 146 -17.65 45.87 0.26
C ASN D 146 -17.56 45.36 1.69
N VAL D 147 -16.42 45.63 2.33
CA VAL D 147 -16.20 45.26 3.72
C VAL D 147 -15.70 46.48 4.46
N LYS D 148 -16.10 46.61 5.72
CA LYS D 148 -15.53 47.64 6.57
C LYS D 148 -15.34 47.11 7.97
N TRP D 149 -14.27 47.58 8.61
CA TRP D 149 -13.91 47.20 9.95
C TRP D 149 -14.27 48.31 10.92
N LYS D 150 -14.73 47.93 12.12
CA LYS D 150 -15.01 48.88 13.17
C LYS D 150 -14.34 48.40 14.45
N ILE D 151 -13.63 49.32 15.10
CA ILE D 151 -13.02 49.08 16.39
C ILE D 151 -13.77 49.96 17.39
N ASP D 152 -14.48 49.32 18.32
CA ASP D 152 -15.30 50.02 19.30
C ASP D 152 -16.23 51.03 18.62
N GLY D 153 -16.80 50.63 17.47
CA GLY D 153 -17.72 51.45 16.73
C GLY D 153 -17.08 52.41 15.73
N SER D 154 -15.78 52.64 15.82
CA SER D 154 -15.11 53.59 14.94
C SER D 154 -14.57 52.88 13.71
N GLU D 155 -14.91 53.40 12.53
CA GLU D 155 -14.44 52.79 11.29
C GLU D 155 -12.92 52.86 11.19
N ARG D 156 -12.33 51.75 10.75
CA ARG D 156 -10.89 51.66 10.53
C ARG D 156 -10.62 51.31 9.07
N GLN D 157 -9.64 52.00 8.48
CA GLN D 157 -9.31 51.80 7.08
C GLN D 157 -7.84 51.57 6.81
N ASN D 158 -6.97 51.72 7.81
CA ASN D 158 -5.54 51.53 7.66
C ASN D 158 -5.12 50.24 8.34
N GLY D 159 -4.28 49.46 7.66
CA GLY D 159 -3.90 48.15 8.15
C GLY D 159 -4.78 47.02 7.65
N VAL D 160 -5.60 47.26 6.63
CA VAL D 160 -6.50 46.27 6.07
C VAL D 160 -5.92 45.78 4.75
N LEU D 161 -5.87 44.47 4.56
CA LEU D 161 -5.44 43.86 3.32
C LEU D 161 -6.55 42.93 2.83
N ASN D 162 -6.99 43.12 1.60
CA ASN D 162 -8.07 42.34 1.02
C ASN D 162 -7.54 41.46 -0.11
N SER D 163 -8.22 40.34 -0.34
CA SER D 163 -7.85 39.42 -1.40
C SER D 163 -9.09 38.71 -1.90
N TRP D 164 -9.20 38.56 -3.22
CA TRP D 164 -10.37 37.97 -3.86
C TRP D 164 -9.97 36.73 -4.64
N THR D 165 -10.81 35.71 -4.60
CA THR D 165 -10.63 34.53 -5.43
C THR D 165 -11.35 34.71 -6.75
N ASP D 166 -10.91 33.94 -7.75
CA ASP D 166 -11.63 33.90 -9.01
C ASP D 166 -12.87 33.03 -8.85
N GLN D 167 -13.69 32.98 -9.90
CA GLN D 167 -14.95 32.28 -9.82
C GLN D 167 -14.73 30.80 -9.58
N ASP D 168 -15.46 30.26 -8.60
CA ASP D 168 -15.41 28.84 -8.33
C ASP D 168 -16.00 28.09 -9.52
N SER D 169 -15.41 26.93 -9.83
CA SER D 169 -15.84 26.18 -11.01
C SER D 169 -17.08 25.35 -10.78
N LYS D 170 -17.41 25.04 -9.54
CA LYS D 170 -18.52 24.12 -9.29
C LYS D 170 -19.83 24.82 -8.95
N ASP D 171 -19.80 25.87 -8.12
CA ASP D 171 -21.00 26.60 -7.74
C ASP D 171 -20.98 28.04 -8.23
N SER D 172 -19.93 28.44 -8.94
CA SER D 172 -19.88 29.72 -9.64
C SER D 172 -19.89 30.92 -8.70
N THR D 173 -19.48 30.75 -7.45
CA THR D 173 -19.47 31.83 -6.48
C THR D 173 -18.09 32.48 -6.40
N TYR D 174 -18.01 33.55 -5.61
CA TYR D 174 -16.77 34.25 -5.33
C TYR D 174 -16.53 34.31 -3.82
N SER D 175 -15.29 34.60 -3.44
CA SER D 175 -14.93 34.69 -2.04
C SER D 175 -13.89 35.78 -1.86
N MET D 176 -13.83 36.30 -0.63
CA MET D 176 -12.93 37.39 -0.30
C MET D 176 -12.44 37.22 1.13
N SER D 177 -11.22 37.67 1.38
CA SER D 177 -10.61 37.61 2.70
C SER D 177 -10.08 39.00 3.06
N SER D 178 -10.40 39.45 4.26
CA SER D 178 -9.95 40.75 4.77
C SER D 178 -9.17 40.53 6.06
N THR D 179 -7.98 41.12 6.14
CA THR D 179 -7.12 40.96 7.30
C THR D 179 -6.77 42.35 7.83
N LEU D 180 -7.20 42.64 9.06
CA LEU D 180 -6.86 43.88 9.74
C LEU D 180 -5.72 43.61 10.71
N THR D 181 -4.57 44.23 10.46
CA THR D 181 -3.37 43.99 11.26
C THR D 181 -3.07 45.20 12.12
N LEU D 182 -2.86 44.96 13.42
CA LEU D 182 -2.52 45.96 14.40
C LEU D 182 -1.31 45.47 15.17
N THR D 183 -0.69 46.38 15.91
CA THR D 183 0.29 45.94 16.89
C THR D 183 -0.44 45.43 18.13
N LYS D 184 0.30 44.67 18.95
CA LYS D 184 -0.31 44.10 20.15
C LYS D 184 -0.92 45.17 21.05
N ASP D 185 -0.22 46.30 21.21
CA ASP D 185 -0.71 47.35 22.10
C ASP D 185 -2.09 47.85 21.67
N GLU D 186 -2.23 48.31 20.43
CA GLU D 186 -3.51 48.79 19.95
C GLU D 186 -4.61 47.77 20.15
N TYR D 187 -4.32 46.50 19.84
CA TYR D 187 -5.32 45.45 20.00
C TYR D 187 -5.74 45.32 21.46
N GLU D 188 -4.78 45.32 22.38
CA GLU D 188 -5.12 45.20 23.79
C GLU D 188 -5.81 46.45 24.33
N ARG D 189 -5.74 47.55 23.59
CA ARG D 189 -6.32 48.84 23.99
C ARG D 189 -7.79 49.00 23.62
N HIS D 190 -8.41 48.01 22.97
CA HIS D 190 -9.81 48.11 22.57
C HIS D 190 -10.49 46.78 22.83
N ASN D 191 -11.82 46.76 22.71
CA ASN D 191 -12.60 45.57 23.03
C ASN D 191 -13.38 45.03 21.83
N SER D 192 -14.22 45.84 21.19
CA SER D 192 -15.14 45.35 20.18
C SER D 192 -14.51 45.45 18.80
N TYR D 193 -14.45 44.32 18.10
CA TYR D 193 -13.93 44.27 16.73
C TYR D 193 -15.03 43.74 15.83
N THR D 194 -15.32 44.47 14.76
CA THR D 194 -16.50 44.26 13.93
C THR D 194 -16.12 44.24 12.46
N CYS D 195 -16.65 43.27 11.73
CA CYS D 195 -16.49 43.13 10.29
C CYS D 195 -17.89 43.19 9.66
N GLU D 196 -18.10 44.13 8.76
CA GLU D 196 -19.40 44.33 8.14
C GLU D 196 -19.28 44.18 6.64
N ALA D 197 -20.18 43.40 6.05
CA ALA D 197 -20.18 43.06 4.64
C ALA D 197 -21.42 43.63 3.99
N THR D 198 -21.21 44.47 2.97
CA THR D 198 -22.29 45.04 2.18
C THR D 198 -22.29 44.36 0.82
N HIS D 199 -23.43 43.78 0.45
CA HIS D 199 -23.56 43.02 -0.78
C HIS D 199 -24.92 43.33 -1.40
N LYS D 200 -25.00 43.08 -2.71
CA LYS D 200 -26.17 43.39 -3.53
C LYS D 200 -27.43 42.63 -3.10
N THR D 201 -27.32 41.75 -2.10
CA THR D 201 -28.45 40.90 -1.72
C THR D 201 -29.19 41.38 -0.47
N SER D 202 -28.71 42.43 0.19
CA SER D 202 -29.44 42.97 1.34
C SER D 202 -29.10 44.43 1.52
N THR D 203 -30.06 45.19 2.07
CA THR D 203 -29.82 46.60 2.34
C THR D 203 -28.97 46.78 3.60
N SER D 204 -29.22 45.98 4.63
CA SER D 204 -28.36 46.09 5.80
C SER D 204 -27.22 45.08 5.72
N PRO D 205 -26.01 45.47 6.12
CA PRO D 205 -24.86 44.57 5.98
C PRO D 205 -24.92 43.40 6.94
N ILE D 206 -24.22 42.33 6.56
CA ILE D 206 -24.01 41.21 7.46
C ILE D 206 -22.87 41.58 8.41
N VAL D 207 -23.11 41.45 9.72
CA VAL D 207 -22.19 41.94 10.72
C VAL D 207 -21.73 40.76 11.58
N LYS D 208 -20.40 40.64 11.72
CA LYS D 208 -19.82 39.66 12.63
C LYS D 208 -18.85 40.38 13.55
N SER D 209 -18.97 40.16 14.85
CA SER D 209 -18.18 40.91 15.81
C SER D 209 -17.68 39.97 16.90
N PHE D 210 -16.70 40.46 17.65
CA PHE D 210 -16.24 39.75 18.84
C PHE D 210 -15.65 40.75 19.82
N ASN D 211 -15.64 40.35 21.08
CA ASN D 211 -15.08 41.14 22.17
C ASN D 211 -13.82 40.45 22.67
N ARG D 212 -12.82 41.25 23.04
CA ARG D 212 -11.57 40.70 23.55
C ARG D 212 -11.80 39.82 24.77
N ASN D 213 -12.95 39.93 25.41
CA ASN D 213 -13.32 39.14 26.57
C ASN D 213 -13.68 37.71 26.16
N GLU E 1 12.46 -17.59 29.73
CA GLU E 1 11.35 -18.13 28.96
C GLU E 1 10.76 -19.37 29.63
N VAL E 2 9.53 -19.70 29.29
CA VAL E 2 8.90 -20.92 29.78
C VAL E 2 9.45 -22.11 29.01
N LYS E 3 9.79 -23.18 29.72
CA LYS E 3 10.34 -24.38 29.10
C LYS E 3 9.74 -25.62 29.76
N LEU E 4 9.35 -26.58 28.92
CA LEU E 4 8.77 -27.85 29.36
C LEU E 4 9.50 -28.98 28.65
N GLU E 5 10.33 -29.71 29.38
CA GLU E 5 11.12 -30.80 28.82
C GLU E 5 10.45 -32.11 29.18
N GLU E 6 9.94 -32.82 28.18
CA GLU E 6 9.24 -34.09 28.41
C GLU E 6 10.12 -35.28 28.05
N SER E 7 9.87 -36.40 28.71
CA SER E 7 10.63 -37.62 28.51
C SER E 7 9.79 -38.81 28.94
N GLY E 8 10.31 -40.01 28.64
CA GLY E 8 9.64 -41.24 28.96
C GLY E 8 8.98 -41.95 27.80
N GLY E 9 9.03 -41.37 26.60
CA GLY E 9 8.45 -42.01 25.43
C GLY E 9 9.28 -43.19 24.97
N GLY E 10 8.86 -43.75 23.84
CA GLY E 10 9.52 -44.89 23.24
C GLY E 10 8.56 -46.00 22.89
N LEU E 11 9.07 -47.23 22.83
CA LEU E 11 8.31 -48.38 22.37
C LEU E 11 7.88 -49.22 23.57
N VAL E 12 6.63 -49.67 23.55
CA VAL E 12 6.11 -50.52 24.61
C VAL E 12 5.15 -51.54 24.00
N GLN E 13 5.22 -52.77 24.50
CA GLN E 13 4.34 -53.81 24.02
C GLN E 13 2.91 -53.58 24.55
N PRO E 14 1.90 -54.04 23.82
CA PRO E 14 0.52 -53.86 24.30
C PRO E 14 0.32 -54.52 25.65
N GLY E 15 -0.43 -53.84 26.52
CA GLY E 15 -0.61 -54.28 27.88
C GLY E 15 0.45 -53.82 28.85
N GLY E 16 1.57 -53.29 28.35
CA GLY E 16 2.64 -52.82 29.21
C GLY E 16 2.35 -51.46 29.82
N SER E 17 3.33 -50.96 30.56
CA SER E 17 3.20 -49.71 31.30
C SER E 17 4.35 -48.77 30.96
N MET E 18 4.10 -47.48 31.16
CA MET E 18 5.10 -46.45 30.90
C MET E 18 4.76 -45.21 31.69
N LYS E 19 5.78 -44.47 32.11
CA LYS E 19 5.57 -43.21 32.83
C LYS E 19 6.20 -42.07 32.04
N LEU E 20 5.40 -41.07 31.71
CA LEU E 20 5.89 -39.86 31.07
C LEU E 20 6.16 -38.78 32.11
N SER E 21 7.30 -38.12 31.98
CA SER E 21 7.70 -37.05 32.88
C SER E 21 7.81 -35.74 32.11
N CYS E 22 7.57 -34.64 32.81
CA CYS E 22 7.69 -33.30 32.22
C CYS E 22 8.27 -32.36 33.26
N ALA E 23 9.49 -31.90 33.03
CA ALA E 23 10.18 -30.97 33.92
C ALA E 23 9.97 -29.55 33.42
N ALA E 24 9.44 -28.69 34.28
CA ALA E 24 9.10 -27.32 33.92
C ALA E 24 10.12 -26.33 34.48
N SER E 25 10.23 -25.19 33.80
CA SER E 25 11.08 -24.10 34.26
C SER E 25 10.63 -22.81 33.60
N GLY E 26 11.05 -21.69 34.18
CA GLY E 26 10.77 -20.39 33.62
C GLY E 26 9.46 -19.75 34.06
N PHE E 27 8.76 -20.34 35.02
CA PHE E 27 7.54 -19.75 35.54
C PHE E 27 7.26 -20.37 36.90
N ILE E 28 6.29 -19.80 37.61
CA ILE E 28 5.90 -20.28 38.93
C ILE E 28 5.07 -21.56 38.73
N PHE E 29 5.73 -22.71 38.84
CA PHE E 29 5.07 -23.99 38.58
C PHE E 29 3.86 -24.19 39.48
N SER E 30 3.96 -23.76 40.74
CA SER E 30 2.90 -23.99 41.71
C SER E 30 1.59 -23.30 41.33
N ASP E 31 1.65 -22.25 40.51
CA ASP E 31 0.46 -21.49 40.13
C ASP E 31 -0.29 -22.09 38.95
N ALA E 32 0.36 -22.93 38.14
CA ALA E 32 -0.16 -23.34 36.85
C ALA E 32 -0.93 -24.66 36.92
N TRP E 33 -1.91 -24.80 36.01
CA TRP E 33 -2.55 -26.07 35.77
C TRP E 33 -1.72 -26.87 34.76
N MET E 34 -1.55 -28.17 35.02
CA MET E 34 -0.71 -29.00 34.16
C MET E 34 -1.56 -30.02 33.42
N ASP E 35 -1.40 -30.08 32.09
CA ASP E 35 -2.20 -30.96 31.27
C ASP E 35 -1.31 -31.80 30.37
N TRP E 36 -1.86 -32.94 29.95
CA TRP E 36 -1.28 -33.80 28.92
C TRP E 36 -2.26 -33.90 27.77
N VAL E 37 -1.78 -33.61 26.56
CA VAL E 37 -2.56 -33.66 25.33
C VAL E 37 -1.81 -34.56 24.36
N ARG E 38 -2.54 -35.31 23.53
CA ARG E 38 -1.87 -36.22 22.62
C ARG E 38 -2.38 -36.01 21.20
N GLN E 39 -1.51 -36.31 20.24
CA GLN E 39 -1.79 -36.10 18.82
C GLN E 39 -1.27 -37.29 18.02
N SER E 40 -2.13 -37.82 17.15
CA SER E 40 -1.77 -38.90 16.26
C SER E 40 -2.42 -38.62 14.91
N PRO E 41 -1.87 -39.15 13.82
CA PRO E 41 -2.46 -38.89 12.50
C PRO E 41 -3.91 -39.33 12.36
N GLU E 42 -4.33 -40.42 12.98
CA GLU E 42 -5.71 -40.88 12.84
C GLU E 42 -6.65 -40.29 13.89
N ARG E 43 -6.22 -40.14 15.15
CA ARG E 43 -7.13 -39.65 16.17
C ARG E 43 -7.06 -38.14 16.37
N GLY E 44 -6.13 -37.46 15.71
CA GLY E 44 -6.07 -36.02 15.82
C GLY E 44 -5.57 -35.57 17.19
N LEU E 45 -6.01 -34.39 17.60
CA LEU E 45 -5.67 -33.86 18.91
C LEU E 45 -6.64 -34.37 19.97
N GLU E 46 -6.09 -34.90 21.07
CA GLU E 46 -6.89 -35.40 22.18
C GLU E 46 -6.32 -34.88 23.49
N TRP E 47 -7.13 -34.13 24.23
CA TRP E 47 -6.79 -33.85 25.61
C TRP E 47 -6.83 -35.15 26.41
N VAL E 48 -5.77 -35.43 27.15
CA VAL E 48 -5.62 -36.69 27.86
C VAL E 48 -5.89 -36.53 29.35
N ALA E 49 -5.22 -35.57 29.99
CA ALA E 49 -5.34 -35.47 31.44
C ALA E 49 -5.06 -34.05 31.89
N GLU E 50 -5.53 -33.73 33.10
CA GLU E 50 -5.32 -32.42 33.70
C GLU E 50 -5.20 -32.59 35.21
N ILE E 51 -4.34 -31.77 35.82
CA ILE E 51 -4.26 -31.66 37.27
C ILE E 51 -4.06 -30.18 37.61
N ARG E 52 -4.93 -29.65 38.46
CA ARG E 52 -4.94 -28.23 38.78
C ARG E 52 -4.01 -27.93 39.96
N SER E 53 -3.87 -26.65 40.25
CA SER E 53 -3.00 -26.17 41.32
C SER E 53 -3.67 -26.36 42.68
N LYS E 54 -2.84 -26.29 43.73
CA LYS E 54 -3.37 -26.32 45.10
C LYS E 54 -4.45 -25.26 45.30
N ALA E 55 -4.32 -24.12 44.61
CA ALA E 55 -5.30 -23.05 44.74
C ALA E 55 -6.69 -23.49 44.30
N ASN E 56 -6.80 -24.51 43.46
CA ASN E 56 -8.08 -24.98 42.96
C ASN E 56 -8.21 -26.49 43.12
N GLY E 57 -8.01 -26.99 44.34
CA GLY E 57 -8.42 -28.33 44.67
C GLY E 57 -7.39 -29.41 44.45
N LEU E 58 -6.40 -29.17 43.57
CA LEU E 58 -5.47 -30.20 43.12
C LEU E 58 -6.25 -31.33 42.43
N ALA E 59 -7.34 -30.96 41.76
CA ALA E 59 -8.31 -31.94 41.28
C ALA E 59 -7.86 -32.53 39.94
N PRO E 60 -7.78 -33.85 39.82
CA PRO E 60 -7.44 -34.46 38.54
C PRO E 60 -8.67 -34.70 37.67
N TYR E 61 -8.44 -34.63 36.36
CA TYR E 61 -9.46 -34.88 35.36
C TYR E 61 -8.85 -35.69 34.24
N TYR E 62 -9.65 -36.59 33.65
CA TYR E 62 -9.17 -37.50 32.65
C TYR E 62 -10.15 -37.58 31.48
N ALA E 63 -9.62 -37.93 30.32
CA ALA E 63 -10.46 -38.22 29.17
C ALA E 63 -11.07 -39.61 29.30
N GLU E 64 -12.20 -39.82 28.61
CA GLU E 64 -12.93 -41.07 28.73
C GLU E 64 -12.06 -42.26 28.31
N SER E 65 -11.32 -42.11 27.22
CA SER E 65 -10.55 -43.22 26.64
C SER E 65 -9.42 -43.69 27.56
N VAL E 66 -9.03 -42.87 28.54
CA VAL E 66 -7.93 -43.19 29.44
C VAL E 66 -8.42 -43.44 30.87
N LYS E 67 -9.73 -43.37 31.10
CA LYS E 67 -10.27 -43.54 32.44
C LYS E 67 -9.93 -44.91 33.01
N GLY E 68 -9.51 -44.92 34.27
CA GLY E 68 -9.12 -46.14 34.94
C GLY E 68 -7.72 -46.63 34.66
N ARG E 69 -7.10 -46.16 33.56
CA ARG E 69 -5.76 -46.59 33.16
C ARG E 69 -4.67 -45.56 33.38
N PHE E 70 -4.93 -44.29 33.15
CA PHE E 70 -3.93 -43.25 33.28
C PHE E 70 -4.06 -42.53 34.62
N THR E 71 -2.92 -42.14 35.19
CA THR E 71 -2.87 -41.44 36.47
C THR E 71 -1.96 -40.23 36.32
N ILE E 72 -2.50 -39.04 36.54
CA ILE E 72 -1.73 -37.81 36.44
C ILE E 72 -1.38 -37.33 37.84
N SER E 73 -0.15 -36.84 38.01
CA SER E 73 0.30 -36.35 39.30
C SER E 73 1.31 -35.23 39.09
N ARG E 74 1.61 -34.49 40.15
CA ARG E 74 2.56 -33.39 40.07
C ARG E 74 3.39 -33.31 41.34
N ASP E 75 4.64 -32.89 41.16
CA ASP E 75 5.56 -32.62 42.27
C ASP E 75 6.02 -31.17 42.10
N ASP E 76 5.44 -30.27 42.89
CA ASP E 76 5.81 -28.87 42.83
C ASP E 76 7.25 -28.64 43.30
N SER E 77 7.71 -29.45 44.25
CA SER E 77 9.09 -29.28 44.75
C SER E 77 10.11 -29.56 43.65
N LYS E 78 9.77 -30.41 42.70
CA LYS E 78 10.62 -30.69 41.56
C LYS E 78 10.12 -30.02 40.28
N SER E 79 9.05 -29.25 40.37
CA SER E 79 8.45 -28.56 39.22
C SER E 79 8.21 -29.53 38.07
N SER E 80 7.63 -30.68 38.39
CA SER E 80 7.45 -31.73 37.39
C SER E 80 6.02 -32.24 37.42
N VAL E 81 5.55 -32.67 36.26
CA VAL E 81 4.25 -33.33 36.14
C VAL E 81 4.49 -34.70 35.52
N TYR E 82 3.66 -35.67 35.90
CA TYR E 82 3.86 -37.05 35.52
C TYR E 82 2.54 -37.67 35.07
N LEU E 83 2.66 -38.60 34.14
CA LEU E 83 1.53 -39.37 33.60
C LEU E 83 1.92 -40.84 33.60
N GLN E 84 1.40 -41.60 34.56
CA GLN E 84 1.57 -43.04 34.61
C GLN E 84 0.52 -43.69 33.73
N MET E 85 0.93 -44.63 32.89
CA MET E 85 0.05 -45.26 31.91
C MET E 85 0.17 -46.76 32.04
N ASN E 86 -0.95 -47.41 32.36
CA ASN E 86 -1.07 -48.84 32.53
C ASN E 86 -2.09 -49.37 31.53
N ASN E 87 -1.95 -50.64 31.16
CA ASN E 87 -2.86 -51.29 30.22
C ASN E 87 -2.92 -50.52 28.90
N LEU E 88 -1.77 -50.43 28.24
CA LEU E 88 -1.67 -49.65 27.02
C LEU E 88 -2.24 -50.41 25.84
N ARG E 89 -2.84 -49.67 24.92
CA ARG E 89 -3.44 -50.21 23.71
C ARG E 89 -2.78 -49.57 22.50
N SER E 90 -3.07 -50.13 21.33
CA SER E 90 -2.54 -49.57 20.09
C SER E 90 -3.02 -48.13 19.89
N GLU E 91 -4.26 -47.84 20.31
CA GLU E 91 -4.82 -46.50 20.15
C GLU E 91 -4.11 -45.44 20.98
N ASP E 92 -3.33 -45.83 21.98
CA ASP E 92 -2.58 -44.87 22.78
C ASP E 92 -1.35 -44.33 22.07
N THR E 93 -0.98 -44.89 20.92
CA THR E 93 0.17 -44.44 20.16
C THR E 93 -0.02 -42.99 19.71
N GLY E 94 1.01 -42.17 19.89
CA GLY E 94 0.98 -40.80 19.44
C GLY E 94 2.04 -39.98 20.12
N ILE E 95 2.05 -38.70 19.78
CA ILE E 95 2.95 -37.72 20.40
C ILE E 95 2.22 -37.10 21.59
N TYR E 96 2.87 -37.13 22.74
CA TYR E 96 2.31 -36.59 23.98
C TYR E 96 2.99 -35.27 24.30
N TYR E 97 2.18 -34.22 24.40
CA TYR E 97 2.62 -32.88 24.77
C TYR E 97 2.25 -32.60 26.21
N CYS E 98 3.20 -32.04 26.95
CA CYS E 98 2.98 -31.48 28.27
C CYS E 98 2.66 -30.00 28.12
N THR E 99 1.60 -29.54 28.77
CA THR E 99 1.18 -28.14 28.69
C THR E 99 0.96 -27.58 30.08
N SER E 100 1.15 -26.27 30.20
CA SER E 100 0.95 -25.53 31.44
C SER E 100 0.06 -24.33 31.17
N THR E 101 -0.82 -24.03 32.13
CA THR E 101 -1.81 -22.96 31.96
C THR E 101 -1.73 -22.00 33.13
N LEU E 102 -1.58 -20.71 32.81
CA LEU E 102 -1.63 -19.60 33.77
C LEU E 102 -2.59 -18.56 33.21
N TYR E 103 -3.62 -18.23 33.98
CA TYR E 103 -4.71 -17.35 33.51
C TYR E 103 -5.30 -18.03 32.28
N TYR E 104 -5.45 -17.33 31.15
CA TYR E 104 -5.89 -17.95 29.91
C TYR E 104 -4.74 -18.35 29.01
N PHE E 105 -3.50 -18.07 29.41
CA PHE E 105 -2.33 -18.35 28.59
C PHE E 105 -1.88 -19.78 28.84
N ASP E 106 -1.44 -20.46 27.77
CA ASP E 106 -0.94 -21.81 27.89
C ASP E 106 0.34 -21.97 27.10
N TYR E 107 1.12 -22.97 27.49
CA TYR E 107 2.43 -23.25 26.92
C TYR E 107 2.56 -24.75 26.72
N TRP E 108 3.04 -25.16 25.54
CA TRP E 108 3.17 -26.56 25.18
C TRP E 108 4.65 -26.93 25.05
N GLY E 109 4.99 -28.14 25.46
CA GLY E 109 6.29 -28.67 25.17
C GLY E 109 6.35 -29.22 23.75
N GLN E 110 7.55 -29.61 23.34
CA GLN E 110 7.70 -30.12 21.99
C GLN E 110 7.19 -31.55 21.84
N GLY E 111 6.99 -32.27 22.93
CA GLY E 111 6.34 -33.56 22.91
C GLY E 111 7.32 -34.72 22.86
N THR E 112 6.81 -35.89 23.21
CA THR E 112 7.57 -37.14 23.14
C THR E 112 6.70 -38.23 22.53
N THR E 113 7.30 -39.10 21.73
CA THR E 113 6.55 -40.07 20.94
C THR E 113 6.42 -41.39 21.69
N LEU E 114 5.19 -41.84 21.89
CA LEU E 114 4.90 -43.14 22.48
C LEU E 114 4.33 -44.06 21.40
N THR E 115 4.93 -45.23 21.24
CA THR E 115 4.49 -46.22 20.28
C THR E 115 4.16 -47.52 21.01
N VAL E 116 2.91 -47.94 20.92
CA VAL E 116 2.45 -49.20 21.53
C VAL E 116 2.35 -50.22 20.40
N SER E 117 3.26 -51.20 20.39
CA SER E 117 3.33 -52.16 19.30
C SER E 117 4.20 -53.33 19.72
N SER E 118 3.95 -54.48 19.09
CA SER E 118 4.74 -55.68 19.33
C SER E 118 5.98 -55.77 18.45
N ALA E 119 6.14 -54.84 17.50
CA ALA E 119 7.33 -54.84 16.65
C ALA E 119 8.58 -54.53 17.47
N LYS E 120 9.74 -54.84 16.91
CA LYS E 120 11.01 -54.72 17.60
C LYS E 120 11.74 -53.44 17.21
N THR E 121 12.42 -52.85 18.19
CA THR E 121 13.26 -51.68 17.92
C THR E 121 14.40 -52.06 16.98
N THR E 122 14.64 -51.23 15.96
CA THR E 122 15.71 -51.48 15.00
C THR E 122 16.32 -50.16 14.55
N PRO E 123 17.65 -50.05 14.51
CA PRO E 123 18.30 -48.79 14.15
C PRO E 123 18.27 -48.55 12.65
N PRO E 124 18.41 -47.30 12.22
CA PRO E 124 18.30 -46.98 10.79
C PRO E 124 19.59 -47.22 10.02
N SER E 125 19.41 -47.48 8.72
CA SER E 125 20.51 -47.48 7.77
C SER E 125 20.48 -46.18 6.99
N VAL E 126 21.60 -45.48 6.95
CA VAL E 126 21.70 -44.17 6.30
C VAL E 126 22.56 -44.34 5.05
N TYR E 127 21.93 -44.15 3.90
CA TYR E 127 22.59 -44.30 2.61
C TYR E 127 22.73 -42.94 1.95
N PRO E 128 23.90 -42.64 1.38
CA PRO E 128 24.09 -41.35 0.73
C PRO E 128 23.46 -41.32 -0.65
N LEU E 129 22.97 -40.14 -1.03
CA LEU E 129 22.38 -39.89 -2.33
C LEU E 129 23.19 -38.78 -2.98
N ALA E 130 24.07 -39.15 -3.91
CA ALA E 130 24.95 -38.27 -4.66
C ALA E 130 24.69 -38.42 -6.15
N PRO E 131 24.87 -37.35 -6.94
CA PRO E 131 24.59 -37.38 -8.37
C PRO E 131 25.46 -38.38 -9.13
N ASN E 138 21.41 -23.87 -13.69
CA ASN E 138 21.93 -25.15 -13.23
C ASN E 138 23.15 -24.90 -12.34
N SER E 139 23.04 -23.83 -11.55
CA SER E 139 24.04 -23.43 -10.56
C SER E 139 23.92 -24.20 -9.25
N MET E 140 22.82 -24.93 -9.05
CA MET E 140 22.55 -25.61 -7.80
C MET E 140 22.56 -27.11 -8.01
N VAL E 141 22.93 -27.82 -6.95
CA VAL E 141 23.00 -29.28 -6.95
C VAL E 141 22.27 -29.79 -5.72
N THR E 142 21.55 -30.89 -5.88
CA THR E 142 20.76 -31.47 -4.83
C THR E 142 21.41 -32.78 -4.41
N LEU E 143 21.57 -32.95 -3.10
CA LEU E 143 22.11 -34.16 -2.49
C LEU E 143 21.07 -34.70 -1.51
N GLY E 144 21.33 -35.88 -0.97
CA GLY E 144 20.33 -36.37 -0.03
C GLY E 144 20.83 -37.52 0.81
N CYS E 145 19.97 -37.93 1.73
CA CYS E 145 20.19 -39.12 2.56
C CYS E 145 18.91 -39.93 2.61
N LEU E 146 19.04 -41.23 2.39
CA LEU E 146 17.93 -42.17 2.55
C LEU E 146 18.09 -42.86 3.90
N VAL E 147 17.07 -42.77 4.74
CA VAL E 147 17.08 -43.35 6.09
C VAL E 147 16.06 -44.49 6.08
N LYS E 148 16.54 -45.72 5.99
CA LYS E 148 15.70 -46.88 5.74
C LYS E 148 15.78 -47.88 6.87
N GLY E 149 14.65 -48.52 7.17
CA GLY E 149 14.64 -49.70 8.02
C GLY E 149 14.79 -49.45 9.51
N TYR E 150 14.12 -48.43 10.04
CA TYR E 150 14.16 -48.14 11.47
C TYR E 150 12.78 -48.28 12.09
N PHE E 151 12.78 -48.46 13.40
CA PHE E 151 11.55 -48.56 14.18
C PHE E 151 11.89 -48.39 15.66
N PRO E 152 11.09 -47.65 16.43
CA PRO E 152 9.93 -46.90 15.95
C PRO E 152 10.26 -45.45 15.60
N GLU E 153 9.23 -44.66 15.36
CA GLU E 153 9.41 -43.22 15.17
C GLU E 153 9.81 -42.57 16.49
N PRO E 154 10.49 -41.42 16.45
CA PRO E 154 10.97 -40.74 15.24
C PRO E 154 12.49 -40.77 15.08
N VAL E 155 12.95 -40.15 13.99
CA VAL E 155 14.35 -39.80 13.82
C VAL E 155 14.40 -38.30 13.57
N THR E 156 15.55 -37.71 13.89
CA THR E 156 15.81 -36.31 13.56
C THR E 156 16.92 -36.25 12.53
N VAL E 157 16.77 -35.37 11.55
CA VAL E 157 17.72 -35.23 10.46
C VAL E 157 18.18 -33.79 10.39
N THR E 158 19.49 -33.57 10.43
CA THR E 158 20.09 -32.27 10.22
C THR E 158 21.13 -32.36 9.11
N TRP E 159 21.61 -31.21 8.66
CA TRP E 159 22.65 -31.14 7.65
C TRP E 159 23.76 -30.24 8.17
N ASN E 160 24.99 -30.76 8.14
CA ASN E 160 26.16 -30.09 8.71
C ASN E 160 25.88 -29.63 10.14
N SER E 161 25.35 -30.57 10.94
CA SER E 161 25.08 -30.35 12.35
C SER E 161 24.15 -29.17 12.58
N GLY E 162 23.20 -28.96 11.67
CA GLY E 162 22.19 -27.93 11.81
C GLY E 162 22.56 -26.57 11.23
N SER E 163 23.83 -26.35 10.87
CA SER E 163 24.21 -25.07 10.30
C SER E 163 23.75 -24.91 8.85
N LEU E 164 23.50 -26.02 8.16
CA LEU E 164 22.97 -26.00 6.80
C LEU E 164 21.48 -26.33 6.90
N SER E 165 20.66 -25.30 7.04
CA SER E 165 19.23 -25.45 7.22
C SER E 165 18.39 -25.01 6.03
N SER E 166 18.87 -24.04 5.25
CA SER E 166 18.11 -23.55 4.12
C SER E 166 18.15 -24.54 2.96
N GLY E 167 17.03 -24.66 2.25
CA GLY E 167 16.97 -25.55 1.11
C GLY E 167 16.95 -27.03 1.47
N VAL E 168 16.34 -27.38 2.60
CA VAL E 168 16.25 -28.76 3.05
C VAL E 168 14.79 -29.20 2.99
N HIS E 169 14.58 -30.42 2.50
CA HIS E 169 13.26 -31.06 2.53
C HIS E 169 13.43 -32.44 3.17
N THR E 170 12.92 -32.59 4.38
CA THR E 170 12.89 -33.88 5.06
C THR E 170 11.46 -34.41 5.02
N PHE E 171 11.29 -35.55 4.41
CA PHE E 171 9.96 -36.07 4.11
C PHE E 171 9.45 -36.98 5.22
N PRO E 172 8.12 -37.02 5.38
CA PRO E 172 7.53 -37.90 6.39
C PRO E 172 7.87 -39.36 6.11
N ALA E 173 7.94 -40.13 7.19
CA ALA E 173 8.28 -41.55 7.07
C ALA E 173 7.11 -42.34 6.49
N VAL E 174 7.45 -43.45 5.86
CA VAL E 174 6.47 -44.41 5.34
C VAL E 174 6.75 -45.74 6.00
N LEU E 175 5.69 -46.40 6.46
CA LEU E 175 5.79 -47.66 7.20
C LEU E 175 5.52 -48.83 6.27
N GLN E 176 6.40 -49.82 6.30
CA GLN E 176 6.19 -51.06 5.54
C GLN E 176 6.97 -52.16 6.23
N SER E 177 6.31 -53.31 6.45
CA SER E 177 6.93 -54.48 7.06
C SER E 177 7.53 -54.14 8.42
N ASP E 178 6.79 -53.38 9.21
CA ASP E 178 7.21 -52.93 10.54
C ASP E 178 8.51 -52.14 10.51
N LEU E 179 8.78 -51.45 9.40
CA LEU E 179 9.99 -50.64 9.28
C LEU E 179 9.66 -49.31 8.63
N TYR E 180 10.27 -48.24 9.15
CA TYR E 180 10.04 -46.91 8.63
C TYR E 180 11.14 -46.52 7.65
N THR E 181 10.76 -45.71 6.67
CA THR E 181 11.72 -45.20 5.69
C THR E 181 11.38 -43.75 5.37
N LEU E 182 12.40 -42.90 5.38
CA LEU E 182 12.22 -41.51 4.96
C LEU E 182 13.45 -41.08 4.16
N SER E 183 13.37 -39.87 3.62
CA SER E 183 14.46 -39.31 2.84
C SER E 183 14.59 -37.84 3.20
N SER E 184 15.76 -37.29 2.88
CA SER E 184 16.01 -35.86 3.06
C SER E 184 16.86 -35.37 1.90
N SER E 185 16.46 -34.24 1.33
CA SER E 185 17.22 -33.60 0.26
C SER E 185 17.70 -32.24 0.74
N VAL E 186 18.84 -31.83 0.18
CA VAL E 186 19.41 -30.51 0.45
C VAL E 186 19.95 -29.96 -0.87
N THR E 187 19.72 -28.68 -1.12
CA THR E 187 20.12 -28.05 -2.37
C THR E 187 21.11 -26.93 -2.06
N VAL E 188 22.29 -27.00 -2.67
CA VAL E 188 23.35 -26.03 -2.39
C VAL E 188 23.91 -25.55 -3.72
N PRO E 189 24.54 -24.37 -3.72
CA PRO E 189 25.22 -23.92 -4.95
C PRO E 189 26.33 -24.87 -5.35
N SER E 190 26.54 -24.98 -6.67
CA SER E 190 27.56 -25.88 -7.20
C SER E 190 28.97 -25.47 -6.83
N SER E 191 29.18 -24.19 -6.52
CA SER E 191 30.50 -23.74 -6.10
C SER E 191 30.89 -24.26 -4.72
N THR E 192 29.90 -24.60 -3.88
CA THR E 192 30.17 -25.06 -2.53
C THR E 192 30.35 -26.57 -2.43
N TRP E 193 29.94 -27.34 -3.44
CA TRP E 193 30.09 -28.79 -3.41
C TRP E 193 30.63 -29.29 -4.75
N PRO E 194 31.57 -30.25 -4.73
CA PRO E 194 32.12 -30.94 -3.56
C PRO E 194 33.26 -30.22 -2.86
N SER E 195 33.50 -28.95 -3.20
CA SER E 195 34.58 -28.19 -2.57
C SER E 195 34.46 -28.25 -1.05
N GLU E 196 33.33 -27.80 -0.52
CA GLU E 196 33.05 -27.93 0.90
C GLU E 196 32.26 -29.20 1.15
N THR E 197 32.39 -29.74 2.36
CA THR E 197 31.75 -31.01 2.67
C THR E 197 30.29 -30.81 3.04
N VAL E 198 29.47 -31.79 2.68
CA VAL E 198 28.05 -31.81 3.01
C VAL E 198 27.75 -33.12 3.70
N THR E 199 27.23 -33.06 4.91
CA THR E 199 27.01 -34.24 5.74
C THR E 199 25.62 -34.19 6.36
N CYS E 200 24.91 -35.31 6.31
CA CYS E 200 23.63 -35.45 6.98
C CYS E 200 23.82 -36.20 8.28
N ASN E 201 23.08 -35.78 9.30
CA ASN E 201 23.16 -36.34 10.65
C ASN E 201 21.78 -36.87 11.02
N VAL E 202 21.70 -38.16 11.34
CA VAL E 202 20.44 -38.84 11.62
C VAL E 202 20.51 -39.41 13.03
N ALA E 203 19.65 -38.93 13.91
CA ALA E 203 19.56 -39.41 15.27
C ALA E 203 18.30 -40.25 15.45
N HIS E 204 18.46 -41.44 16.02
CA HIS E 204 17.36 -42.35 16.34
C HIS E 204 17.48 -42.66 17.83
N PRO E 205 16.77 -41.91 18.67
CA PRO E 205 16.91 -42.11 20.12
C PRO E 205 16.39 -43.46 20.61
N ALA E 206 15.37 -44.01 19.97
CA ALA E 206 14.77 -45.25 20.45
C ALA E 206 15.77 -46.41 20.42
N SER E 207 16.68 -46.42 19.46
CA SER E 207 17.74 -47.41 19.40
C SER E 207 19.06 -46.86 19.92
N SER E 208 19.06 -45.65 20.47
CA SER E 208 20.26 -45.02 21.01
C SER E 208 21.37 -44.97 19.95
N THR E 209 20.99 -44.60 18.73
CA THR E 209 21.93 -44.62 17.61
C THR E 209 21.96 -43.24 16.95
N LYS E 210 23.14 -42.86 16.47
CA LYS E 210 23.30 -41.68 15.63
C LYS E 210 24.27 -42.01 14.53
N VAL E 211 23.92 -41.63 13.30
CA VAL E 211 24.72 -41.93 12.11
C VAL E 211 24.95 -40.65 11.34
N ASP E 212 26.20 -40.37 11.00
CA ASP E 212 26.57 -39.27 10.13
C ASP E 212 27.05 -39.82 8.79
N LYS E 213 26.60 -39.20 7.71
CA LYS E 213 26.95 -39.63 6.36
C LYS E 213 27.38 -38.42 5.54
N LYS E 214 28.65 -38.41 5.14
CA LYS E 214 29.18 -37.39 4.24
C LYS E 214 28.91 -37.80 2.80
N ILE E 215 28.36 -36.86 2.03
CA ILE E 215 28.04 -37.11 0.63
C ILE E 215 29.28 -36.82 -0.21
N VAL E 216 29.74 -37.83 -0.95
CA VAL E 216 30.95 -37.69 -1.76
C VAL E 216 30.63 -38.04 -3.20
N PRO E 217 31.32 -37.45 -4.18
CA PRO E 217 30.99 -37.71 -5.58
C PRO E 217 31.23 -39.15 -5.98
N ARG E 218 30.57 -39.56 -7.06
CA ARG E 218 30.68 -40.93 -7.56
C ARG E 218 31.79 -41.05 -8.60
N PCA F 1 -19.81 -35.47 26.09
CA PCA F 1 -18.74 -34.88 25.29
CB PCA F 1 -17.89 -35.96 24.63
CG PCA F 1 -18.38 -37.30 25.16
CD PCA F 1 -19.57 -36.91 25.99
OE PCA F 1 -20.27 -37.76 26.54
C PCA F 1 -19.26 -33.93 24.22
O PCA F 1 -20.12 -34.29 23.42
N ILE F 2 -18.72 -32.72 24.22
CA ILE F 2 -19.00 -31.73 23.18
C ILE F 2 -18.08 -31.96 21.99
N VAL F 3 -18.66 -32.23 20.82
CA VAL F 3 -17.87 -32.48 19.62
C VAL F 3 -17.81 -31.20 18.79
N LEU F 4 -16.61 -30.83 18.37
CA LEU F 4 -16.38 -29.64 17.58
C LEU F 4 -16.13 -30.02 16.13
N THR F 5 -16.79 -29.32 15.21
CA THR F 5 -16.74 -29.62 13.78
C THR F 5 -16.20 -28.41 13.05
N GLN F 6 -15.07 -28.60 12.36
CA GLN F 6 -14.44 -27.57 11.54
C GLN F 6 -14.53 -27.99 10.07
N SER F 7 -15.53 -27.49 9.37
CA SER F 7 -15.64 -27.79 7.95
C SER F 7 -15.41 -26.54 7.11
N PRO F 8 -14.69 -26.65 5.98
CA PRO F 8 -14.06 -27.86 5.46
C PRO F 8 -12.73 -28.20 6.13
N ALA F 9 -12.33 -29.47 6.05
CA ALA F 9 -11.06 -29.89 6.64
C ALA F 9 -9.87 -29.28 5.91
N ILE F 10 -10.01 -28.97 4.63
CA ILE F 10 -8.97 -28.33 3.84
C ILE F 10 -9.56 -27.10 3.17
N MET F 11 -8.76 -26.04 3.05
CA MET F 11 -9.23 -24.80 2.45
C MET F 11 -8.07 -24.07 1.80
N SER F 12 -8.27 -23.66 0.56
CA SER F 12 -7.32 -22.86 -0.18
C SER F 12 -7.78 -21.41 -0.16
N ALA F 13 -6.83 -20.50 -0.30
CA ALA F 13 -7.15 -19.08 -0.17
C ALA F 13 -6.22 -18.27 -1.04
N PHE F 14 -6.75 -17.15 -1.52
CA PHE F 14 -6.00 -16.24 -2.38
C PHE F 14 -5.17 -15.29 -1.52
N PRO F 15 -4.04 -14.82 -2.04
CA PRO F 15 -3.25 -13.82 -1.29
C PRO F 15 -4.05 -12.55 -1.08
N GLY F 16 -4.11 -12.09 0.16
CA GLY F 16 -4.89 -10.92 0.50
C GLY F 16 -6.36 -11.19 0.74
N GLU F 17 -6.83 -12.42 0.50
CA GLU F 17 -8.23 -12.75 0.66
C GLU F 17 -8.63 -12.80 2.12
N ARG F 18 -9.85 -12.34 2.42
CA ARG F 18 -10.42 -12.48 3.75
C ARG F 18 -10.90 -13.91 3.92
N VAL F 19 -10.27 -14.66 4.82
CA VAL F 19 -10.59 -16.06 5.03
C VAL F 19 -11.31 -16.19 6.37
N THR F 20 -12.23 -17.15 6.43
CA THR F 20 -12.96 -17.41 7.66
C THR F 20 -13.09 -18.92 7.84
N LEU F 21 -12.78 -19.39 9.04
CA LEU F 21 -12.87 -20.78 9.41
C LEU F 21 -13.91 -20.89 10.51
N THR F 22 -14.71 -21.96 10.46
CA THR F 22 -15.84 -22.11 11.36
C THR F 22 -15.63 -23.29 12.28
N CYS F 23 -16.27 -23.23 13.45
CA CYS F 23 -16.19 -24.26 14.46
C CYS F 23 -17.58 -24.37 15.07
N SER F 24 -18.21 -25.53 14.92
CA SER F 24 -19.58 -25.72 15.35
C SER F 24 -19.61 -26.79 16.44
N ALA F 25 -20.26 -26.48 17.54
CA ALA F 25 -20.35 -27.41 18.66
C ALA F 25 -21.70 -28.10 18.65
N SER F 26 -21.72 -29.31 19.20
CA SER F 26 -22.96 -30.06 19.35
C SER F 26 -23.77 -29.60 20.56
N SER F 27 -23.19 -28.77 21.41
CA SER F 27 -23.87 -28.26 22.59
C SER F 27 -23.39 -26.84 22.86
N SER F 28 -23.80 -26.27 23.98
CA SER F 28 -23.42 -24.90 24.34
C SER F 28 -22.02 -24.85 24.93
N VAL F 29 -21.25 -23.85 24.50
CA VAL F 29 -19.90 -23.60 25.00
C VAL F 29 -19.83 -22.16 25.50
N ARG F 30 -19.34 -21.98 26.72
CA ARG F 30 -19.13 -20.64 27.26
C ARG F 30 -17.99 -19.94 26.52
N SER F 31 -18.22 -18.70 26.10
CA SER F 31 -17.27 -18.00 25.23
C SER F 31 -15.89 -17.86 25.85
N SER F 32 -15.81 -17.79 27.18
CA SER F 32 -14.52 -17.64 27.84
C SER F 32 -13.61 -18.84 27.62
N TYR F 33 -14.17 -20.02 27.34
CA TYR F 33 -13.42 -21.25 27.28
C TYR F 33 -13.47 -21.87 25.89
N LEU F 34 -13.47 -21.02 24.87
CA LEU F 34 -13.35 -21.43 23.48
C LEU F 34 -12.11 -20.76 22.91
N CYS F 35 -11.14 -21.56 22.45
CA CYS F 35 -9.87 -21.04 21.99
C CYS F 35 -9.48 -21.68 20.66
N TRP F 36 -8.51 -21.06 19.99
CA TRP F 36 -7.96 -21.49 18.72
C TRP F 36 -6.46 -21.63 18.82
N TYR F 37 -5.95 -22.72 18.25
CA TYR F 37 -4.53 -23.01 18.16
C TYR F 37 -4.10 -23.09 16.70
N GLN F 38 -2.89 -22.60 16.42
CA GLN F 38 -2.25 -22.77 15.12
C GLN F 38 -1.14 -23.80 15.22
N GLN F 39 -0.99 -24.62 14.19
CA GLN F 39 0.07 -25.62 14.15
C GLN F 39 0.69 -25.68 12.77
N LYS F 40 2.01 -25.61 12.73
CA LYS F 40 2.80 -25.89 11.54
C LYS F 40 3.52 -27.22 11.71
N PRO F 41 3.64 -28.02 10.65
CA PRO F 41 4.18 -29.38 10.80
C PRO F 41 5.58 -29.37 11.42
N GLY F 42 5.84 -30.39 12.24
CA GLY F 42 7.09 -30.48 12.98
C GLY F 42 7.17 -29.59 14.20
N SER F 43 6.05 -29.05 14.66
CA SER F 43 6.04 -28.13 15.79
C SER F 43 4.75 -28.33 16.59
N SER F 44 4.82 -27.95 17.86
CA SER F 44 3.67 -28.06 18.74
C SER F 44 2.62 -26.99 18.38
N PRO F 45 1.36 -27.25 18.70
CA PRO F 45 0.34 -26.20 18.57
C PRO F 45 0.66 -25.02 19.47
N LYS F 46 0.30 -23.83 19.01
CA LYS F 46 0.52 -22.59 19.75
C LYS F 46 -0.82 -21.92 19.99
N LEU F 47 -1.06 -21.50 21.23
CA LEU F 47 -2.29 -20.77 21.52
C LEU F 47 -2.35 -19.54 20.64
N TRP F 48 -3.38 -19.46 19.80
CA TRP F 48 -3.51 -18.39 18.84
C TRP F 48 -4.56 -17.37 19.27
N ILE F 49 -5.73 -17.82 19.68
CA ILE F 49 -6.78 -16.95 20.17
C ILE F 49 -7.37 -17.58 21.43
N TYR F 50 -7.50 -16.79 22.50
CA TYR F 50 -8.13 -17.29 23.72
C TYR F 50 -9.39 -16.49 24.01
N SER F 51 -10.31 -17.13 24.74
CA SER F 51 -11.60 -16.54 25.08
C SER F 51 -12.28 -15.93 23.84
N THR F 52 -12.42 -16.76 22.81
CA THR F 52 -13.16 -16.46 21.58
C THR F 52 -12.51 -15.41 20.69
N SER F 53 -12.12 -14.25 21.24
CA SER F 53 -11.69 -13.14 20.39
C SER F 53 -10.39 -12.46 20.79
N ASN F 54 -9.70 -12.95 21.82
CA ASN F 54 -8.50 -12.29 22.33
C ASN F 54 -7.26 -12.94 21.71
N LEU F 55 -6.49 -12.14 20.96
CA LEU F 55 -5.28 -12.64 20.32
C LEU F 55 -4.19 -12.88 21.35
N ALA F 56 -3.53 -14.03 21.26
CA ALA F 56 -2.37 -14.31 22.08
C ALA F 56 -1.19 -13.45 21.64
N SER F 57 -0.15 -13.42 22.47
CA SER F 57 1.03 -12.62 22.19
C SER F 57 1.76 -13.16 20.96
N GLY F 58 2.16 -12.24 20.07
CA GLY F 58 2.82 -12.58 18.84
C GLY F 58 1.91 -12.75 17.63
N VAL F 59 0.61 -12.91 17.85
CA VAL F 59 -0.33 -13.11 16.75
C VAL F 59 -0.55 -11.77 16.04
N PRO F 60 -0.39 -11.71 14.72
CA PRO F 60 -0.58 -10.44 14.00
C PRO F 60 -2.01 -9.94 14.10
N ALA F 61 -2.16 -8.63 13.89
CA ALA F 61 -3.45 -7.98 14.05
C ALA F 61 -4.48 -8.43 13.01
N ARG F 62 -4.04 -8.96 11.88
CA ARG F 62 -4.98 -9.39 10.85
C ARG F 62 -5.83 -10.59 11.27
N PHE F 63 -5.49 -11.24 12.38
CA PHE F 63 -6.30 -12.33 12.91
C PHE F 63 -7.38 -11.79 13.84
N SER F 64 -8.52 -12.49 13.90
CA SER F 64 -9.59 -12.11 14.80
C SER F 64 -10.46 -13.33 15.09
N GLY F 65 -11.19 -13.27 16.19
CA GLY F 65 -12.11 -14.32 16.55
C GLY F 65 -13.47 -13.77 16.86
N SER F 66 -14.48 -14.63 16.73
CA SER F 66 -15.86 -14.23 16.95
C SER F 66 -16.69 -15.48 17.22
N GLY F 67 -17.92 -15.26 17.69
CA GLY F 67 -18.88 -16.32 17.87
C GLY F 67 -19.43 -16.36 19.27
N SER F 68 -20.32 -17.32 19.49
CA SER F 68 -20.99 -17.47 20.78
C SER F 68 -21.72 -18.80 20.81
N GLY F 69 -22.08 -19.21 22.03
CA GLY F 69 -22.93 -20.36 22.26
C GLY F 69 -22.45 -21.65 21.63
N THR F 70 -22.85 -21.88 20.38
CA THR F 70 -22.55 -23.14 19.70
C THR F 70 -21.87 -22.94 18.35
N SER F 71 -21.59 -21.71 17.95
CA SER F 71 -20.97 -21.43 16.65
C SER F 71 -19.91 -20.36 16.84
N TYR F 72 -18.67 -20.68 16.47
CA TYR F 72 -17.55 -19.75 16.57
C TYR F 72 -16.79 -19.72 15.24
N SER F 73 -15.94 -18.70 15.08
CA SER F 73 -15.21 -18.53 13.85
C SER F 73 -13.91 -17.77 14.08
N LEU F 74 -12.91 -18.10 13.29
CA LEU F 74 -11.65 -17.39 13.20
C LEU F 74 -11.54 -16.74 11.83
N THR F 75 -11.06 -15.50 11.78
CA THR F 75 -11.04 -14.74 10.54
C THR F 75 -9.67 -14.10 10.32
N ILE F 76 -9.14 -14.27 9.11
CA ILE F 76 -7.94 -13.57 8.67
C ILE F 76 -8.37 -12.51 7.67
N SER F 77 -7.97 -11.25 7.93
CA SER F 77 -8.38 -10.16 7.06
C SER F 77 -7.67 -10.23 5.71
N SER F 78 -6.35 -10.28 5.72
CA SER F 78 -5.55 -10.38 4.51
C SER F 78 -4.69 -11.64 4.60
N MET F 79 -5.06 -12.68 3.84
CA MET F 79 -4.32 -13.93 3.85
C MET F 79 -2.88 -13.70 3.38
N GLU F 80 -1.92 -14.24 4.14
CA GLU F 80 -0.51 -14.12 3.80
C GLU F 80 0.13 -15.50 3.80
N ALA F 81 1.37 -15.55 3.31
CA ALA F 81 2.07 -16.83 3.14
C ALA F 81 2.32 -17.50 4.47
N GLU F 82 2.79 -16.75 5.47
CA GLU F 82 3.11 -17.34 6.76
C GLU F 82 1.89 -17.85 7.51
N ASP F 83 0.68 -17.58 7.03
CA ASP F 83 -0.54 -18.05 7.67
C ASP F 83 -0.97 -19.44 7.24
N ALA F 84 -0.31 -20.04 6.25
CA ALA F 84 -0.68 -21.37 5.78
C ALA F 84 -0.29 -22.40 6.83
N ALA F 85 -1.28 -23.02 7.46
CA ALA F 85 -1.03 -23.94 8.58
C ALA F 85 -2.35 -24.62 8.93
N SER F 86 -2.31 -25.47 9.96
CA SER F 86 -3.53 -26.07 10.48
C SER F 86 -4.05 -25.21 11.64
N TYR F 87 -5.38 -25.10 11.74
CA TYR F 87 -6.01 -24.33 12.79
C TYR F 87 -7.04 -25.22 13.50
N PHE F 88 -6.90 -25.35 14.81
CA PHE F 88 -7.77 -26.18 15.62
C PHE F 88 -8.57 -25.31 16.59
N CYS F 89 -9.87 -25.57 16.71
CA CYS F 89 -10.63 -24.99 17.79
C CYS F 89 -10.70 -25.98 18.95
N HIS F 90 -10.86 -25.44 20.16
CA HIS F 90 -10.79 -26.23 21.38
C HIS F 90 -11.70 -25.61 22.42
N GLN F 91 -12.38 -26.46 23.18
CA GLN F 91 -13.28 -26.00 24.22
C GLN F 91 -12.93 -26.69 25.53
N TRP F 92 -13.03 -25.94 26.63
CA TRP F 92 -12.92 -26.49 27.97
C TRP F 92 -14.01 -25.91 28.86
N SER F 93 -15.15 -25.55 28.25
CA SER F 93 -16.31 -25.08 28.99
C SER F 93 -16.97 -26.22 29.75
N SER F 94 -17.09 -27.40 29.12
CA SER F 94 -17.62 -28.59 29.74
C SER F 94 -16.59 -29.71 29.61
N TYR F 95 -16.33 -30.39 30.70
CA TYR F 95 -15.34 -31.44 30.51
C TYR F 95 -16.02 -32.73 30.03
N PRO F 96 -15.29 -33.60 29.31
CA PRO F 96 -13.87 -33.51 28.95
C PRO F 96 -13.55 -32.40 27.94
N ARG F 97 -12.33 -31.89 27.98
CA ARG F 97 -11.91 -30.91 26.99
C ARG F 97 -11.78 -31.59 25.63
N THR F 98 -12.27 -30.91 24.59
CA THR F 98 -12.33 -31.50 23.27
C THR F 98 -11.78 -30.55 22.23
N PHE F 99 -11.20 -31.12 21.18
CA PHE F 99 -10.65 -30.37 20.05
C PHE F 99 -11.52 -30.59 18.82
N GLY F 100 -11.45 -29.62 17.91
CA GLY F 100 -12.01 -29.81 16.59
C GLY F 100 -11.09 -30.63 15.72
N GLY F 101 -11.62 -31.07 14.58
CA GLY F 101 -10.82 -31.82 13.63
C GLY F 101 -9.71 -31.02 12.99
N GLY F 102 -9.82 -29.70 13.01
CA GLY F 102 -8.79 -28.85 12.42
C GLY F 102 -9.07 -28.54 10.96
N THR F 103 -8.57 -27.38 10.53
CA THR F 103 -8.70 -26.93 9.15
C THR F 103 -7.32 -26.61 8.61
N LYS F 104 -6.93 -27.33 7.56
CA LYS F 104 -5.67 -27.07 6.85
C LYS F 104 -5.89 -25.91 5.89
N LEU F 105 -5.13 -24.83 6.08
CA LEU F 105 -5.25 -23.63 5.27
C LEU F 105 -4.00 -23.49 4.42
N GLU F 106 -4.19 -23.52 3.11
CA GLU F 106 -3.11 -23.42 2.12
C GLU F 106 -3.34 -22.16 1.29
N ILE F 107 -2.25 -21.54 0.88
CA ILE F 107 -2.31 -20.30 0.10
C ILE F 107 -2.01 -20.61 -1.36
N LYS F 108 -2.51 -19.75 -2.23
CA LYS F 108 -2.28 -19.87 -3.66
C LYS F 108 -1.09 -18.99 -4.07
N ARG F 109 -0.40 -19.40 -5.13
CA ARG F 109 0.74 -18.66 -5.62
C ARG F 109 0.96 -19.01 -7.08
N ALA F 110 1.91 -18.32 -7.70
CA ALA F 110 2.19 -18.52 -9.12
C ALA F 110 2.73 -19.92 -9.36
N ASP F 111 2.13 -20.61 -10.32
CA ASP F 111 2.50 -21.99 -10.63
C ASP F 111 4.01 -22.09 -10.84
N ALA F 112 4.56 -23.22 -10.40
CA ALA F 112 6.00 -23.45 -10.50
C ALA F 112 6.26 -24.89 -10.88
N ALA F 113 7.25 -25.10 -11.75
CA ALA F 113 7.56 -26.46 -12.19
C ALA F 113 8.46 -27.15 -11.18
N PRO F 114 8.28 -28.45 -10.98
CA PRO F 114 9.10 -29.16 -9.99
C PRO F 114 10.53 -29.32 -10.47
N THR F 115 11.47 -29.14 -9.54
CA THR F 115 12.86 -29.52 -9.77
C THR F 115 13.02 -31.00 -9.46
N VAL F 116 13.36 -31.79 -10.47
CA VAL F 116 13.42 -33.25 -10.35
C VAL F 116 14.88 -33.68 -10.28
N SER F 117 15.19 -34.58 -9.36
CA SER F 117 16.54 -35.11 -9.19
C SER F 117 16.44 -36.60 -8.91
N ILE F 118 17.24 -37.39 -9.63
CA ILE F 118 17.22 -38.83 -9.49
C ILE F 118 18.57 -39.30 -8.95
N PHE F 119 18.53 -40.34 -8.12
CA PHE F 119 19.71 -40.85 -7.43
C PHE F 119 19.70 -42.37 -7.47
N PRO F 120 20.78 -43.00 -7.94
CA PRO F 120 20.86 -44.46 -7.98
C PRO F 120 21.12 -45.02 -6.59
N PRO F 121 21.02 -46.35 -6.43
CA PRO F 121 21.35 -46.96 -5.15
C PRO F 121 22.81 -46.73 -4.77
N SER F 122 23.05 -46.61 -3.47
CA SER F 122 24.42 -46.52 -2.97
C SER F 122 25.05 -47.90 -2.88
N SER F 123 26.38 -47.93 -2.95
CA SER F 123 27.11 -49.19 -2.81
C SER F 123 26.87 -49.84 -1.46
N GLU F 124 26.72 -49.02 -0.40
CA GLU F 124 26.45 -49.53 0.93
C GLU F 124 25.18 -50.38 0.93
N GLN F 125 24.09 -49.84 0.36
CA GLN F 125 22.84 -50.59 0.29
C GLN F 125 22.99 -51.83 -0.59
N LEU F 126 23.84 -51.76 -1.62
CA LEU F 126 24.11 -52.92 -2.44
C LEU F 126 24.72 -54.05 -1.62
N THR F 127 25.66 -53.73 -0.72
CA THR F 127 26.26 -54.74 0.13
C THR F 127 25.24 -55.56 0.91
N SER F 128 24.06 -54.99 1.17
CA SER F 128 23.02 -55.69 1.92
C SER F 128 21.99 -56.36 1.03
N GLY F 129 22.16 -56.33 -0.29
CA GLY F 129 21.25 -57.01 -1.18
C GLY F 129 19.99 -56.27 -1.55
N GLY F 130 19.96 -54.95 -1.35
CA GLY F 130 18.83 -54.16 -1.78
C GLY F 130 19.27 -53.02 -2.68
N ALA F 131 18.34 -52.40 -3.40
CA ALA F 131 18.70 -51.30 -4.30
C ALA F 131 17.53 -50.33 -4.36
N SER F 132 17.71 -49.13 -3.81
CA SER F 132 16.67 -48.11 -3.81
C SER F 132 17.09 -46.96 -4.71
N VAL F 133 16.22 -46.61 -5.66
CA VAL F 133 16.40 -45.45 -6.53
C VAL F 133 15.47 -44.36 -6.03
N VAL F 134 16.01 -43.16 -5.83
CA VAL F 134 15.28 -42.08 -5.18
C VAL F 134 15.06 -40.95 -6.19
N CYS F 135 13.90 -40.30 -6.11
CA CYS F 135 13.58 -39.17 -6.98
C CYS F 135 12.93 -38.08 -6.14
N PHE F 136 13.55 -36.92 -6.11
CA PHE F 136 13.00 -35.76 -5.42
C PHE F 136 12.35 -34.83 -6.43
N LEU F 137 11.12 -34.42 -6.15
CA LEU F 137 10.37 -33.47 -6.97
C LEU F 137 10.08 -32.28 -6.06
N ASN F 138 10.92 -31.27 -6.10
CA ASN F 138 10.95 -30.22 -5.10
C ASN F 138 10.41 -28.90 -5.63
N ASN F 139 9.70 -28.18 -4.77
CA ASN F 139 9.33 -26.78 -4.96
C ASN F 139 8.49 -26.60 -6.23
N PHE F 140 7.25 -27.07 -6.13
CA PHE F 140 6.27 -26.93 -7.21
C PHE F 140 4.93 -26.49 -6.64
N TYR F 141 4.11 -25.89 -7.51
CA TYR F 141 2.76 -25.49 -7.18
C TYR F 141 1.91 -25.59 -8.44
N PRO F 142 0.67 -26.12 -8.34
CA PRO F 142 0.00 -26.59 -7.13
C PRO F 142 0.45 -27.98 -6.67
N LYS F 143 -0.17 -28.48 -5.58
CA LYS F 143 0.26 -29.74 -5.00
C LYS F 143 -0.07 -30.93 -5.88
N ASP F 144 -1.07 -30.81 -6.74
CA ASP F 144 -1.45 -31.92 -7.61
C ASP F 144 -0.31 -32.21 -8.59
N ILE F 145 0.18 -33.45 -8.57
CA ILE F 145 1.31 -33.85 -9.40
C ILE F 145 1.30 -35.37 -9.49
N ASN F 146 1.83 -35.90 -10.58
CA ASN F 146 1.94 -37.34 -10.75
C ASN F 146 3.38 -37.69 -11.06
N VAL F 147 3.84 -38.83 -10.56
CA VAL F 147 5.18 -39.32 -10.82
C VAL F 147 5.09 -40.77 -11.24
N LYS F 148 5.95 -41.18 -12.18
CA LYS F 148 6.01 -42.59 -12.55
C LYS F 148 7.43 -42.99 -12.93
N TRP F 149 7.73 -44.26 -12.65
CA TRP F 149 9.04 -44.87 -12.87
C TRP F 149 9.02 -45.75 -14.12
N LYS F 150 10.14 -45.74 -14.85
CA LYS F 150 10.32 -46.58 -16.01
C LYS F 150 11.67 -47.30 -15.92
N ILE F 151 11.65 -48.60 -16.15
CA ILE F 151 12.86 -49.42 -16.23
C ILE F 151 12.98 -49.88 -17.69
N ASP F 152 14.00 -49.38 -18.38
CA ASP F 152 14.21 -49.64 -19.81
C ASP F 152 12.96 -49.33 -20.62
N GLY F 153 12.29 -48.24 -20.25
CA GLY F 153 11.09 -47.80 -20.92
C GLY F 153 9.81 -48.40 -20.40
N SER F 154 9.87 -49.50 -19.64
CA SER F 154 8.66 -50.16 -19.17
C SER F 154 8.29 -49.63 -17.79
N GLU F 155 7.06 -49.18 -17.63
CA GLU F 155 6.63 -48.59 -16.37
C GLU F 155 6.64 -49.60 -15.22
N ARG F 156 7.04 -49.12 -14.05
CA ARG F 156 7.06 -49.89 -12.81
C ARG F 156 6.13 -49.27 -11.79
N GLN F 157 5.33 -50.11 -11.13
CA GLN F 157 4.34 -49.65 -10.17
C GLN F 157 4.37 -50.40 -8.85
N ASN F 158 5.14 -51.48 -8.72
CA ASN F 158 5.21 -52.25 -7.48
C ASN F 158 6.56 -52.00 -6.83
N GLY F 159 6.55 -51.76 -5.52
CA GLY F 159 7.75 -51.37 -4.81
C GLY F 159 8.02 -49.89 -4.75
N VAL F 160 7.03 -49.05 -5.07
CA VAL F 160 7.19 -47.61 -5.06
C VAL F 160 6.53 -47.03 -3.81
N LEU F 161 7.24 -46.15 -3.10
CA LEU F 161 6.73 -45.47 -1.93
C LEU F 161 6.88 -43.97 -2.10
N ASN F 162 5.78 -43.24 -1.90
CA ASN F 162 5.77 -41.79 -2.06
C ASN F 162 5.57 -41.11 -0.71
N SER F 163 6.04 -39.87 -0.63
CA SER F 163 5.92 -39.07 0.59
C SER F 163 5.82 -37.61 0.19
N TRP F 164 4.90 -36.88 0.82
CA TRP F 164 4.61 -35.50 0.46
C TRP F 164 4.85 -34.58 1.64
N THR F 165 5.41 -33.39 1.37
CA THR F 165 5.53 -32.35 2.37
C THR F 165 4.32 -31.41 2.33
N ASP F 166 4.07 -30.75 3.46
CA ASP F 166 3.06 -29.70 3.48
C ASP F 166 3.62 -28.43 2.85
N GLN F 167 2.74 -27.44 2.69
CA GLN F 167 3.12 -26.22 1.98
C GLN F 167 4.21 -25.48 2.74
N ASP F 168 5.26 -25.10 2.02
CA ASP F 168 6.35 -24.35 2.62
C ASP F 168 5.85 -22.97 3.06
N SER F 169 6.36 -22.51 4.21
CA SER F 169 5.87 -21.26 4.78
C SER F 169 6.50 -20.02 4.15
N LYS F 170 7.67 -20.16 3.51
CA LYS F 170 8.34 -19.01 2.92
C LYS F 170 8.02 -18.81 1.44
N ASP F 171 8.03 -19.88 0.64
CA ASP F 171 7.76 -19.74 -0.79
C ASP F 171 6.49 -20.44 -1.26
N SER F 172 5.75 -21.09 -0.34
CA SER F 172 4.41 -21.62 -0.60
C SER F 172 4.40 -22.77 -1.61
N THR F 173 5.50 -23.48 -1.78
CA THR F 173 5.56 -24.59 -2.71
C THR F 173 5.33 -25.92 -1.98
N TYR F 174 5.28 -27.00 -2.75
CA TYR F 174 5.16 -28.35 -2.23
C TYR F 174 6.33 -29.18 -2.73
N SER F 175 6.57 -30.31 -2.07
CA SER F 175 7.66 -31.20 -2.46
C SER F 175 7.23 -32.64 -2.24
N MET F 176 7.87 -33.54 -2.98
CA MET F 176 7.53 -34.95 -2.92
C MET F 176 8.78 -35.78 -3.11
N SER F 177 8.79 -36.95 -2.48
CA SER F 177 9.90 -37.89 -2.59
C SER F 177 9.33 -39.24 -2.99
N SER F 178 9.91 -39.85 -4.01
CA SER F 178 9.48 -41.14 -4.51
C SER F 178 10.66 -42.11 -4.46
N THR F 179 10.44 -43.29 -3.89
CA THR F 179 11.50 -44.28 -3.74
C THR F 179 11.05 -45.58 -4.38
N LEU F 180 11.78 -46.02 -5.41
CA LEU F 180 11.55 -47.30 -6.05
C LEU F 180 12.57 -48.28 -5.49
N THR F 181 12.09 -49.31 -4.79
CA THR F 181 12.95 -50.28 -4.14
C THR F 181 12.89 -51.61 -4.88
N LEU F 182 14.05 -52.16 -5.20
CA LEU F 182 14.20 -53.43 -5.89
C LEU F 182 15.18 -54.30 -5.13
N THR F 183 15.20 -55.58 -5.50
CA THR F 183 16.25 -56.46 -5.03
C THR F 183 17.53 -56.20 -5.82
N LYS F 184 18.66 -56.67 -5.26
CA LYS F 184 19.96 -56.45 -5.88
C LYS F 184 20.01 -57.03 -7.29
N ASP F 185 19.57 -58.28 -7.44
CA ASP F 185 19.57 -58.92 -8.75
C ASP F 185 18.70 -58.15 -9.73
N GLU F 186 17.46 -57.84 -9.33
CA GLU F 186 16.55 -57.07 -10.18
C GLU F 186 17.20 -55.80 -10.70
N TYR F 187 17.89 -55.08 -9.81
CA TYR F 187 18.57 -53.86 -10.24
C TYR F 187 19.67 -54.18 -11.24
N GLU F 188 20.41 -55.26 -11.01
CA GLU F 188 21.48 -55.64 -11.93
C GLU F 188 20.95 -56.15 -13.26
N ARG F 189 19.66 -56.44 -13.37
CA ARG F 189 19.10 -56.99 -14.60
C ARG F 189 18.70 -55.95 -15.63
N HIS F 190 18.86 -54.65 -15.34
CA HIS F 190 18.48 -53.61 -16.28
C HIS F 190 19.51 -52.48 -16.27
N ASN F 191 19.35 -51.56 -17.21
CA ASN F 191 20.32 -50.48 -17.40
C ASN F 191 19.69 -49.10 -17.17
N SER F 192 18.65 -48.74 -17.92
CA SER F 192 18.12 -47.38 -17.90
C SER F 192 17.01 -47.26 -16.86
N TYR F 193 17.17 -46.33 -15.93
CA TYR F 193 16.17 -46.05 -14.90
C TYR F 193 15.71 -44.61 -15.02
N THR F 194 14.40 -44.42 -15.04
CA THR F 194 13.77 -43.16 -15.41
C THR F 194 12.70 -42.78 -14.40
N CYS F 195 12.71 -41.50 -14.00
CA CYS F 195 11.70 -40.90 -13.16
C CYS F 195 11.10 -39.73 -13.93
N GLU F 196 9.79 -39.79 -14.21
CA GLU F 196 9.17 -38.70 -14.95
C GLU F 196 7.95 -38.17 -14.20
N ALA F 197 7.86 -36.85 -14.18
CA ALA F 197 6.87 -36.09 -13.42
C ALA F 197 5.92 -35.36 -14.36
N THR F 198 4.63 -35.55 -14.16
CA THR F 198 3.60 -34.86 -14.91
C THR F 198 2.98 -33.81 -13.99
N HIS F 199 3.04 -32.54 -14.41
CA HIS F 199 2.57 -31.41 -13.63
C HIS F 199 1.93 -30.39 -14.56
N LYS F 200 1.10 -29.54 -13.96
CA LYS F 200 0.31 -28.53 -14.67
C LYS F 200 1.17 -27.52 -15.43
N THR F 201 2.49 -27.61 -15.29
CA THR F 201 3.39 -26.62 -15.86
C THR F 201 3.99 -27.04 -17.20
N SER F 202 3.72 -28.26 -17.63
CA SER F 202 4.19 -28.73 -18.93
C SER F 202 3.25 -29.81 -19.44
N THR F 203 3.11 -29.89 -20.76
CA THR F 203 2.28 -30.94 -21.36
C THR F 203 3.00 -32.28 -21.36
N SER F 204 4.29 -32.27 -21.62
CA SER F 204 5.18 -33.44 -21.58
C SER F 204 5.86 -33.50 -20.22
N PRO F 205 6.05 -34.69 -19.67
CA PRO F 205 6.61 -34.80 -18.31
C PRO F 205 8.08 -34.41 -18.28
N ILE F 206 8.51 -33.96 -17.10
CA ILE F 206 9.93 -33.74 -16.85
C ILE F 206 10.58 -35.08 -16.55
N VAL F 207 11.65 -35.40 -17.26
CA VAL F 207 12.24 -36.74 -17.24
C VAL F 207 13.68 -36.65 -16.76
N LYS F 208 14.02 -37.46 -15.76
CA LYS F 208 15.39 -37.63 -15.32
C LYS F 208 15.74 -39.11 -15.33
N SER F 209 16.87 -39.46 -15.93
CA SER F 209 17.22 -40.86 -16.10
C SER F 209 18.69 -41.05 -15.80
N PHE F 210 19.07 -42.32 -15.64
CA PHE F 210 20.48 -42.68 -15.51
C PHE F 210 20.65 -44.12 -15.96
N ASN F 211 21.88 -44.43 -16.37
CA ASN F 211 22.23 -45.77 -16.80
C ASN F 211 23.10 -46.42 -15.75
N ARG F 212 22.88 -47.72 -15.53
CA ARG F 212 23.57 -48.46 -14.48
C ARG F 212 25.09 -48.43 -14.61
N ASN F 213 25.61 -48.08 -15.78
CA ASN F 213 27.06 -48.00 -15.97
C ASN F 213 27.65 -46.77 -15.31
N GLU G 1 -2.17 -7.62 20.01
CA GLU G 1 -1.31 -7.20 21.11
C GLU G 1 -2.07 -6.27 22.05
N VAL G 2 -1.54 -6.13 23.27
CA VAL G 2 -2.11 -5.22 24.25
C VAL G 2 -1.77 -3.78 23.88
N LYS G 3 -2.77 -2.89 23.99
CA LYS G 3 -2.62 -1.48 23.66
C LYS G 3 -3.30 -0.60 24.70
N LEU G 4 -2.60 0.45 25.11
CA LEU G 4 -3.09 1.43 26.08
C LEU G 4 -2.83 2.82 25.51
N GLU G 5 -3.89 3.48 25.05
CA GLU G 5 -3.79 4.80 24.44
C GLU G 5 -4.22 5.86 25.45
N GLU G 6 -3.28 6.72 25.84
CA GLU G 6 -3.52 7.72 26.87
C GLU G 6 -3.73 9.10 26.26
N SER G 7 -4.52 9.91 26.96
CA SER G 7 -4.83 11.25 26.52
C SER G 7 -5.24 12.08 27.74
N GLY G 8 -5.38 13.39 27.51
CA GLY G 8 -5.74 14.31 28.57
C GLY G 8 -4.58 15.10 29.14
N GLY G 9 -3.36 14.84 28.69
CA GLY G 9 -2.21 15.58 29.16
C GLY G 9 -2.18 16.97 28.57
N GLY G 10 -1.10 17.68 28.87
CA GLY G 10 -0.90 19.03 28.40
C GLY G 10 -0.56 19.96 29.54
N LEU G 11 -0.86 21.24 29.34
CA LEU G 11 -0.48 22.29 30.27
C LEU G 11 -1.69 22.74 31.08
N VAL G 12 -1.48 22.92 32.38
CA VAL G 12 -2.54 23.38 33.28
C VAL G 12 -1.93 24.33 34.31
N GLN G 13 -2.66 25.40 34.62
CA GLN G 13 -2.19 26.35 35.61
C GLN G 13 -2.28 25.76 37.01
N PRO G 14 -1.42 26.20 37.94
CA PRO G 14 -1.49 25.68 39.30
C PRO G 14 -2.86 25.94 39.92
N GLY G 15 -3.37 24.94 40.65
CA GLY G 15 -4.70 25.00 41.21
C GLY G 15 -5.79 24.51 40.28
N GLY G 16 -5.50 24.35 38.99
CA GLY G 16 -6.48 23.86 38.04
C GLY G 16 -6.67 22.36 38.08
N SER G 17 -7.51 21.88 37.18
CA SER G 17 -7.90 20.47 37.13
C SER G 17 -7.71 19.92 35.73
N MET G 18 -7.54 18.60 35.66
CA MET G 18 -7.35 17.90 34.40
C MET G 18 -7.73 16.44 34.59
N LYS G 19 -8.26 15.83 33.53
CA LYS G 19 -8.62 14.42 33.57
C LYS G 19 -7.85 13.66 32.51
N LEU G 20 -7.17 12.59 32.94
CA LEU G 20 -6.45 11.70 32.06
C LEU G 20 -7.33 10.50 31.72
N SER G 21 -7.34 10.14 30.44
CA SER G 21 -8.08 8.98 29.96
C SER G 21 -7.11 7.96 29.37
N CYS G 22 -7.48 6.69 29.46
CA CYS G 22 -6.68 5.60 28.91
C CYS G 22 -7.63 4.57 28.31
N ALA G 23 -7.58 4.43 26.99
CA ALA G 23 -8.39 3.47 26.26
C ALA G 23 -7.58 2.21 26.03
N ALA G 24 -8.10 1.07 26.48
CA ALA G 24 -7.39 -0.20 26.39
C ALA G 24 -7.97 -1.06 25.28
N SER G 25 -7.12 -1.97 24.77
CA SER G 25 -7.56 -2.94 23.77
C SER G 25 -6.56 -4.09 23.76
N GLY G 26 -7.00 -5.21 23.21
CA GLY G 26 -6.14 -6.37 23.08
C GLY G 26 -6.15 -7.32 24.25
N PHE G 27 -7.05 -7.13 25.21
CA PHE G 27 -7.15 -8.03 26.36
C PHE G 27 -8.51 -7.86 27.01
N ILE G 28 -8.81 -8.76 27.94
CA ILE G 28 -10.07 -8.72 28.69
C ILE G 28 -9.92 -7.62 29.74
N PHE G 29 -10.46 -6.44 29.45
CA PHE G 29 -10.29 -5.29 30.34
C PHE G 29 -10.86 -5.56 31.72
N SER G 30 -12.03 -6.21 31.80
CA SER G 30 -12.67 -6.43 33.09
C SER G 30 -11.84 -7.29 34.03
N ASP G 31 -10.92 -8.09 33.50
CA ASP G 31 -10.10 -8.97 34.31
C ASP G 31 -8.88 -8.27 34.89
N ALA G 32 -8.47 -7.14 34.32
CA ALA G 32 -7.19 -6.54 34.64
C ALA G 32 -7.30 -5.49 35.74
N TRP G 33 -6.23 -5.33 36.51
CA TRP G 33 -6.07 -4.20 37.42
C TRP G 33 -5.49 -3.04 36.64
N MET G 34 -6.04 -1.84 36.86
CA MET G 34 -5.59 -0.66 36.11
C MET G 34 -4.91 0.33 37.05
N ASP G 35 -3.71 0.76 36.67
CA ASP G 35 -2.92 1.67 37.51
C ASP G 35 -2.45 2.88 36.69
N TRP G 36 -2.16 3.95 37.43
CA TRP G 36 -1.50 5.14 36.90
C TRP G 36 -0.19 5.34 37.65
N VAL G 37 0.90 5.47 36.89
CA VAL G 37 2.25 5.69 37.44
C VAL G 37 2.81 6.94 36.78
N ARG G 38 3.60 7.71 37.53
CA ARG G 38 4.17 8.93 36.97
C ARG G 38 5.67 8.98 37.16
N GLN G 39 6.34 9.70 36.26
CA GLN G 39 7.79 9.78 36.21
C GLN G 39 8.21 11.22 35.93
N SER G 40 9.20 11.71 36.67
CA SER G 40 9.77 13.03 36.50
C SER G 40 11.29 12.90 36.60
N PRO G 41 12.05 13.83 36.00
CA PRO G 41 13.51 13.70 36.03
C PRO G 41 14.12 13.69 37.42
N GLU G 42 13.59 14.45 38.36
CA GLU G 42 14.19 14.50 39.69
C GLU G 42 13.58 13.51 40.67
N ARG G 43 12.28 13.29 40.63
CA ARG G 43 11.61 12.47 41.62
C ARG G 43 11.42 11.03 41.18
N GLY G 44 11.80 10.69 39.94
CA GLY G 44 11.78 9.32 39.49
C GLY G 44 10.40 8.74 39.25
N LEU G 45 10.30 7.42 39.41
CA LEU G 45 9.05 6.71 39.21
C LEU G 45 8.20 6.75 40.47
N GLU G 46 6.93 7.10 40.30
CA GLU G 46 5.97 7.18 41.41
C GLU G 46 4.69 6.47 41.01
N TRP G 47 4.33 5.43 41.75
CA TRP G 47 2.99 4.88 41.63
C TRP G 47 1.99 5.93 42.13
N VAL G 48 0.98 6.22 41.32
CA VAL G 48 0.03 7.28 41.61
C VAL G 48 -1.31 6.72 42.08
N ALA G 49 -1.88 5.78 41.33
CA ALA G 49 -3.21 5.30 41.67
C ALA G 49 -3.41 3.89 41.13
N GLU G 50 -4.38 3.19 41.73
CA GLU G 50 -4.71 1.83 41.31
C GLU G 50 -6.20 1.60 41.52
N ILE G 51 -6.80 0.81 40.63
CA ILE G 51 -8.16 0.31 40.79
C ILE G 51 -8.18 -1.13 40.35
N ARG G 52 -8.67 -2.01 41.22
CA ARG G 52 -8.64 -3.44 40.95
C ARG G 52 -9.88 -3.86 40.19
N SER G 53 -9.89 -5.12 39.78
CA SER G 53 -10.98 -5.63 38.96
C SER G 53 -12.21 -5.91 39.83
N LYS G 54 -13.37 -5.99 39.15
CA LYS G 54 -14.60 -6.37 39.82
C LYS G 54 -14.46 -7.68 40.57
N ALA G 55 -13.67 -8.61 40.05
CA ALA G 55 -13.52 -9.93 40.68
C ALA G 55 -12.97 -9.82 42.09
N ASN G 56 -12.22 -8.75 42.40
CA ASN G 56 -11.60 -8.59 43.71
C ASN G 56 -11.87 -7.18 44.25
N GLY G 57 -13.14 -6.84 44.37
CA GLY G 57 -13.57 -5.71 45.16
C GLY G 57 -13.76 -4.41 44.41
N LEU G 58 -13.09 -4.23 43.27
CA LEU G 58 -13.09 -2.96 42.55
C LEU G 58 -12.53 -1.83 43.44
N ALA G 59 -11.57 -2.17 44.29
CA ALA G 59 -11.12 -1.27 45.35
C ALA G 59 -10.06 -0.30 44.83
N PRO G 60 -10.25 1.00 45.04
CA PRO G 60 -9.23 1.98 44.66
C PRO G 60 -8.21 2.24 45.75
N TYR G 61 -7.00 2.54 45.32
CA TYR G 61 -5.90 2.89 46.21
C TYR G 61 -5.12 4.05 45.59
N TYR G 62 -4.59 4.92 46.45
CA TYR G 62 -3.94 6.13 46.03
C TYR G 62 -2.62 6.33 46.75
N ALA G 63 -1.73 7.07 46.11
CA ALA G 63 -0.50 7.47 46.79
C ALA G 63 -0.81 8.60 47.76
N GLU G 64 0.05 8.73 48.77
CA GLU G 64 -0.21 9.69 49.85
C GLU G 64 -0.30 11.11 49.31
N SER G 65 0.62 11.48 48.41
CA SER G 65 0.72 12.85 47.94
C SER G 65 -0.47 13.30 47.10
N VAL G 66 -1.25 12.37 46.55
CA VAL G 66 -2.40 12.71 45.71
C VAL G 66 -3.72 12.35 46.36
N LYS G 67 -3.69 11.81 47.57
CA LYS G 67 -4.92 11.41 48.26
C LYS G 67 -5.85 12.60 48.46
N GLY G 68 -7.14 12.39 48.19
CA GLY G 68 -8.13 13.44 48.30
C GLY G 68 -8.21 14.37 47.11
N ARG G 69 -7.19 14.39 46.25
CA ARG G 69 -7.18 15.23 45.06
C ARG G 69 -7.41 14.43 43.78
N PHE G 70 -6.86 13.22 43.70
CA PHE G 70 -6.99 12.38 42.52
C PHE G 70 -8.08 11.34 42.73
N THR G 71 -8.80 11.04 41.65
CA THR G 71 -9.87 10.04 41.66
C THR G 71 -9.66 9.11 40.46
N ILE G 72 -9.46 7.83 40.73
CA ILE G 72 -9.28 6.85 39.66
C ILE G 72 -10.58 6.07 39.50
N SER G 73 -10.96 5.80 38.25
CA SER G 73 -12.19 5.09 37.97
C SER G 73 -12.01 4.28 36.69
N ARG G 74 -12.94 3.36 36.45
CA ARG G 74 -12.88 2.54 35.25
C ARG G 74 -14.27 2.31 34.69
N ASP G 75 -14.34 2.21 33.37
CA ASP G 75 -15.55 1.87 32.63
C ASP G 75 -15.22 0.63 31.80
N ASP G 76 -15.67 -0.53 32.28
CA ASP G 76 -15.41 -1.78 31.56
C ASP G 76 -16.15 -1.80 30.22
N SER G 77 -17.31 -1.15 30.15
CA SER G 77 -18.10 -1.15 28.93
C SER G 77 -17.37 -0.45 27.80
N LYS G 78 -16.54 0.54 28.13
CA LYS G 78 -15.68 1.19 27.14
C LYS G 78 -14.22 0.81 27.31
N SER G 79 -13.91 -0.12 28.21
CA SER G 79 -12.56 -0.61 28.45
C SER G 79 -11.59 0.56 28.66
N SER G 80 -11.99 1.47 29.53
CA SER G 80 -11.21 2.68 29.77
C SER G 80 -10.97 2.90 31.25
N VAL G 81 -9.84 3.52 31.56
CA VAL G 81 -9.54 3.94 32.93
C VAL G 81 -9.31 5.44 32.92
N TYR G 82 -9.68 6.09 34.02
CA TYR G 82 -9.69 7.54 34.11
C TYR G 82 -9.05 7.98 35.42
N LEU G 83 -8.39 9.14 35.36
CA LEU G 83 -7.75 9.77 36.51
C LEU G 83 -8.13 11.25 36.53
N GLN G 84 -9.07 11.63 37.38
CA GLN G 84 -9.44 13.02 37.59
C GLN G 84 -8.50 13.65 38.61
N MET G 85 -7.99 14.84 38.31
CA MET G 85 -7.00 15.52 39.13
C MET G 85 -7.46 16.94 39.37
N ASN G 86 -7.63 17.31 40.63
CA ASN G 86 -8.05 18.65 41.01
C ASN G 86 -6.99 19.32 41.86
N ASN G 87 -6.94 20.65 41.78
CA ASN G 87 -5.99 21.47 42.53
C ASN G 87 -4.56 20.98 42.32
N LEU G 88 -4.11 21.05 41.07
CA LEU G 88 -2.81 20.52 40.72
C LEU G 88 -1.69 21.49 41.09
N ARG G 89 -0.55 20.92 41.48
CA ARG G 89 0.62 21.67 41.88
C ARG G 89 1.78 21.32 40.94
N SER G 90 2.88 22.09 41.07
CA SER G 90 4.06 21.84 40.25
C SER G 90 4.62 20.43 40.44
N GLU G 91 4.55 19.88 41.66
CA GLU G 91 5.11 18.54 41.84
C GLU G 91 4.35 17.48 41.04
N ASP G 92 3.13 17.78 40.61
CA ASP G 92 2.37 16.85 39.78
C ASP G 92 2.87 16.78 38.34
N THR G 93 3.75 17.69 37.94
CA THR G 93 4.30 17.67 36.58
C THR G 93 5.08 16.38 36.34
N GLY G 94 4.84 15.76 35.19
CA GLY G 94 5.57 14.56 34.82
C GLY G 94 4.84 13.80 33.73
N ILE G 95 5.44 12.67 33.37
CA ILE G 95 4.86 11.77 32.39
C ILE G 95 4.01 10.74 33.13
N TYR G 96 2.76 10.58 32.71
CA TYR G 96 1.82 9.64 33.32
C TYR G 96 1.64 8.45 32.40
N TYR G 97 1.94 7.26 32.91
CA TYR G 97 1.75 5.98 32.23
C TYR G 97 0.51 5.28 32.78
N CYS G 98 -0.32 4.79 31.88
CA CYS G 98 -1.41 3.88 32.21
C CYS G 98 -0.90 2.45 32.11
N THR G 99 -1.17 1.64 33.13
CA THR G 99 -0.70 0.26 33.14
C THR G 99 -1.85 -0.68 33.46
N SER G 100 -1.72 -1.91 32.96
CA SER G 100 -2.70 -2.97 33.19
C SER G 100 -1.98 -4.20 33.69
N THR G 101 -2.61 -4.91 34.63
CA THR G 101 -2.02 -6.07 35.26
C THR G 101 -2.96 -7.27 35.16
N LEU G 102 -2.43 -8.37 34.64
CA LEU G 102 -3.12 -9.66 34.58
C LEU G 102 -2.15 -10.69 35.15
N TYR G 103 -2.57 -11.41 36.18
CA TYR G 103 -1.70 -12.32 36.92
C TYR G 103 -0.53 -11.49 37.43
N TYR G 104 0.72 -11.90 37.20
CA TYR G 104 1.88 -11.10 37.55
C TYR G 104 2.39 -10.24 36.39
N PHE G 105 1.78 -10.35 35.21
CA PHE G 105 2.22 -9.62 34.03
C PHE G 105 1.57 -8.24 34.02
N ASP G 106 2.34 -7.23 33.60
CA ASP G 106 1.79 -5.89 33.48
C ASP G 106 2.28 -5.25 32.18
N TYR G 107 1.52 -4.26 31.73
CA TYR G 107 1.72 -3.61 30.43
C TYR G 107 1.58 -2.11 30.62
N TRP G 108 2.50 -1.35 30.05
CA TRP G 108 2.55 0.10 30.18
C TRP G 108 2.27 0.76 28.85
N GLY G 109 1.55 1.89 28.88
CA GLY G 109 1.43 2.72 27.71
C GLY G 109 2.64 3.61 27.55
N GLN G 110 2.69 4.33 26.43
CA GLN G 110 3.82 5.24 26.21
C GLN G 110 3.73 6.49 27.06
N GLY G 111 2.56 6.82 27.59
CA GLY G 111 2.44 7.89 28.54
C GLY G 111 2.06 9.22 27.90
N THR G 112 1.59 10.14 28.74
CA THR G 112 1.28 11.49 28.31
C THR G 112 1.83 12.47 29.33
N THR G 113 2.32 13.61 28.85
CA THR G 113 3.03 14.56 29.69
C THR G 113 2.07 15.62 30.22
N LEU G 114 2.05 15.77 31.55
CA LEU G 114 1.28 16.80 32.23
C LEU G 114 2.24 17.83 32.83
N THR G 115 2.03 19.10 32.50
CA THR G 115 2.86 20.19 32.99
C THR G 115 1.99 21.16 33.76
N VAL G 116 2.27 21.29 35.06
CA VAL G 116 1.57 22.24 35.92
C VAL G 116 2.50 23.43 36.10
N SER G 117 2.12 24.56 35.50
CA SER G 117 2.99 25.72 35.49
C SER G 117 2.17 26.93 35.04
N SER G 118 2.61 28.11 35.47
CA SER G 118 1.99 29.36 35.04
C SER G 118 2.57 29.89 33.74
N ALA G 119 3.63 29.27 33.22
CA ALA G 119 4.22 29.70 31.96
C ALA G 119 3.25 29.48 30.80
N LYS G 120 3.52 30.16 29.70
CA LYS G 120 2.61 30.18 28.55
C LYS G 120 3.10 29.23 27.47
N THR G 121 2.15 28.57 26.80
CA THR G 121 2.48 27.74 25.65
C THR G 121 3.05 28.58 24.51
N THR G 122 4.14 28.10 23.91
CA THR G 122 4.76 28.79 22.78
C THR G 122 5.36 27.74 21.84
N PRO G 123 5.14 27.89 20.53
CA PRO G 123 5.62 26.88 19.57
C PRO G 123 7.12 27.03 19.32
N PRO G 124 7.77 25.98 18.83
CA PRO G 124 9.23 26.04 18.64
C PRO G 124 9.63 26.69 17.34
N SER G 125 10.84 27.24 17.33
CA SER G 125 11.50 27.70 16.12
C SER G 125 12.52 26.66 15.70
N VAL G 126 12.46 26.24 14.44
CA VAL G 126 13.30 25.18 13.91
C VAL G 126 14.28 25.80 12.93
N TYR G 127 15.57 25.77 13.27
CA TYR G 127 16.65 26.33 12.49
C TYR G 127 17.55 25.25 11.90
N PRO G 128 17.92 25.37 10.64
CA PRO G 128 18.79 24.37 10.01
C PRO G 128 20.24 24.54 10.41
N LEU G 129 20.93 23.41 10.50
CA LEU G 129 22.37 23.36 10.82
C LEU G 129 23.07 22.68 9.65
N ALA G 130 23.68 23.49 8.79
CA ALA G 130 24.42 23.01 7.64
C ALA G 130 25.86 23.51 7.70
N PRO G 131 26.82 22.72 7.21
CA PRO G 131 28.24 23.09 7.25
C PRO G 131 28.56 24.32 6.41
N ASN G 138 36.77 14.07 4.33
CA ASN G 138 35.51 13.75 5.01
C ASN G 138 34.69 12.72 4.24
N SER G 139 34.58 11.51 4.78
CA SER G 139 33.72 10.52 4.15
C SER G 139 32.28 10.69 4.56
N MET G 140 32.03 11.34 5.69
CA MET G 140 30.70 11.58 6.23
C MET G 140 30.49 13.06 6.47
N VAL G 141 29.22 13.47 6.46
CA VAL G 141 28.84 14.84 6.74
C VAL G 141 27.73 14.82 7.78
N THR G 142 27.80 15.77 8.71
CA THR G 142 26.84 15.89 9.80
C THR G 142 25.99 17.14 9.60
N LEU G 143 24.68 16.97 9.68
CA LEU G 143 23.71 18.04 9.58
C LEU G 143 22.87 18.06 10.85
N GLY G 144 22.04 19.08 11.00
CA GLY G 144 21.24 19.10 12.21
C GLY G 144 20.09 20.09 12.14
N CYS G 145 19.29 20.05 13.21
CA CYS G 145 18.19 20.99 13.43
C CYS G 145 18.24 21.47 14.87
N LEU G 146 18.14 22.78 15.06
CA LEU G 146 18.01 23.40 16.36
C LEU G 146 16.55 23.74 16.61
N VAL G 147 16.00 23.22 17.70
CA VAL G 147 14.60 23.42 18.06
C VAL G 147 14.61 24.29 19.32
N LYS G 148 14.34 25.59 19.16
CA LYS G 148 14.55 26.57 20.20
C LYS G 148 13.26 27.25 20.61
N GLY G 149 13.13 27.54 21.91
CA GLY G 149 12.08 28.43 22.38
C GLY G 149 10.69 27.85 22.44
N TYR G 150 10.53 26.62 22.90
CA TYR G 150 9.22 26.01 23.00
C TYR G 150 8.86 25.70 24.45
N PHE G 151 7.57 25.54 24.69
CA PHE G 151 7.03 25.20 26.00
C PHE G 151 5.59 24.75 25.82
N PRO G 152 5.15 23.68 26.51
CA PRO G 152 6.00 22.84 27.36
C PRO G 152 6.56 21.63 26.62
N GLU G 153 7.16 20.71 27.38
CA GLU G 153 7.60 19.44 26.82
C GLU G 153 6.39 18.58 26.44
N PRO G 154 6.54 17.65 25.48
CA PRO G 154 7.74 17.41 24.70
C PRO G 154 7.59 17.79 23.22
N VAL G 155 8.67 17.59 22.47
CA VAL G 155 8.63 17.58 21.01
C VAL G 155 9.19 16.24 20.55
N THR G 156 8.77 15.80 19.36
CA THR G 156 9.34 14.63 18.73
C THR G 156 10.08 15.04 17.48
N VAL G 157 11.24 14.43 17.24
CA VAL G 157 12.10 14.76 16.11
C VAL G 157 12.36 13.50 15.32
N THR G 158 12.10 13.55 14.02
CA THR G 158 12.46 12.48 13.10
C THR G 158 13.25 13.09 11.94
N TRP G 159 13.84 12.21 11.13
CA TRP G 159 14.56 12.63 9.93
C TRP G 159 14.02 11.86 8.73
N ASN G 160 13.62 12.61 7.70
CA ASN G 160 12.96 12.04 6.52
C ASN G 160 11.81 11.12 6.92
N SER G 161 10.96 11.63 7.80
CA SER G 161 9.75 10.94 8.25
C SER G 161 10.05 9.57 8.85
N GLY G 162 11.17 9.43 9.53
CA GLY G 162 11.52 8.21 10.23
C GLY G 162 12.29 7.20 9.42
N SER G 163 12.42 7.38 8.10
CA SER G 163 13.17 6.44 7.29
C SER G 163 14.68 6.60 7.45
N LEU G 164 15.14 7.77 7.88
CA LEU G 164 16.55 8.02 8.18
C LEU G 164 16.70 7.97 9.70
N SER G 165 16.97 6.77 10.23
CA SER G 165 17.06 6.56 11.67
C SER G 165 18.46 6.29 12.18
N SER G 166 19.34 5.72 11.35
CA SER G 166 20.70 5.42 11.77
C SER G 166 21.55 6.68 11.79
N GLY G 167 22.43 6.77 12.78
CA GLY G 167 23.32 7.91 12.88
C GLY G 167 22.65 9.20 13.30
N VAL G 168 21.61 9.11 14.14
CA VAL G 168 20.88 10.26 14.62
C VAL G 168 21.12 10.41 16.12
N HIS G 169 21.33 11.64 16.56
CA HIS G 169 21.44 11.97 17.98
C HIS G 169 20.49 13.12 18.29
N THR G 170 19.42 12.83 19.02
CA THR G 170 18.51 13.86 19.51
C THR G 170 18.78 14.05 21.00
N PHE G 171 19.14 15.26 21.38
CA PHE G 171 19.62 15.54 22.72
C PHE G 171 18.50 15.99 23.64
N PRO G 172 18.63 15.72 24.94
CA PRO G 172 17.63 16.18 25.90
C PRO G 172 17.52 17.70 25.90
N ALA G 173 16.33 18.18 26.22
CA ALA G 173 16.07 19.62 26.21
C ALA G 173 16.70 20.30 27.42
N VAL G 174 16.99 21.59 27.24
CA VAL G 174 17.50 22.45 28.31
C VAL G 174 16.50 23.57 28.50
N LEU G 175 16.16 23.85 29.75
CA LEU G 175 15.15 24.84 30.10
C LEU G 175 15.82 26.15 30.55
N GLN G 176 15.35 27.26 30.01
CA GLN G 176 15.78 28.59 30.42
C GLN G 176 14.68 29.59 30.11
N SER G 177 14.36 30.44 31.08
CA SER G 177 13.35 31.47 30.93
C SER G 177 12.01 30.88 30.50
N ASP G 178 11.66 29.74 31.12
CA ASP G 178 10.42 29.03 30.82
C ASP G 178 10.33 28.64 29.34
N LEU G 179 11.49 28.39 28.71
CA LEU G 179 11.53 27.98 27.31
C LEU G 179 12.53 26.84 27.16
N TYR G 180 12.15 25.84 26.36
CA TYR G 180 12.98 24.67 26.14
C TYR G 180 13.75 24.78 24.83
N THR G 181 14.94 24.19 24.80
CA THR G 181 15.75 24.16 23.59
C THR G 181 16.47 22.82 23.50
N LEU G 182 16.41 22.19 22.31
CA LEU G 182 17.16 20.97 22.04
C LEU G 182 17.70 21.03 20.62
N SER G 183 18.51 20.03 20.29
CA SER G 183 19.09 19.92 18.97
C SER G 183 19.06 18.45 18.53
N SER G 184 19.17 18.25 17.22
CA SER G 184 19.26 16.90 16.68
C SER G 184 20.28 16.90 15.55
N SER G 185 21.17 15.93 15.56
CA SER G 185 22.18 15.77 14.52
C SER G 185 21.97 14.46 13.79
N VAL G 186 22.35 14.44 12.52
CA VAL G 186 22.31 13.23 11.70
C VAL G 186 23.55 13.20 10.82
N THR G 187 24.17 12.03 10.72
CA THR G 187 25.42 11.87 9.97
C THR G 187 25.19 10.89 8.82
N VAL G 188 25.49 11.34 7.61
CA VAL G 188 25.25 10.53 6.43
C VAL G 188 26.49 10.52 5.56
N PRO G 189 26.62 9.55 4.65
CA PRO G 189 27.74 9.57 3.70
C PRO G 189 27.72 10.83 2.85
N SER G 190 28.91 11.31 2.49
CA SER G 190 29.02 12.53 1.70
C SER G 190 28.45 12.37 0.31
N SER G 191 28.36 11.14 -0.20
CA SER G 191 27.77 10.91 -1.51
C SER G 191 26.26 11.11 -1.50
N THR G 192 25.61 11.01 -0.34
CA THR G 192 24.16 11.13 -0.25
C THR G 192 23.68 12.56 -0.05
N TRP G 193 24.55 13.49 0.33
CA TRP G 193 24.15 14.87 0.51
C TRP G 193 25.17 15.79 -0.14
N PRO G 194 24.72 16.85 -0.83
CA PRO G 194 23.34 17.27 -1.01
C PRO G 194 22.60 16.55 -2.13
N SER G 195 23.17 15.44 -2.62
CA SER G 195 22.54 14.68 -3.69
C SER G 195 21.10 14.32 -3.35
N GLU G 196 20.90 13.59 -2.27
CA GLU G 196 19.57 13.28 -1.75
C GLU G 196 19.20 14.28 -0.67
N THR G 197 17.90 14.47 -0.47
CA THR G 197 17.42 15.47 0.47
C THR G 197 17.44 14.90 1.90
N VAL G 198 17.75 15.78 2.85
CA VAL G 198 17.73 15.45 4.27
C VAL G 198 16.85 16.47 4.97
N THR G 199 15.81 15.99 5.65
CA THR G 199 14.80 16.86 6.24
C THR G 199 14.51 16.40 7.66
N CYS G 200 14.46 17.35 8.58
CA CYS G 200 14.06 17.07 9.95
C CYS G 200 12.61 17.47 10.17
N ASN G 201 11.90 16.66 10.95
CA ASN G 201 10.48 16.85 11.24
C ASN G 201 10.33 16.99 12.75
N VAL G 202 9.76 18.12 13.19
CA VAL G 202 9.64 18.45 14.60
C VAL G 202 8.16 18.64 14.92
N ALA G 203 7.63 17.80 15.79
CA ALA G 203 6.23 17.87 16.21
C ALA G 203 6.16 18.38 17.64
N HIS G 204 5.31 19.38 17.87
CA HIS G 204 5.05 19.95 19.18
C HIS G 204 3.54 19.91 19.40
N PRO G 205 3.04 18.86 20.06
CA PRO G 205 1.58 18.71 20.23
C PRO G 205 0.96 19.77 21.10
N ALA G 206 1.68 20.28 22.11
CA ALA G 206 1.11 21.25 23.03
C ALA G 206 0.68 22.52 22.32
N SER G 207 1.41 22.93 21.28
CA SER G 207 1.05 24.07 20.46
C SER G 207 0.38 23.67 19.16
N SER G 208 0.09 22.37 18.99
CA SER G 208 -0.54 21.86 17.78
C SER G 208 0.23 22.28 16.53
N THR G 209 1.56 22.16 16.60
CA THR G 209 2.42 22.64 15.51
C THR G 209 3.32 21.51 15.05
N LYS G 210 3.60 21.48 13.75
CA LYS G 210 4.62 20.61 13.19
C LYS G 210 5.40 21.39 12.15
N VAL G 211 6.73 21.25 12.18
CA VAL G 211 7.61 22.01 11.29
C VAL G 211 8.57 21.04 10.62
N ASP G 212 8.66 21.12 9.30
CA ASP G 212 9.64 20.39 8.52
C ASP G 212 10.69 21.35 8.00
N LYS G 213 11.96 20.95 8.10
CA LYS G 213 13.07 21.78 7.68
C LYS G 213 13.98 20.94 6.80
N LYS G 214 14.06 21.29 5.52
CA LYS G 214 15.00 20.66 4.61
C LYS G 214 16.35 21.36 4.76
N ILE G 215 17.39 20.57 5.01
CA ILE G 215 18.73 21.11 5.20
C ILE G 215 19.38 21.26 3.84
N VAL G 216 19.77 22.48 3.50
CA VAL G 216 20.39 22.75 2.21
C VAL G 216 21.72 23.46 2.46
N PRO G 217 22.71 23.26 1.60
CA PRO G 217 24.03 23.84 1.85
C PRO G 217 24.01 25.36 1.82
N ARG G 218 25.04 25.94 2.43
CA ARG G 218 25.23 27.38 2.48
C ARG G 218 26.02 27.78 1.25
N ASP G 219 25.70 28.93 0.68
CA ASP G 219 26.40 29.40 -0.52
C ASP G 219 26.10 30.85 -0.84
N PCA H 1 5.86 4.01 54.48
CA PCA H 1 6.10 3.50 53.13
CB PCA H 1 6.22 4.64 52.12
CG PCA H 1 5.87 5.92 52.85
CD PCA H 1 5.72 5.46 54.28
OE PCA H 1 5.51 6.25 55.19
C PCA H 1 7.38 2.68 53.10
O PCA H 1 8.37 3.06 53.71
N ILE H 2 7.35 1.55 52.41
CA ILE H 2 8.57 0.79 52.20
C ILE H 2 9.41 1.57 51.21
N VAL H 3 10.58 2.02 51.63
CA VAL H 3 11.47 2.78 50.77
C VAL H 3 12.53 1.83 50.24
N LEU H 4 12.73 1.84 48.93
CA LEU H 4 13.68 0.98 48.27
C LEU H 4 14.91 1.80 47.89
N THR H 5 16.09 1.26 48.18
CA THR H 5 17.34 1.96 47.94
C THR H 5 18.17 1.15 46.95
N GLN H 6 18.45 1.73 45.79
CA GLN H 6 19.27 1.09 44.78
C GLN H 6 20.58 1.88 44.70
N SER H 7 21.56 1.41 45.46
CA SER H 7 22.90 1.97 45.44
C SER H 7 23.88 0.96 44.86
N PRO H 8 24.83 1.40 44.02
CA PRO H 8 24.98 2.77 43.55
C PRO H 8 23.99 3.15 42.43
N ALA H 9 23.76 4.45 42.25
CA ALA H 9 22.85 4.91 41.20
C ALA H 9 23.42 4.67 39.81
N ILE H 10 24.75 4.65 39.67
CA ILE H 10 25.40 4.40 38.40
C ILE H 10 26.42 3.28 38.59
N MET H 11 26.57 2.45 37.57
CA MET H 11 27.46 1.30 37.64
C MET H 11 28.00 0.97 36.25
N SER H 12 29.32 0.81 36.15
CA SER H 12 29.98 0.45 34.90
C SER H 12 30.39 -1.01 34.89
N ALA H 13 30.46 -1.59 33.69
CA ALA H 13 30.82 -3.00 33.52
C ALA H 13 31.44 -3.22 32.15
N PHE H 14 32.42 -4.15 32.07
CA PHE H 14 33.05 -4.50 30.81
C PHE H 14 32.31 -5.65 30.13
N PRO H 15 32.44 -5.80 28.81
CA PRO H 15 31.75 -6.89 28.12
C PRO H 15 32.12 -8.26 28.65
N GLY H 16 31.11 -9.08 28.93
CA GLY H 16 31.28 -10.39 29.51
C GLY H 16 31.33 -10.42 31.03
N GLU H 17 31.36 -9.26 31.68
CA GLU H 17 31.45 -9.22 33.13
C GLU H 17 30.13 -9.63 33.78
N ARG H 18 30.22 -10.35 34.90
CA ARG H 18 29.06 -10.67 35.72
C ARG H 18 28.67 -9.46 36.55
N VAL H 19 27.50 -8.91 36.30
CA VAL H 19 27.03 -7.70 36.98
C VAL H 19 25.92 -8.05 37.95
N THR H 20 25.87 -7.33 39.07
CA THR H 20 24.82 -7.51 40.07
C THR H 20 24.37 -6.15 40.59
N LEU H 21 23.06 -5.95 40.65
CA LEU H 21 22.45 -4.73 41.15
C LEU H 21 21.62 -5.08 42.38
N THR H 22 21.65 -4.21 43.38
CA THR H 22 21.04 -4.50 44.67
C THR H 22 19.85 -3.58 44.93
N CYS H 23 18.93 -4.06 45.76
CA CYS H 23 17.73 -3.32 46.13
C CYS H 23 17.43 -3.62 47.60
N SER H 24 17.40 -2.58 48.42
CA SER H 24 17.23 -2.72 49.87
C SER H 24 15.95 -2.04 50.32
N ALA H 25 15.13 -2.76 51.08
CA ALA H 25 13.88 -2.24 51.59
C ALA H 25 14.03 -1.82 53.05
N SER H 26 13.19 -0.87 53.46
CA SER H 26 13.17 -0.43 54.85
C SER H 26 12.44 -1.39 55.77
N SER H 27 11.68 -2.33 55.22
CA SER H 27 10.95 -3.31 56.00
C SER H 27 10.88 -4.60 55.19
N SER H 28 10.08 -5.55 55.67
CA SER H 28 9.94 -6.83 54.99
C SER H 28 9.03 -6.69 53.78
N VAL H 29 9.44 -7.32 52.67
CA VAL H 29 8.67 -7.33 51.43
C VAL H 29 8.43 -8.79 51.06
N ARG H 30 7.18 -9.14 50.78
CA ARG H 30 6.87 -10.50 50.36
C ARG H 30 7.49 -10.78 49.01
N SER H 31 8.17 -11.92 48.90
CA SER H 31 8.96 -12.22 47.71
C SER H 31 8.11 -12.26 46.45
N SER H 32 6.82 -12.61 46.58
CA SER H 32 5.94 -12.68 45.42
C SER H 32 5.72 -11.32 44.77
N TYR H 33 5.87 -10.23 45.52
CA TYR H 33 5.51 -8.90 45.07
C TYR H 33 6.71 -7.98 45.00
N LEU H 34 7.86 -8.52 44.61
CA LEU H 34 9.06 -7.75 44.33
C LEU H 34 9.44 -7.99 42.88
N CYS H 35 9.45 -6.92 42.08
CA CYS H 35 9.69 -7.04 40.65
C CYS H 35 10.72 -6.00 40.20
N TRP H 36 11.25 -6.23 38.99
CA TRP H 36 12.25 -5.38 38.37
C TRP H 36 11.78 -4.94 36.99
N TYR H 37 11.98 -3.66 36.69
CA TYR H 37 11.67 -3.06 35.40
C TYR H 37 12.95 -2.54 34.77
N GLN H 38 13.04 -2.67 33.44
CA GLN H 38 14.11 -2.06 32.66
C GLN H 38 13.55 -0.87 31.89
N GLN H 39 14.36 0.20 31.78
CA GLN H 39 13.97 1.36 31.01
C GLN H 39 15.15 1.87 30.20
N LYS H 40 14.93 2.07 28.92
CA LYS H 40 15.82 2.78 28.02
C LYS H 40 15.22 4.13 27.66
N PRO H 41 16.04 5.18 27.52
CA PRO H 41 15.47 6.53 27.34
C PRO H 41 14.57 6.61 26.12
N GLY H 42 13.51 7.41 26.25
CA GLY H 42 12.50 7.51 25.21
C GLY H 42 11.49 6.39 25.17
N SER H 43 11.41 5.58 26.22
CA SER H 43 10.51 4.43 26.24
C SER H 43 9.96 4.22 27.64
N SER H 44 8.82 3.55 27.71
CA SER H 44 8.19 3.24 28.98
C SER H 44 8.99 2.15 29.70
N PRO H 45 8.90 2.09 31.02
CA PRO H 45 9.47 0.94 31.74
C PRO H 45 8.80 -0.35 31.29
N LYS H 46 9.57 -1.42 31.24
CA LYS H 46 9.08 -2.73 30.82
C LYS H 46 9.34 -3.73 31.93
N LEU H 47 8.33 -4.52 32.26
CA LEU H 47 8.47 -5.56 33.28
C LEU H 47 9.58 -6.53 32.88
N TRP H 48 10.61 -6.61 33.72
CA TRP H 48 11.77 -7.42 33.42
C TRP H 48 11.79 -8.72 34.23
N ILE H 49 11.57 -8.63 35.53
CA ILE H 49 11.51 -9.80 36.40
C ILE H 49 10.33 -9.65 37.34
N TYR H 50 9.52 -10.70 37.47
CA TYR H 50 8.42 -10.70 38.42
C TYR H 50 8.63 -11.80 39.44
N SER H 51 8.03 -11.61 40.62
CA SER H 51 8.16 -12.54 41.75
C SER H 51 9.63 -12.89 42.01
N THR H 52 10.42 -11.84 42.20
CA THR H 52 11.82 -11.94 42.62
C THR H 52 12.71 -12.56 41.54
N SER H 53 12.31 -13.70 40.97
CA SER H 53 13.23 -14.46 40.12
C SER H 53 12.67 -14.90 38.76
N ASN H 54 11.43 -14.55 38.42
CA ASN H 54 10.80 -15.03 37.20
C ASN H 54 10.97 -14.02 36.07
N LEU H 55 11.63 -14.44 35.00
CA LEU H 55 11.87 -13.58 33.85
C LEU H 55 10.57 -13.35 33.09
N ALA H 56 10.31 -12.10 32.73
CA ALA H 56 9.21 -11.82 31.82
C ALA H 56 9.55 -12.32 30.42
N SER H 57 8.54 -12.42 29.57
CA SER H 57 8.76 -12.90 28.21
C SER H 57 9.63 -11.91 27.44
N GLY H 58 10.58 -12.44 26.68
CA GLY H 58 11.52 -11.63 25.93
C GLY H 58 12.83 -11.34 26.64
N VAL H 59 12.89 -11.53 27.95
CA VAL H 59 14.13 -11.26 28.69
C VAL H 59 15.12 -12.38 28.40
N PRO H 60 16.35 -12.06 27.98
CA PRO H 60 17.33 -13.11 27.69
C PRO H 60 17.69 -13.92 28.94
N ALA H 61 18.19 -15.14 28.70
CA ALA H 61 18.45 -16.08 29.79
C ALA H 61 19.56 -15.63 30.72
N ARG H 62 20.47 -14.75 30.26
CA ARG H 62 21.56 -14.30 31.12
C ARG H 62 21.08 -13.47 32.30
N PHE H 63 19.83 -13.05 32.32
CA PHE H 63 19.27 -12.32 33.44
C PHE H 63 18.73 -13.28 34.50
N SER H 64 18.78 -12.83 35.75
CA SER H 64 18.24 -13.61 36.85
C SER H 64 17.94 -12.67 38.02
N GLY H 65 17.06 -13.12 38.90
CA GLY H 65 16.73 -12.36 40.08
C GLY H 65 16.85 -13.24 41.32
N SER H 66 17.05 -12.59 42.46
CA SER H 66 17.23 -13.31 43.71
C SER H 66 16.94 -12.37 44.87
N GLY H 67 16.81 -12.94 46.06
CA GLY H 67 16.68 -12.18 47.28
C GLY H 67 15.46 -12.60 48.08
N SER H 68 15.31 -11.94 49.23
CA SER H 68 14.21 -12.22 50.15
C SER H 68 14.20 -11.15 51.24
N GLY H 69 13.07 -11.09 51.95
CA GLY H 69 12.91 -10.24 53.11
C GLY H 69 13.13 -8.77 52.84
N THR H 70 14.37 -8.31 53.01
CA THR H 70 14.70 -6.90 52.87
C THR H 70 15.83 -6.66 51.88
N SER H 71 16.36 -7.70 51.24
CA SER H 71 17.48 -7.56 50.32
C SER H 71 17.23 -8.38 49.08
N TYR H 72 17.23 -7.72 47.91
CA TYR H 72 17.03 -8.39 46.64
C TYR H 72 18.11 -7.93 45.66
N SER H 73 18.25 -8.67 44.57
CA SER H 73 19.29 -8.38 43.59
C SER H 73 18.88 -8.92 42.22
N LEU H 74 19.33 -8.20 41.19
CA LEU H 74 19.24 -8.64 39.81
C LEU H 74 20.65 -8.90 39.30
N THR H 75 20.82 -9.97 38.55
CA THR H 75 22.16 -10.39 38.12
C THR H 75 22.16 -10.67 36.62
N ILE H 76 23.16 -10.13 35.94
CA ILE H 76 23.45 -10.46 34.55
C ILE H 76 24.71 -11.30 34.54
N SER H 77 24.64 -12.47 33.92
CA SER H 77 25.78 -13.38 33.93
C SER H 77 26.91 -12.85 33.04
N SER H 78 26.60 -12.56 31.77
CA SER H 78 27.57 -11.99 30.84
C SER H 78 27.02 -10.66 30.32
N MET H 79 27.61 -9.56 30.77
CA MET H 79 27.17 -8.23 30.35
C MET H 79 27.35 -8.04 28.85
N GLU H 80 26.31 -7.55 28.19
CA GLU H 80 26.34 -7.27 26.76
C GLU H 80 25.89 -5.85 26.50
N ALA H 81 26.07 -5.40 25.25
CA ALA H 81 25.81 -4.01 24.91
C ALA H 81 24.34 -3.64 25.11
N GLU H 82 23.42 -4.50 24.67
CA GLU H 82 22.00 -4.20 24.77
C GLU H 82 21.50 -4.15 26.21
N ASP H 83 22.32 -4.51 27.19
CA ASP H 83 21.90 -4.49 28.59
C ASP H 83 22.12 -3.15 29.27
N ALA H 84 22.77 -2.19 28.61
CA ALA H 84 23.01 -0.88 29.21
C ALA H 84 21.69 -0.11 29.28
N ALA H 85 21.20 0.14 30.49
CA ALA H 85 19.90 0.77 30.68
C ALA H 85 19.73 1.10 32.15
N SER H 86 18.58 1.69 32.48
CA SER H 86 18.23 1.90 33.89
C SER H 86 17.39 0.74 34.39
N TYR H 87 17.61 0.36 35.64
CA TYR H 87 16.89 -0.75 36.24
C TYR H 87 16.26 -0.29 37.54
N PHE H 88 14.95 -0.49 37.66
CA PHE H 88 14.20 -0.11 38.85
C PHE H 88 13.66 -1.35 39.56
N CYS H 89 13.83 -1.40 40.86
CA CYS H 89 13.11 -2.40 41.64
C CYS H 89 11.82 -1.76 42.16
N HIS H 90 10.81 -2.60 42.38
CA HIS H 90 9.48 -2.14 42.69
C HIS H 90 8.83 -3.16 43.60
N GLN H 91 8.09 -2.68 44.59
CA GLN H 91 7.40 -3.56 45.52
C GLN H 91 5.94 -3.15 45.59
N TRP H 92 5.06 -4.15 45.69
CA TRP H 92 3.65 -3.94 45.95
C TRP H 92 3.18 -4.92 47.00
N SER H 93 4.09 -5.31 47.90
CA SER H 93 3.74 -6.15 49.04
C SER H 93 2.94 -5.37 50.07
N SER H 94 3.32 -4.13 50.34
CA SER H 94 2.59 -3.24 51.24
C SER H 94 2.23 -1.97 50.50
N TYR H 95 0.96 -1.57 50.58
CA TYR H 95 0.66 -0.35 49.87
C TYR H 95 0.96 0.87 50.74
N PRO H 96 1.29 2.02 50.13
CA PRO H 96 1.38 2.29 48.69
C PRO H 96 2.52 1.57 47.98
N ARG H 97 2.35 1.31 46.69
CA ARG H 97 3.40 0.72 45.89
C ARG H 97 4.53 1.72 45.72
N THR H 98 5.77 1.25 45.82
CA THR H 98 6.92 2.13 45.82
C THR H 98 7.98 1.62 44.86
N PHE H 99 8.73 2.57 44.28
CA PHE H 99 9.83 2.27 43.39
C PHE H 99 11.16 2.61 44.05
N GLY H 100 12.21 1.95 43.59
CA GLY H 100 13.56 2.36 43.94
C GLY H 100 14.01 3.54 43.10
N GLY H 101 15.12 4.14 43.49
CA GLY H 101 15.65 5.26 42.74
C GLY H 101 16.16 4.89 41.36
N GLY H 102 16.44 3.61 41.13
CA GLY H 102 16.93 3.17 39.84
C GLY H 102 18.45 3.18 39.78
N THR H 103 18.99 2.28 38.95
CA THR H 103 20.42 2.17 38.74
C THR H 103 20.73 2.22 37.25
N LYS H 104 21.54 3.20 36.85
CA LYS H 104 22.03 3.28 35.48
C LYS H 104 23.18 2.30 35.30
N LEU H 105 23.04 1.37 34.36
CA LEU H 105 24.05 0.36 34.07
C LEU H 105 24.63 0.68 32.70
N GLU H 106 25.92 0.97 32.67
CA GLU H 106 26.66 1.33 31.47
C GLU H 106 27.75 0.30 31.20
N ILE H 107 28.05 0.07 29.92
CA ILE H 107 29.06 -0.91 29.52
C ILE H 107 30.32 -0.19 29.09
N LYS H 108 31.46 -0.87 29.24
CA LYS H 108 32.75 -0.34 28.86
C LYS H 108 33.12 -0.80 27.45
N ARG H 109 33.95 -0.01 26.77
CA ARG H 109 34.37 -0.31 25.42
C ARG H 109 35.67 0.43 25.12
N ALA H 110 36.22 0.18 23.94
CA ALA H 110 37.47 0.80 23.53
C ALA H 110 37.30 2.30 23.34
N ASP H 111 38.18 3.08 23.98
CA ASP H 111 38.11 4.54 23.92
C ASP H 111 38.02 5.04 22.49
N ALA H 112 37.26 6.11 22.29
CA ALA H 112 37.05 6.71 20.98
C ALA H 112 37.02 8.22 21.12
N ALA H 113 37.64 8.89 20.16
CA ALA H 113 37.72 10.34 20.19
C ALA H 113 36.44 10.97 19.66
N PRO H 114 36.05 12.13 20.18
CA PRO H 114 34.79 12.75 19.74
C PRO H 114 34.91 13.29 18.32
N THR H 115 33.84 13.09 17.54
CA THR H 115 33.68 13.76 16.25
C THR H 115 33.02 15.11 16.49
N VAL H 116 33.75 16.18 16.18
CA VAL H 116 33.32 17.54 16.49
C VAL H 116 32.86 18.23 15.21
N SER H 117 31.72 18.93 15.31
CA SER H 117 31.17 19.67 14.19
C SER H 117 30.63 21.00 14.72
N ILE H 118 30.96 22.09 14.04
CA ILE H 118 30.52 23.42 14.43
C ILE H 118 29.61 23.98 13.35
N PHE H 119 28.60 24.74 13.79
CA PHE H 119 27.57 25.29 12.91
C PHE H 119 27.31 26.74 13.29
N PRO H 120 27.40 27.65 12.33
CA PRO H 120 27.10 29.07 12.59
C PRO H 120 25.61 29.31 12.68
N PRO H 121 25.18 30.50 13.09
CA PRO H 121 23.74 30.80 13.14
C PRO H 121 23.09 30.72 11.76
N SER H 122 21.85 30.30 11.75
CA SER H 122 21.06 30.29 10.51
C SER H 122 20.56 31.70 10.20
N SER H 123 20.30 31.94 8.92
CA SER H 123 19.81 33.25 8.50
C SER H 123 18.47 33.59 9.15
N GLU H 124 17.61 32.60 9.35
CA GLU H 124 16.31 32.84 9.97
C GLU H 124 16.46 33.40 11.38
N GLN H 125 17.29 32.77 12.21
CA GLN H 125 17.47 33.25 13.57
C GLN H 125 18.10 34.64 13.58
N LEU H 126 18.98 34.92 12.61
CA LEU H 126 19.50 36.27 12.47
C LEU H 126 18.37 37.25 12.18
N THR H 127 17.47 36.89 11.26
CA THR H 127 16.29 37.69 10.99
C THR H 127 15.45 37.90 12.24
N SER H 128 15.55 37.01 13.22
CA SER H 128 14.80 37.14 14.46
C SER H 128 15.60 37.80 15.58
N GLY H 129 16.81 38.27 15.31
CA GLY H 129 17.60 38.98 16.30
C GLY H 129 18.36 38.12 17.27
N GLY H 130 18.55 36.83 16.96
CA GLY H 130 19.35 35.97 17.79
C GLY H 130 20.41 35.28 16.95
N ALA H 131 21.40 34.70 17.63
CA ALA H 131 22.47 34.01 16.93
C ALA H 131 22.96 32.86 17.81
N SER H 132 22.68 31.63 17.41
CA SER H 132 23.12 30.46 18.13
C SER H 132 24.17 29.71 17.31
N VAL H 133 25.31 29.45 17.92
CA VAL H 133 26.36 28.62 17.33
C VAL H 133 26.29 27.27 18.01
N VAL H 134 26.23 26.21 17.21
CA VAL H 134 25.99 24.86 17.72
C VAL H 134 27.25 24.02 17.51
N CYS H 135 27.55 23.16 18.47
CA CYS H 135 28.71 22.28 18.39
C CYS H 135 28.29 20.90 18.84
N PHE H 136 28.43 19.93 17.93
CA PHE H 136 28.15 18.53 18.23
C PHE H 136 29.47 17.81 18.49
N LEU H 137 29.52 17.07 19.59
CA LEU H 137 30.65 16.23 19.98
C LEU H 137 30.10 14.81 20.09
N ASN H 138 30.19 14.06 18.99
CA ASN H 138 29.46 12.80 18.85
C ASN H 138 30.38 11.60 18.95
N ASN H 139 29.85 10.53 19.58
CA ASN H 139 30.44 9.19 19.57
C ASN H 139 31.85 9.19 20.17
N PHE H 140 31.89 9.35 21.50
CA PHE H 140 33.12 9.30 22.26
C PHE H 140 32.92 8.44 23.49
N TYR H 141 34.04 7.92 24.01
CA TYR H 141 34.06 7.16 25.24
C TYR H 141 35.41 7.42 25.89
N PRO H 142 35.47 7.65 27.21
CA PRO H 142 34.34 7.64 28.15
C PRO H 142 33.50 8.92 28.12
N LYS H 143 32.47 8.98 28.97
CA LYS H 143 31.52 10.08 28.94
C LYS H 143 32.13 11.39 29.42
N ASP H 144 33.17 11.34 30.26
CA ASP H 144 33.79 12.56 30.75
C ASP H 144 34.45 13.34 29.62
N ILE H 145 34.07 14.60 29.47
CA ILE H 145 34.56 15.43 28.39
C ILE H 145 34.37 16.89 28.80
N ASN H 146 35.22 17.76 28.24
CA ASN H 146 35.10 19.18 28.51
C ASN H 146 35.00 19.93 27.19
N VAL H 147 34.23 21.01 27.18
CA VAL H 147 34.07 21.85 26.00
C VAL H 147 34.25 23.30 26.42
N LYS H 148 34.88 24.09 25.56
CA LYS H 148 34.92 25.52 25.79
C LYS H 148 34.82 26.27 24.46
N TRP H 149 34.19 27.44 24.53
CA TRP H 149 33.96 28.31 23.39
C TRP H 149 34.93 29.48 23.43
N LYS H 150 35.39 29.89 22.26
CA LYS H 150 36.26 31.04 22.12
C LYS H 150 35.71 31.97 21.05
N ILE H 151 35.61 33.25 21.38
CA ILE H 151 35.23 34.29 20.44
C ILE H 151 36.46 35.17 20.26
N ASP H 152 37.03 35.16 19.06
CA ASP H 152 38.26 35.88 18.76
C ASP H 152 39.34 35.58 19.79
N GLY H 153 39.43 34.31 20.19
CA GLY H 153 40.42 33.87 21.16
C GLY H 153 40.01 33.99 22.60
N SER H 154 38.94 34.72 22.91
CA SER H 154 38.52 34.95 24.30
C SER H 154 37.50 33.90 24.72
N GLU H 155 37.77 33.24 25.86
CA GLU H 155 36.86 32.21 26.36
C GLU H 155 35.50 32.79 26.71
N ARG H 156 34.45 32.05 26.36
CA ARG H 156 33.08 32.42 26.69
C ARG H 156 32.45 31.35 27.56
N GLN H 157 31.76 31.78 28.62
CA GLN H 157 31.13 30.86 29.55
C GLN H 157 29.68 31.19 29.83
N ASN H 158 29.18 32.34 29.35
CA ASN H 158 27.82 32.79 29.57
C ASN H 158 27.03 32.70 28.27
N GLY H 159 25.83 32.15 28.35
CA GLY H 159 25.02 31.91 27.17
C GLY H 159 25.25 30.55 26.54
N VAL H 160 25.93 29.64 27.22
CA VAL H 160 26.23 28.30 26.74
C VAL H 160 25.30 27.33 27.44
N LEU H 161 24.66 26.46 26.67
CA LEU H 161 23.81 25.39 27.22
C LEU H 161 24.28 24.06 26.64
N ASN H 162 24.56 23.11 27.53
CA ASN H 162 25.06 21.80 27.13
C ASN H 162 24.03 20.72 27.42
N SER H 163 24.11 19.63 26.67
CA SER H 163 23.19 18.51 26.83
C SER H 163 23.89 17.22 26.43
N TRP H 164 23.66 16.16 27.21
CA TRP H 164 24.34 14.88 27.01
C TRP H 164 23.32 13.77 26.78
N THR H 165 23.67 12.85 25.88
CA THR H 165 22.88 11.64 25.67
C THR H 165 23.37 10.53 26.59
N ASP H 166 22.49 9.56 26.85
CA ASP H 166 22.91 8.36 27.54
C ASP H 166 23.64 7.44 26.57
N GLN H 167 24.20 6.36 27.12
CA GLN H 167 25.03 5.46 26.33
C GLN H 167 24.19 4.80 25.24
N ASP H 168 24.73 4.83 24.02
CA ASP H 168 24.08 4.16 22.90
C ASP H 168 24.07 2.65 23.12
N SER H 169 23.00 2.00 22.68
CA SER H 169 22.87 0.56 22.93
C SER H 169 23.64 -0.30 21.95
N LYS H 170 23.99 0.21 20.77
CA LYS H 170 24.71 -0.59 19.77
C LYS H 170 26.21 -0.39 19.79
N ASP H 171 26.71 0.84 19.89
CA ASP H 171 28.15 1.06 19.90
C ASP H 171 28.66 1.60 21.23
N SER H 172 27.78 1.81 22.20
CA SER H 172 28.13 2.10 23.58
C SER H 172 28.88 3.43 23.73
N THR H 173 28.72 4.35 22.80
CA THR H 173 29.37 5.64 22.89
C THR H 173 28.45 6.68 23.51
N TYR H 174 29.00 7.88 23.72
CA TYR H 174 28.25 9.02 24.24
C TYR H 174 28.37 10.18 23.26
N SER H 175 27.46 11.14 23.40
CA SER H 175 27.43 12.32 22.56
C SER H 175 26.99 13.52 23.38
N MET H 176 27.36 14.71 22.90
CA MET H 176 27.08 15.94 23.62
C MET H 176 26.81 17.06 22.62
N SER H 177 25.95 17.99 23.02
CA SER H 177 25.63 19.16 22.21
C SER H 177 25.82 20.41 23.04
N SER H 178 26.54 21.39 22.47
CA SER H 178 26.82 22.66 23.14
C SER H 178 26.29 23.79 22.26
N THR H 179 25.53 24.70 22.86
CA THR H 179 24.93 25.81 22.13
C THR H 179 25.30 27.13 22.78
N LEU H 180 26.01 27.99 22.04
CA LEU H 180 26.33 29.33 22.48
C LEU H 180 25.36 30.31 21.84
N THR H 181 24.52 30.94 22.65
CA THR H 181 23.49 31.84 22.17
C THR H 181 23.85 33.28 22.51
N LEU H 182 23.82 34.14 21.50
CA LEU H 182 24.10 35.56 21.62
C LEU H 182 22.98 36.34 20.94
N THR H 183 22.96 37.64 21.20
CA THR H 183 22.11 38.51 20.40
C THR H 183 22.76 38.73 19.04
N LYS H 184 21.96 39.20 18.09
CA LYS H 184 22.47 39.44 16.74
C LYS H 184 23.61 40.45 16.77
N ASP H 185 23.46 41.52 17.54
CA ASP H 185 24.51 42.53 17.63
C ASP H 185 25.80 41.92 18.16
N GLU H 186 25.72 41.22 19.31
CA GLU H 186 26.89 40.58 19.90
C GLU H 186 27.61 39.70 18.90
N TYR H 187 26.85 38.91 18.14
CA TYR H 187 27.46 38.04 17.14
C TYR H 187 28.12 38.83 16.02
N GLU H 188 27.47 39.90 15.54
CA GLU H 188 28.04 40.69 14.46
C GLU H 188 29.25 41.50 14.90
N ARG H 189 29.46 41.63 16.21
CA ARG H 189 30.56 42.45 16.72
C ARG H 189 31.87 41.68 16.83
N HIS H 190 31.90 40.41 16.43
CA HIS H 190 33.09 39.57 16.46
C HIS H 190 33.15 38.73 15.18
N ASN H 191 34.30 38.07 14.96
CA ASN H 191 34.50 37.32 13.72
C ASN H 191 34.73 35.84 13.94
N SER H 192 35.75 35.47 14.73
CA SER H 192 36.18 34.07 14.84
C SER H 192 35.44 33.37 15.98
N TYR H 193 34.77 32.26 15.66
CA TYR H 193 34.06 31.48 16.65
C TYR H 193 34.61 30.07 16.67
N THR H 194 34.95 29.57 17.87
CA THR H 194 35.72 28.36 18.06
C THR H 194 35.09 27.49 19.13
N CYS H 195 34.99 26.20 18.84
CA CYS H 195 34.54 25.19 19.79
C CYS H 195 35.67 24.17 19.96
N GLU H 196 36.18 24.03 21.18
CA GLU H 196 37.27 23.09 21.40
C GLU H 196 36.91 22.11 22.51
N ALA H 197 37.21 20.84 22.25
CA ALA H 197 36.84 19.71 23.09
C ALA H 197 38.09 19.06 23.66
N THR H 198 38.11 18.91 24.98
CA THR H 198 39.18 18.23 25.70
C THR H 198 38.65 16.88 26.15
N HIS H 199 39.35 15.81 25.73
CA HIS H 199 38.95 14.44 26.01
C HIS H 199 40.19 13.62 26.30
N LYS H 200 40.00 12.51 27.03
CA LYS H 200 41.12 11.67 27.46
C LYS H 200 41.88 11.00 26.32
N THR H 201 41.46 11.19 25.07
CA THR H 201 42.03 10.49 23.94
C THR H 201 43.07 11.30 23.19
N SER H 202 43.31 12.54 23.60
CA SER H 202 44.32 13.37 22.97
C SER H 202 44.86 14.35 24.01
N THR H 203 46.14 14.72 23.83
CA THR H 203 46.75 15.67 24.75
C THR H 203 46.28 17.09 24.47
N SER H 204 46.18 17.46 23.19
CA SER H 204 45.68 18.73 22.68
C SER H 204 44.21 18.61 22.32
N PRO H 205 43.40 19.64 22.59
CA PRO H 205 41.96 19.53 22.31
C PRO H 205 41.68 19.55 20.82
N ILE H 206 40.54 18.96 20.46
CA ILE H 206 40.05 19.04 19.09
C ILE H 206 39.35 20.38 18.91
N VAL H 207 39.75 21.11 17.87
CA VAL H 207 39.33 22.51 17.68
C VAL H 207 38.61 22.62 16.34
N LYS H 208 37.42 23.21 16.36
CA LYS H 208 36.68 23.53 15.13
C LYS H 208 36.28 25.00 15.17
N SER H 209 36.55 25.72 14.08
CA SER H 209 36.32 27.16 14.08
C SER H 209 35.67 27.59 12.76
N PHE H 210 35.16 28.82 12.78
CA PHE H 210 34.68 29.46 11.56
C PHE H 210 34.75 30.97 11.74
N ASN H 211 34.88 31.67 10.62
CA ASN H 211 34.90 33.13 10.58
C ASN H 211 33.66 33.63 9.87
N ARG H 212 33.10 34.74 10.35
CA ARG H 212 31.89 35.28 9.73
C ARG H 212 32.14 35.63 8.27
N ASN H 213 33.38 35.98 7.93
CA ASN H 213 33.75 36.31 6.54
C ASN H 213 34.02 35.05 5.72
OH2 1PE I . -14.83 6.49 -55.66
OH2 1PE I . -20.29 4.92 -55.32
C12 1PE I . -14.36 7.06 -54.47
C12 1PE I . -20.52 3.59 -55.69
C22 1PE I . -15.33 8.14 -53.99
C22 1PE I . -19.85 3.30 -57.02
OH3 1PE I . -16.58 7.58 -53.80
OH3 1PE I . -18.48 3.53 -56.92
C13 1PE I . -18.76 7.89 -52.83
C13 1PE I . -16.34 3.21 -57.94
C23 1PE I . -17.46 8.55 -53.29
C23 1PE I . -17.86 3.19 -58.12
OH4 1PE I . -19.27 7.09 -53.87
OH4 1PE I . -15.95 4.43 -57.38
C14 1PE I . -21.10 5.80 -54.68
C14 1PE I . -14.17 5.92 -56.86
C24 1PE I . -20.52 6.61 -53.52
C24 1PE I . -14.57 4.55 -57.41
OH5 1PE I . -20.13 4.90 -55.13
OH5 1PE I . -14.87 6.16 -55.67
C15 1PE I . -19.63 3.07 -56.59
C15 1PE I . -15.25 7.63 -53.84
C25 1PE I . -20.66 4.12 -56.18
C25 1PE I . -14.50 7.40 -55.14
OH6 1PE I . -18.46 3.69 -57.03
OH6 1PE I . -16.63 7.59 -54.07
C16 1PE I . -16.30 3.41 -58.04
C16 1PE I . -18.81 8.11 -53.16
C26 1PE I . -17.59 2.73 -57.56
C26 1PE I . -17.30 8.15 -52.97
OH7 1PE I . -15.70 4.07 -56.98
OH7 1PE I . -19.23 6.81 -53.43
O2' TOE J . 8.57 3.61 -48.58
CA' TOE J . 7.41 2.98 -48.12
CB' TOE J . 7.76 2.01 -47.00
OC' TOE J . 7.98 2.73 -45.81
CD' TOE J . 8.17 1.83 -44.76
CE' TOE J . 8.58 2.58 -43.49
OF' TOE J . 7.80 3.73 -43.34
CG' TOE J . 8.32 4.50 -42.29
CH' TOE J . 7.92 5.97 -42.46
OI' TOE J . 9.07 6.71 -42.78
CK' TOE J . 8.79 8.07 -43.06
O43 PE3 K . 10.32 11.05 -39.12
C42 PE3 K . 10.30 10.46 -37.83
C41 PE3 K . 9.06 10.85 -37.09
O40 PE3 K . 7.92 10.55 -37.88
C39 PE3 K . 6.98 9.73 -37.21
C38 PE3 K . 6.27 8.87 -38.21
O37 PE3 K . 5.71 9.68 -39.22
C36 PE3 K . 5.13 8.94 -40.27
C35 PE3 K . 3.65 9.06 -40.23
O34 PE3 K . 3.29 10.43 -40.27
C33 PE3 K . 1.88 10.64 -40.35
C32 PE3 K . 1.60 12.06 -40.68
O31 PE3 K . 2.13 12.92 -39.69
C30 PE3 K . 2.35 14.24 -40.16
C29 PE3 K . 2.86 15.12 -39.08
O28 PE3 K . 4.13 14.68 -38.61
C27 PE3 K . 4.59 15.43 -37.49
C26 PE3 K . 6.08 15.40 -37.45
O25 PE3 K . 6.56 16.30 -36.46
C24 PE3 K . 6.96 15.65 -35.27
C23 PE3 K . 7.93 16.51 -34.54
O22 PE3 K . 7.35 17.78 -34.26
C21 PE3 K . 8.32 18.81 -34.10
C20 PE3 K . 7.64 20.13 -34.00
O19 PE3 K . 6.88 20.39 -35.16
C18 PE3 K . 6.18 21.62 -35.08
C17 PE3 K . 6.00 22.21 -36.45
O16 PE3 K . 5.16 21.38 -37.23
C15 PE3 K . 3.78 21.64 -37.02
C14 PE3 K . 2.96 20.73 -37.87
O13 PE3 K . 3.30 20.92 -39.23
C12 PE3 K . 2.39 20.32 -40.13
C11 PE3 K . 3.05 20.13 -41.46
O10 PE3 K . 3.46 21.37 -42.01
C9 PE3 K . 4.84 21.30 -42.31
O2' TOE L . 12.20 30.51 -38.68
CA' TOE L . 11.08 30.82 -37.91
CB' TOE L . 9.83 30.29 -38.60
OC' TOE L . 8.68 30.66 -37.90
CD' TOE L . 7.57 30.00 -38.44
CE' TOE L . 7.64 28.52 -38.07
OF' TOE L . 6.37 27.96 -38.02
CG' TOE L . 6.25 27.02 -39.06
CH' TOE L . 7.21 25.86 -38.83
OI' TOE L . 7.03 24.90 -39.82
O2' TOE M . -14.42 -29.29 37.41
CA' TOE M . -15.33 -28.47 36.72
CB' TOE M . -15.08 -28.59 35.23
OC' TOE M . -14.47 -27.43 34.74
CD' TOE M . -15.20 -26.93 33.66
CE' TOE M . -14.87 -25.45 33.46
OF' TOE M . -13.53 -25.22 33.77
CG' TOE M . -13.25 -23.85 33.66
CH' TOE M . -12.45 -23.40 34.88
OI' TOE M . -12.99 -22.20 35.37
CK' TOE M . -12.56 -21.86 36.66
O43 PE3 N . -11.57 -16.03 36.43
C42 PE3 N . -11.52 -15.61 35.07
C41 PE3 N . -10.15 -15.81 34.50
O40 PE3 N . -9.79 -17.18 34.60
C39 PE3 N . -8.94 -17.61 33.56
C38 PE3 N . -8.85 -19.10 33.57
O37 PE3 N . -8.34 -19.54 34.82
C36 PE3 N . -8.31 -20.95 34.93
C35 PE3 N . -6.92 -21.44 34.75
O34 PE3 N . -6.07 -20.90 35.75
C33 PE3 N . -4.74 -21.40 35.68
C32 PE3 N . -3.91 -20.84 36.79
O31 PE3 N . -3.87 -19.42 36.70
C30 PE3 N . -3.50 -18.82 37.93
C29 PE3 N . -3.34 -17.35 37.75
O28 PE3 N . -4.56 -16.75 37.38
C27 PE3 N . -4.49 -15.34 37.34
C26 PE3 N . -5.87 -14.75 37.25
O25 PE3 N . -5.78 -13.34 37.41
C24 PE3 N . -5.84 -12.64 36.18
C23 PE3 N . -6.14 -11.20 36.44
O22 PE3 N . -5.13 -10.64 37.27
C21 PE3 N . -5.56 -9.48 37.95
C20 PE3 N . -4.42 -8.88 38.70
O19 PE3 N . -3.91 -9.80 39.64
C18 PE3 N . -2.81 -9.29 40.39
C17 PE3 N . -2.68 -10.03 41.68
O16 PE3 N . -2.44 -11.41 41.43
C15 PE3 N . -1.09 -11.67 41.11
C14 PE3 N . -0.90 -13.14 40.87
O13 PE3 N . -1.24 -13.85 42.05
C12 PE3 N . -0.75 -15.18 42.05
C11 PE3 N . -1.08 -15.84 43.36
O10 PE3 N . -2.48 -15.88 43.58
C9 PE3 N . -2.73 -15.79 44.97
O2' TOE O . -4.79 -3.57 50.21
CA' TOE O . -3.81 -4.56 50.30
CB' TOE O . -2.85 -4.41 49.13
OC' TOE O . -1.66 -5.12 49.37
CD' TOE O . -1.77 -6.43 48.89
CE' TOE O . -1.40 -6.49 47.41
OF' TOE O . -1.06 -7.80 47.06
CG' TOE O . -2.06 -8.34 46.22
CH' TOE O . -2.52 -9.68 46.78
OI' TOE O . -3.47 -10.24 45.92
O1 PG4 P . -14.77 13.48 36.42
C1 PG4 P . -15.86 12.61 36.34
C2 PG4 P . -15.35 11.18 36.20
O2 PG4 P . -15.26 10.85 34.85
C3 PG4 P . -14.90 9.52 34.58
C4 PG4 P . -15.32 9.18 33.16
O3 PG4 P . -14.94 10.21 32.30
C5 PG4 P . -15.54 10.04 31.05
C6 PG4 P . -14.92 11.00 30.04
O4 PG4 P . -15.11 12.32 30.47
C7 PG4 P . -14.70 13.22 29.47
C8 PG4 P . -15.29 14.60 29.76
O5 PG4 P . -14.76 15.10 30.95
#